data_6E43
#
_entry.id   6E43
#
_cell.length_a   80.481
_cell.length_b   195.388
_cell.length_c   118.223
_cell.angle_alpha   90.000
_cell.angle_beta   90.000
_cell.angle_gamma   90.000
#
_symmetry.space_group_name_H-M   'P 21 21 2'
#
loop_
_entity.id
_entity.type
_entity.pdbx_description
1 polymer 'Indoleamine 2,3-dioxygenase 1'
2 non-polymer '(1R,2S)-2-(4-[cyclohexyl(2-methylpropyl)amino]-3-{[(4-methylphenyl)carbamoyl]amino}phenyl)cyclopropane-1-carboxylic acid'
3 non-polymer 'BENZOIC ACID'
4 water water
#
_entity_poly.entity_id   1
_entity_poly.type   'polypeptide(L)'
_entity_poly.pdbx_seq_one_letter_code
;MGSSHHHHHHSSGSAAYHIDEEVGFALPNPQENLPDFYNDWMFIAKHLPDLIESGQLRERVEKLNMLSIDHLTDHKSQRL
ARLVLGCITMAYVWGKGHGDVRKVLPRNIAVPYCQLSAALELPPILVYADCVLANWKKKDPNKPLTYENMDVLFSFRDGD
CSKGFFLVSLLVEIAAASAIKVIPTVFKAMQMQERDTLLKALLEIASCLEKALQVFHQIHDHVNPKAFFSVLRIYLSGWK
GNPQLSDGLVYEGFWEDPKEFAGGSAGQSSVFQCFDVLLGIQQTAGGGHAAQFLQDMRRYMPPAHRNFLCSLESNPSVRE
FVLSKGDAGLREAYDACVKALVSLRSYHLQIVTKYILIPASQQPKENKTSEDPSKLEAKGTGGTDLMNFLKTVRSTTEKS
LLKEG
;
_entity_poly.pdbx_strand_id   A,B,C,D
#
# COMPACT_ATOMS: atom_id res chain seq x y z
N TYR A 17 23.66 -8.67 -13.50
CA TYR A 17 23.38 -9.38 -14.75
C TYR A 17 23.01 -10.83 -14.50
N HIS A 18 22.87 -11.19 -13.22
CA HIS A 18 22.45 -12.53 -12.81
C HIS A 18 23.35 -13.60 -13.43
N ILE A 19 24.65 -13.36 -13.36
CA ILE A 19 25.67 -14.31 -13.80
C ILE A 19 26.38 -14.82 -12.56
N ASP A 20 26.46 -16.12 -12.41
CA ASP A 20 27.05 -16.74 -11.24
C ASP A 20 28.51 -17.07 -11.52
N GLU A 21 29.36 -16.91 -10.50
CA GLU A 21 30.76 -17.22 -10.69
C GLU A 21 30.98 -18.69 -11.06
N GLU A 22 30.24 -19.60 -10.41
CA GLU A 22 30.47 -21.02 -10.60
C GLU A 22 29.72 -21.58 -11.81
N VAL A 23 28.45 -21.20 -12.00
CA VAL A 23 27.65 -21.82 -13.05
C VAL A 23 27.24 -20.82 -14.14
N GLY A 24 27.73 -19.59 -14.07
CA GLY A 24 27.59 -18.70 -15.22
C GLY A 24 26.15 -18.24 -15.44
N PHE A 25 25.66 -18.46 -16.67
CA PHE A 25 24.28 -18.11 -16.98
C PHE A 25 23.28 -19.09 -16.36
N ALA A 26 23.74 -20.24 -15.87
CA ALA A 26 22.81 -21.19 -15.25
C ALA A 26 22.24 -20.64 -13.95
N LEU A 27 21.03 -21.05 -13.61
CA LEU A 27 20.45 -20.65 -12.35
C LEU A 27 21.14 -21.42 -11.22
N PRO A 28 21.77 -20.75 -10.25
CA PRO A 28 22.39 -21.51 -9.16
C PRO A 28 21.34 -22.17 -8.28
N ASN A 29 21.65 -23.38 -7.84
CA ASN A 29 20.84 -24.22 -6.94
C ASN A 29 19.34 -24.02 -7.22
N PRO A 30 18.87 -24.47 -8.38
CA PRO A 30 17.46 -24.24 -8.73
C PRO A 30 16.51 -24.78 -7.67
N GLN A 31 15.35 -24.15 -7.58
CA GLN A 31 14.31 -24.67 -6.70
C GLN A 31 13.72 -25.95 -7.30
N GLU A 32 13.36 -26.89 -6.43
CA GLU A 32 12.87 -28.18 -6.89
C GLU A 32 11.40 -28.42 -6.61
N ASN A 33 10.86 -27.80 -5.57
CA ASN A 33 9.46 -27.96 -5.20
C ASN A 33 8.80 -26.60 -5.12
N LEU A 34 7.59 -26.53 -5.65
CA LEU A 34 6.76 -25.34 -5.52
C LEU A 34 5.98 -25.40 -4.22
N PRO A 35 5.41 -24.27 -3.78
CA PRO A 35 4.49 -24.32 -2.64
C PRO A 35 3.39 -25.34 -2.89
N ASP A 36 2.87 -25.90 -1.79
CA ASP A 36 1.81 -26.91 -1.89
C ASP A 36 0.61 -26.41 -2.68
N PHE A 37 0.39 -25.09 -2.69
CA PHE A 37 -0.68 -24.50 -3.49
C PHE A 37 -0.65 -25.00 -4.93
N TYR A 38 0.54 -25.28 -5.47
CA TYR A 38 0.70 -25.65 -6.87
C TYR A 38 0.89 -27.16 -7.07
N ASN A 39 0.50 -27.97 -6.08
CA ASN A 39 0.70 -29.42 -6.19
C ASN A 39 0.11 -29.99 -7.46
N ASP A 40 -1.05 -29.47 -7.89
CA ASP A 40 -1.71 -30.04 -9.06
C ASP A 40 -0.87 -29.86 -10.31
N TRP A 41 -0.22 -28.70 -10.44
CA TRP A 41 0.73 -28.50 -11.54
C TRP A 41 1.90 -29.46 -11.43
N MET A 42 2.50 -29.53 -10.24
CA MET A 42 3.72 -30.32 -10.08
C MET A 42 3.46 -31.79 -10.36
N PHE A 43 2.30 -32.30 -9.94
CA PHE A 43 2.02 -33.71 -10.20
C PHE A 43 2.07 -33.99 -11.69
N ILE A 44 1.44 -33.15 -12.51
CA ILE A 44 1.43 -33.39 -13.94
C ILE A 44 2.84 -33.32 -14.49
N ALA A 45 3.59 -32.26 -14.12
CA ALA A 45 4.92 -32.09 -14.69
C ALA A 45 5.85 -33.23 -14.30
N LYS A 46 5.71 -33.76 -13.09
CA LYS A 46 6.57 -34.83 -12.60
C LYS A 46 6.22 -36.18 -13.22
N HIS A 47 5.05 -36.30 -13.86
CA HIS A 47 4.60 -37.58 -14.40
C HIS A 47 4.32 -37.52 -15.90
N LEU A 48 4.95 -36.60 -16.61
CA LEU A 48 4.77 -36.51 -18.06
C LEU A 48 4.97 -37.84 -18.78
N PRO A 49 6.00 -38.63 -18.49
CA PRO A 49 6.14 -39.89 -19.25
C PRO A 49 4.93 -40.80 -19.12
N ASP A 50 4.46 -41.03 -17.89
CA ASP A 50 3.29 -41.89 -17.70
C ASP A 50 2.03 -41.27 -18.28
N LEU A 51 1.80 -39.97 -18.05
CA LEU A 51 0.55 -39.35 -18.46
C LEU A 51 0.46 -39.22 -19.98
N ILE A 52 1.58 -38.90 -20.65
CA ILE A 52 1.57 -38.87 -22.12
C ILE A 52 1.28 -40.25 -22.68
N GLU A 53 1.96 -41.28 -22.16
CA GLU A 53 1.80 -42.64 -22.66
C GLU A 53 0.36 -43.12 -22.50
N SER A 54 -0.18 -43.02 -21.29
CA SER A 54 -1.56 -43.44 -21.03
C SER A 54 -2.59 -42.59 -21.74
N GLY A 55 -2.22 -41.41 -22.26
CA GLY A 55 -3.21 -40.53 -22.84
C GLY A 55 -3.99 -39.73 -21.83
N GLN A 56 -3.53 -39.66 -20.59
CA GLN A 56 -4.20 -38.86 -19.57
C GLN A 56 -3.67 -37.43 -19.48
N LEU A 57 -2.55 -37.11 -20.15
CA LEU A 57 -1.96 -35.79 -19.97
C LEU A 57 -2.95 -34.68 -20.30
N ARG A 58 -3.58 -34.76 -21.46
CA ARG A 58 -4.43 -33.65 -21.89
C ARG A 58 -5.68 -33.55 -21.03
N GLU A 59 -6.27 -34.68 -20.66
CA GLU A 59 -7.41 -34.67 -19.77
C GLU A 59 -7.05 -34.04 -18.43
N ARG A 60 -5.89 -34.38 -17.89
CA ARG A 60 -5.50 -33.86 -16.59
C ARG A 60 -5.26 -32.35 -16.65
N VAL A 61 -4.68 -31.87 -17.75
CA VAL A 61 -4.49 -30.44 -17.92
C VAL A 61 -5.85 -29.73 -18.01
N GLU A 62 -6.77 -30.31 -18.76
CA GLU A 62 -8.08 -29.67 -18.93
C GLU A 62 -8.91 -29.69 -17.65
N LYS A 63 -8.60 -30.57 -16.70
CA LYS A 63 -9.30 -30.61 -15.43
C LYS A 63 -8.70 -29.70 -14.36
N LEU A 64 -7.55 -29.08 -14.64
CA LEU A 64 -6.91 -28.22 -13.65
C LEU A 64 -7.80 -27.04 -13.25
N ASN A 65 -7.82 -26.74 -11.96
CA ASN A 65 -8.30 -25.45 -11.49
C ASN A 65 -7.39 -24.33 -11.99
N MET A 66 -7.95 -23.12 -12.08
CA MET A 66 -7.14 -21.93 -12.29
C MET A 66 -6.37 -21.57 -11.02
N LEU A 67 -5.04 -21.59 -11.07
CA LEU A 67 -4.22 -21.29 -9.90
C LEU A 67 -3.55 -19.93 -10.11
N SER A 68 -3.81 -19.00 -9.19
CA SER A 68 -3.16 -17.70 -9.22
C SER A 68 -1.64 -17.83 -9.05
N ILE A 69 -0.90 -16.93 -9.69
CA ILE A 69 0.55 -16.96 -9.55
C ILE A 69 0.97 -16.13 -8.33
N ASP A 70 0.01 -15.67 -7.53
CA ASP A 70 0.42 -14.74 -6.48
C ASP A 70 1.14 -15.40 -5.31
N HIS A 71 1.25 -16.73 -5.32
CA HIS A 71 2.03 -17.46 -4.33
C HIS A 71 3.44 -17.79 -4.82
N LEU A 72 3.88 -17.20 -5.93
CA LEU A 72 5.23 -17.38 -6.46
C LEU A 72 5.92 -16.02 -6.37
N THR A 73 6.61 -15.77 -5.27
CA THR A 73 7.06 -14.41 -4.94
C THR A 73 8.56 -14.20 -5.01
N ASP A 74 9.35 -15.19 -5.44
CA ASP A 74 10.76 -14.91 -5.67
C ASP A 74 11.18 -15.50 -7.01
N HIS A 75 12.39 -15.13 -7.45
CA HIS A 75 12.84 -15.49 -8.79
C HIS A 75 12.92 -16.99 -8.95
N LYS A 76 13.37 -17.70 -7.91
CA LYS A 76 13.56 -19.13 -8.04
C LYS A 76 12.23 -19.86 -8.14
N SER A 77 11.23 -19.48 -7.34
CA SER A 77 9.95 -20.17 -7.46
C SER A 77 9.28 -19.82 -8.78
N GLN A 78 9.43 -18.57 -9.25
CA GLN A 78 8.88 -18.21 -10.56
C GLN A 78 9.56 -18.98 -11.68
N ARG A 79 10.89 -19.14 -11.59
CA ARG A 79 11.62 -19.88 -12.63
C ARG A 79 11.23 -21.36 -12.62
N LEU A 80 11.07 -21.95 -11.44
CA LEU A 80 10.58 -23.33 -11.39
C LEU A 80 9.16 -23.40 -11.96
N ALA A 81 8.30 -22.45 -11.61
CA ALA A 81 6.94 -22.47 -12.14
C ALA A 81 6.94 -22.35 -13.66
N ARG A 82 7.84 -21.52 -14.22
CA ARG A 82 7.93 -21.41 -15.68
C ARG A 82 8.36 -22.72 -16.31
N LEU A 83 9.28 -23.42 -15.65
CA LEU A 83 9.73 -24.71 -16.16
C LEU A 83 8.61 -25.74 -16.08
N VAL A 84 7.89 -25.77 -14.96
CA VAL A 84 6.74 -26.67 -14.82
C VAL A 84 5.70 -26.39 -15.89
N LEU A 85 5.25 -25.14 -15.99
CA LEU A 85 4.20 -24.82 -16.96
C LEU A 85 4.69 -25.01 -18.38
N GLY A 86 5.97 -24.75 -18.63
CA GLY A 86 6.49 -24.90 -19.97
C GLY A 86 6.54 -26.36 -20.41
N CYS A 87 6.95 -27.26 -19.52
CA CYS A 87 6.96 -28.68 -19.86
C CYS A 87 5.54 -29.18 -20.06
N ILE A 88 4.62 -28.76 -19.18
CA ILE A 88 3.20 -29.10 -19.37
C ILE A 88 2.71 -28.61 -20.72
N THR A 89 3.09 -27.39 -21.10
CA THR A 89 2.61 -26.85 -22.37
C THR A 89 3.12 -27.67 -23.56
N MET A 90 4.42 -28.02 -23.57
CA MET A 90 4.93 -28.82 -24.67
CA MET A 90 4.97 -28.84 -24.64
C MET A 90 4.23 -30.18 -24.73
N ALA A 91 4.04 -30.81 -23.57
CA ALA A 91 3.35 -32.09 -23.54
C ALA A 91 1.92 -31.94 -24.06
N TYR A 92 1.25 -30.86 -23.67
CA TYR A 92 -0.13 -30.66 -24.09
C TYR A 92 -0.24 -30.42 -25.60
N VAL A 93 0.62 -29.56 -26.14
CA VAL A 93 0.57 -29.24 -27.55
C VAL A 93 0.95 -30.45 -28.40
N TRP A 94 2.05 -31.11 -28.06
CA TRP A 94 2.58 -32.17 -28.92
C TRP A 94 2.04 -33.56 -28.59
N GLY A 95 1.45 -33.75 -27.40
CA GLY A 95 0.86 -35.04 -27.10
C GLY A 95 1.87 -36.16 -27.06
N LYS A 96 1.56 -37.26 -27.77
CA LYS A 96 2.46 -38.40 -27.87
C LYS A 96 3.56 -38.18 -28.89
N GLY A 97 3.56 -37.04 -29.58
CA GLY A 97 4.67 -36.71 -30.45
C GLY A 97 4.63 -37.28 -31.84
N HIS A 98 3.44 -37.63 -32.36
CA HIS A 98 3.37 -38.21 -33.70
C HIS A 98 2.39 -37.46 -34.61
N GLY A 99 2.01 -36.24 -34.28
CA GLY A 99 1.20 -35.42 -35.17
C GLY A 99 -0.19 -35.10 -34.67
N ASP A 100 -0.64 -35.69 -33.56
CA ASP A 100 -1.94 -35.35 -32.99
C ASP A 100 -1.71 -34.19 -32.02
N VAL A 101 -1.89 -32.97 -32.51
CA VAL A 101 -1.50 -31.77 -31.77
C VAL A 101 -2.73 -31.03 -31.28
N ARG A 102 -2.51 -30.12 -30.33
CA ARG A 102 -3.54 -29.21 -29.85
C ARG A 102 -3.11 -27.79 -30.16
N LYS A 103 -4.00 -27.00 -30.75
CA LYS A 103 -3.67 -25.65 -31.17
C LYS A 103 -4.22 -24.59 -30.22
N VAL A 104 -4.82 -25.00 -29.11
CA VAL A 104 -5.38 -24.09 -28.11
C VAL A 104 -4.88 -24.55 -26.75
N LEU A 105 -4.16 -23.67 -26.06
CA LEU A 105 -3.72 -23.96 -24.71
C LEU A 105 -4.80 -23.55 -23.73
N PRO A 106 -5.33 -24.48 -22.91
CA PRO A 106 -6.46 -24.13 -22.03
C PRO A 106 -6.14 -22.98 -21.10
N ARG A 107 -7.17 -22.18 -20.83
CA ARG A 107 -7.03 -20.95 -20.06
C ARG A 107 -6.37 -21.18 -18.69
N ASN A 108 -6.67 -22.31 -18.04
CA ASN A 108 -6.15 -22.50 -16.69
C ASN A 108 -4.65 -22.78 -16.66
N ILE A 109 -4.03 -23.10 -17.80
CA ILE A 109 -2.58 -23.03 -17.93
C ILE A 109 -2.13 -21.73 -18.59
N ALA A 110 -2.83 -21.30 -19.65
CA ALA A 110 -2.33 -20.20 -20.47
C ALA A 110 -2.27 -18.88 -19.70
N VAL A 111 -3.28 -18.60 -18.88
CA VAL A 111 -3.32 -17.31 -18.18
C VAL A 111 -2.19 -17.22 -17.15
N PRO A 112 -2.06 -18.13 -16.18
CA PRO A 112 -0.92 -18.02 -15.26
C PRO A 112 0.42 -18.10 -15.98
N TYR A 113 0.53 -18.96 -16.99
CA TYR A 113 1.79 -19.06 -17.73
C TYR A 113 2.15 -17.74 -18.39
N CYS A 114 1.18 -17.08 -19.03
CA CYS A 114 1.46 -15.83 -19.72
C CYS A 114 1.76 -14.71 -18.72
N GLN A 115 1.09 -14.73 -17.57
CA GLN A 115 1.34 -13.72 -16.55
C GLN A 115 2.74 -13.87 -15.98
N LEU A 116 3.10 -15.11 -15.64
CA LEU A 116 4.44 -15.41 -15.16
C LEU A 116 5.49 -15.07 -16.20
N SER A 117 5.24 -15.40 -17.46
CA SER A 117 6.20 -15.09 -18.52
C SER A 117 6.38 -13.58 -18.67
N ALA A 118 5.30 -12.80 -18.57
CA ALA A 118 5.44 -11.35 -18.62
C ALA A 118 6.29 -10.82 -17.46
N ALA A 119 6.09 -11.37 -16.27
CA ALA A 119 6.85 -10.88 -15.11
C ALA A 119 8.33 -11.23 -15.26
N LEU A 120 8.64 -12.39 -15.81
CA LEU A 120 10.01 -12.82 -16.05
C LEU A 120 10.56 -12.34 -17.38
N GLU A 121 9.74 -11.67 -18.20
CA GLU A 121 10.16 -11.13 -19.50
C GLU A 121 10.72 -12.21 -20.43
N LEU A 122 10.02 -13.33 -20.49
CA LEU A 122 10.32 -14.43 -21.39
C LEU A 122 9.07 -14.79 -22.17
N PRO A 123 9.21 -15.28 -23.41
CA PRO A 123 8.02 -15.68 -24.17
C PRO A 123 7.39 -16.91 -23.54
N PRO A 124 6.07 -17.08 -23.69
CA PRO A 124 5.38 -18.24 -23.09
C PRO A 124 5.54 -19.51 -23.93
N ILE A 125 6.80 -19.98 -23.98
CA ILE A 125 7.13 -21.29 -24.55
C ILE A 125 8.33 -21.79 -23.77
N LEU A 126 8.50 -23.10 -23.69
CA LEU A 126 9.69 -23.63 -23.02
C LEU A 126 10.94 -23.15 -23.75
N VAL A 127 11.88 -22.57 -23.01
CA VAL A 127 13.12 -22.09 -23.60
C VAL A 127 14.30 -22.73 -22.86
N TYR A 128 15.48 -22.55 -23.44
CA TYR A 128 16.74 -23.04 -22.87
C TYR A 128 16.89 -22.63 -21.40
N ALA A 129 16.54 -21.38 -21.06
CA ALA A 129 16.70 -20.95 -19.67
C ALA A 129 15.81 -21.72 -18.71
N ASP A 130 14.70 -22.29 -19.20
CA ASP A 130 13.88 -23.13 -18.34
C ASP A 130 14.43 -24.54 -18.30
N CYS A 131 14.50 -25.17 -19.46
CA CYS A 131 14.70 -26.62 -19.38
CA CYS A 131 14.75 -26.59 -19.66
C CYS A 131 16.17 -27.02 -19.33
N VAL A 132 17.10 -26.09 -19.36
CA VAL A 132 18.50 -26.42 -19.09
C VAL A 132 18.93 -25.63 -17.87
N LEU A 133 18.83 -24.30 -17.93
CA LEU A 133 19.48 -23.48 -16.91
C LEU A 133 18.82 -23.62 -15.54
N ALA A 134 17.52 -23.95 -15.50
CA ALA A 134 16.79 -24.07 -14.25
C ALA A 134 16.36 -25.50 -13.95
N ASN A 135 16.73 -26.46 -14.79
CA ASN A 135 16.17 -27.80 -14.76
C ASN A 135 17.21 -28.79 -14.24
N TRP A 136 17.76 -28.56 -13.04
CA TRP A 136 18.87 -29.39 -12.61
C TRP A 136 19.03 -29.33 -11.09
N LYS A 137 19.74 -30.33 -10.56
CA LYS A 137 20.06 -30.44 -9.14
C LYS A 137 21.36 -31.21 -8.98
N LYS A 138 21.98 -31.04 -7.82
CA LYS A 138 23.04 -31.94 -7.36
C LYS A 138 22.41 -33.09 -6.59
N LYS A 139 22.87 -34.31 -6.87
CA LYS A 139 22.51 -35.43 -6.01
C LYS A 139 23.09 -35.25 -4.61
N ASP A 140 24.38 -34.96 -4.52
CA ASP A 140 25.03 -34.67 -3.25
C ASP A 140 25.51 -33.22 -3.26
N PRO A 141 24.96 -32.36 -2.40
CA PRO A 141 25.43 -30.96 -2.38
C PRO A 141 26.90 -30.82 -2.00
N ASN A 142 27.48 -31.80 -1.35
CA ASN A 142 28.89 -31.74 -0.93
C ASN A 142 29.85 -32.24 -2.01
N LYS A 143 29.35 -32.71 -3.14
CA LYS A 143 30.17 -33.17 -4.24
C LYS A 143 30.12 -32.17 -5.40
N PRO A 144 31.04 -32.24 -6.35
CA PRO A 144 31.16 -31.18 -7.37
C PRO A 144 30.11 -31.32 -8.47
N LEU A 145 30.18 -30.40 -9.42
CA LEU A 145 29.23 -30.32 -10.54
C LEU A 145 29.73 -31.20 -11.70
N THR A 146 29.61 -32.50 -11.51
CA THR A 146 29.87 -33.47 -12.56
C THR A 146 28.57 -34.17 -12.93
N TYR A 147 28.53 -34.71 -14.14
CA TYR A 147 27.37 -35.44 -14.61
C TYR A 147 26.90 -36.47 -13.58
N GLU A 148 27.85 -37.24 -13.04
CA GLU A 148 27.49 -38.33 -12.13
C GLU A 148 26.85 -37.82 -10.86
N ASN A 149 27.07 -36.55 -10.50
CA ASN A 149 26.47 -35.95 -9.31
C ASN A 149 25.30 -35.03 -9.65
N MET A 150 24.71 -35.16 -10.84
CA MET A 150 23.65 -34.22 -11.22
C MET A 150 22.48 -34.98 -11.83
N ASP A 151 21.31 -34.33 -11.76
CA ASP A 151 20.12 -34.84 -12.44
C ASP A 151 19.28 -33.65 -12.91
N VAL A 152 18.34 -33.95 -13.80
CA VAL A 152 17.35 -32.96 -14.20
C VAL A 152 16.13 -33.08 -13.31
N LEU A 153 15.26 -32.07 -13.36
CA LEU A 153 14.03 -32.11 -12.59
C LEU A 153 12.87 -32.68 -13.41
N PHE A 154 12.86 -32.44 -14.71
CA PHE A 154 11.73 -32.87 -15.53
C PHE A 154 12.22 -33.45 -16.84
N SER A 155 11.55 -34.52 -17.27
CA SER A 155 11.71 -35.14 -18.57
C SER A 155 10.35 -35.32 -19.21
N PHE A 156 10.34 -35.65 -20.50
CA PHE A 156 9.09 -35.77 -21.25
C PHE A 156 8.62 -37.21 -21.40
N ARG A 157 9.49 -38.08 -21.91
CA ARG A 157 9.17 -39.49 -22.16
C ARG A 157 10.32 -40.34 -21.66
N ASP A 158 10.00 -41.56 -21.22
CA ASP A 158 11.08 -42.49 -20.92
C ASP A 158 11.88 -42.75 -22.19
N GLY A 159 13.21 -42.74 -22.06
CA GLY A 159 14.06 -42.91 -23.21
C GLY A 159 14.25 -41.70 -24.09
N ASP A 160 13.83 -40.50 -23.65
CA ASP A 160 14.00 -39.34 -24.52
C ASP A 160 15.38 -38.71 -24.43
N CYS A 161 16.25 -39.20 -23.54
CA CYS A 161 17.61 -38.68 -23.36
C CYS A 161 17.61 -37.22 -22.93
N SER A 162 16.52 -36.79 -22.27
CA SER A 162 16.47 -35.43 -21.78
C SER A 162 17.54 -35.17 -20.72
N LYS A 163 17.73 -36.12 -19.80
CA LYS A 163 18.78 -35.92 -18.79
C LYS A 163 20.12 -35.68 -19.46
N GLY A 164 20.46 -36.51 -20.44
CA GLY A 164 21.76 -36.39 -21.08
C GLY A 164 21.90 -35.10 -21.86
N PHE A 165 20.89 -34.78 -22.68
CA PHE A 165 20.95 -33.56 -23.49
C PHE A 165 20.92 -32.31 -22.63
N PHE A 166 20.02 -32.25 -21.65
CA PHE A 166 19.97 -31.04 -20.82
C PHE A 166 21.22 -30.90 -19.95
N LEU A 167 21.68 -31.99 -19.33
CA LEU A 167 22.82 -31.87 -18.43
C LEU A 167 24.11 -31.60 -19.19
N VAL A 168 24.26 -32.17 -20.38
CA VAL A 168 25.49 -31.86 -21.11
C VAL A 168 25.48 -30.41 -21.58
N SER A 169 24.30 -29.92 -22.02
CA SER A 169 24.17 -28.50 -22.32
C SER A 169 24.54 -27.65 -21.12
N LEU A 170 24.03 -28.02 -19.95
CA LEU A 170 24.36 -27.30 -18.73
C LEU A 170 25.84 -27.41 -18.41
N LEU A 171 26.44 -28.58 -18.67
CA LEU A 171 27.85 -28.72 -18.34
C LEU A 171 28.72 -27.82 -19.23
N VAL A 172 28.30 -27.59 -20.47
CA VAL A 172 28.95 -26.60 -21.33
C VAL A 172 28.79 -25.20 -20.74
N GLU A 173 27.59 -24.88 -20.22
CA GLU A 173 27.39 -23.58 -19.59
C GLU A 173 28.31 -23.38 -18.40
N ILE A 174 28.46 -24.42 -17.57
CA ILE A 174 29.28 -24.31 -16.37
C ILE A 174 30.75 -24.15 -16.76
N ALA A 175 31.19 -24.91 -17.76
CA ALA A 175 32.55 -24.75 -18.27
C ALA A 175 32.78 -23.33 -18.76
N ALA A 176 31.81 -22.78 -19.51
CA ALA A 176 31.96 -21.42 -20.01
C ALA A 176 32.02 -20.38 -18.88
N ALA A 177 31.45 -20.70 -17.73
CA ALA A 177 31.45 -19.77 -16.61
C ALA A 177 32.85 -19.40 -16.19
N SER A 178 33.82 -20.29 -16.42
CA SER A 178 35.21 -20.00 -16.09
C SER A 178 35.75 -18.88 -16.95
N ALA A 179 35.28 -18.76 -18.19
CA ALA A 179 35.69 -17.68 -19.06
C ALA A 179 34.87 -16.42 -18.81
N ILE A 180 33.57 -16.58 -18.55
CA ILE A 180 32.71 -15.42 -18.37
C ILE A 180 33.19 -14.57 -17.19
N LYS A 181 33.69 -15.22 -16.15
CA LYS A 181 34.13 -14.46 -14.99
C LYS A 181 35.40 -13.67 -15.25
N VAL A 182 36.10 -13.95 -16.35
CA VAL A 182 37.29 -13.18 -16.72
C VAL A 182 36.93 -11.94 -17.52
N ILE A 183 35.72 -11.87 -18.10
CA ILE A 183 35.37 -10.74 -18.96
C ILE A 183 35.56 -9.38 -18.30
N PRO A 184 35.13 -9.16 -17.03
CA PRO A 184 35.45 -7.87 -16.39
C PRO A 184 36.93 -7.56 -16.33
N THR A 185 37.77 -8.57 -16.08
CA THR A 185 39.22 -8.35 -16.10
C THR A 185 39.67 -7.79 -17.44
N VAL A 186 39.11 -8.32 -18.53
CA VAL A 186 39.50 -7.86 -19.87
C VAL A 186 39.24 -6.37 -20.01
N PHE A 187 38.03 -5.92 -19.66
CA PHE A 187 37.70 -4.51 -19.89
C PHE A 187 38.40 -3.62 -18.87
N LYS A 188 38.58 -4.10 -17.64
CA LYS A 188 39.32 -3.32 -16.66
C LYS A 188 40.78 -3.14 -17.10
N ALA A 189 41.36 -4.20 -17.67
CA ALA A 189 42.74 -4.13 -18.14
C ALA A 189 42.89 -3.13 -19.29
N MET A 190 41.94 -3.13 -20.23
CA MET A 190 41.98 -2.14 -21.30
C MET A 190 41.84 -0.73 -20.75
N GLN A 191 40.85 -0.53 -19.87
CA GLN A 191 40.64 0.79 -19.28
C GLN A 191 41.88 1.27 -18.54
N MET A 192 42.47 0.41 -17.72
CA MET A 192 43.62 0.76 -16.90
C MET A 192 44.94 0.64 -17.67
N GLN A 193 44.91 0.28 -18.94
CA GLN A 193 46.13 0.09 -19.73
C GLN A 193 47.09 -0.87 -19.03
N GLU A 194 46.58 -2.05 -18.69
CA GLU A 194 47.37 -3.10 -18.06
C GLU A 194 47.59 -4.20 -19.11
N ARG A 195 48.69 -4.07 -19.87
CA ARG A 195 48.93 -4.98 -20.99
C ARG A 195 49.07 -6.43 -20.54
N ASP A 196 49.91 -6.69 -19.53
CA ASP A 196 50.12 -8.06 -19.10
C ASP A 196 48.84 -8.68 -18.55
N THR A 197 48.05 -7.89 -17.82
CA THR A 197 46.80 -8.41 -17.28
C THR A 197 45.84 -8.79 -18.40
N LEU A 198 45.78 -7.96 -19.45
CA LEU A 198 44.90 -8.26 -20.57
C LEU A 198 45.35 -9.51 -21.31
N LEU A 199 46.65 -9.66 -21.51
CA LEU A 199 47.18 -10.85 -22.18
C LEU A 199 46.83 -12.11 -21.42
N LYS A 200 47.01 -12.10 -20.10
CA LYS A 200 46.66 -13.26 -19.30
C LYS A 200 45.16 -13.53 -19.34
N ALA A 201 44.36 -12.47 -19.34
CA ALA A 201 42.91 -12.64 -19.41
C ALA A 201 42.51 -13.35 -20.70
N LEU A 202 42.96 -12.82 -21.84
CA LEU A 202 42.59 -13.41 -23.12
C LEU A 202 43.07 -14.86 -23.23
N LEU A 203 44.27 -15.16 -22.72
CA LEU A 203 44.73 -16.55 -22.76
C LEU A 203 43.90 -17.43 -21.83
N GLU A 204 43.48 -16.89 -20.68
CA GLU A 204 42.66 -17.68 -19.77
C GLU A 204 41.29 -17.98 -20.38
N ILE A 205 40.73 -17.01 -21.10
CA ILE A 205 39.48 -17.23 -21.82
C ILE A 205 39.65 -18.33 -22.86
N ALA A 206 40.72 -18.25 -23.66
CA ALA A 206 40.94 -19.26 -24.68
C ALA A 206 41.09 -20.64 -24.07
N SER A 207 41.79 -20.74 -22.95
CA SER A 207 41.97 -22.03 -22.27
C SER A 207 40.63 -22.60 -21.83
N CYS A 208 39.76 -21.74 -21.27
CA CYS A 208 38.46 -22.19 -20.81
C CYS A 208 37.56 -22.59 -21.97
N LEU A 209 37.67 -21.88 -23.11
CA LEU A 209 36.89 -22.25 -24.28
C LEU A 209 37.34 -23.59 -24.86
N GLU A 210 38.61 -23.95 -24.74
CA GLU A 210 39.01 -25.26 -25.21
C GLU A 210 38.60 -26.35 -24.23
N LYS A 211 38.58 -26.05 -22.93
CA LYS A 211 38.02 -26.99 -21.96
C LYS A 211 36.53 -27.19 -22.16
N ALA A 212 35.82 -26.12 -22.57
CA ALA A 212 34.40 -26.27 -22.92
C ALA A 212 34.23 -27.21 -24.11
N LEU A 213 35.15 -27.14 -25.08
CA LEU A 213 35.10 -28.06 -26.22
C LEU A 213 35.23 -29.50 -25.75
N GLN A 214 36.04 -29.74 -24.71
CA GLN A 214 36.17 -31.10 -24.22
C GLN A 214 34.86 -31.60 -23.62
N VAL A 215 34.08 -30.70 -23.02
CA VAL A 215 32.79 -31.08 -22.45
C VAL A 215 31.84 -31.54 -23.55
N PHE A 216 31.95 -30.97 -24.76
CA PHE A 216 31.09 -31.35 -25.87
C PHE A 216 31.09 -32.86 -26.08
N HIS A 217 32.26 -33.50 -25.87
CA HIS A 217 32.38 -34.93 -26.14
C HIS A 217 31.41 -35.75 -25.30
N GLN A 218 31.00 -35.24 -24.15
CA GLN A 218 30.09 -35.96 -23.26
C GLN A 218 28.71 -36.19 -23.87
N ILE A 219 28.36 -35.51 -24.96
CA ILE A 219 27.03 -35.71 -25.53
C ILE A 219 26.91 -37.13 -26.08
N HIS A 220 27.99 -37.66 -26.67
CA HIS A 220 27.96 -39.02 -27.20
C HIS A 220 27.76 -40.05 -26.09
N ASP A 221 28.20 -39.74 -24.87
CA ASP A 221 28.10 -40.67 -23.76
C ASP A 221 26.69 -40.78 -23.20
N HIS A 222 25.83 -39.79 -23.47
CA HIS A 222 24.58 -39.70 -22.74
C HIS A 222 23.35 -39.46 -23.62
N VAL A 223 23.52 -39.23 -24.92
CA VAL A 223 22.42 -38.90 -25.81
C VAL A 223 22.56 -39.80 -27.03
N ASN A 224 21.46 -40.63 -27.33
CA ASN A 224 21.68 -41.26 -28.63
C ASN A 224 20.82 -40.62 -29.70
N PRO A 225 21.32 -40.65 -30.94
CA PRO A 225 20.72 -39.84 -32.01
C PRO A 225 19.28 -40.18 -32.32
N LYS A 226 18.91 -41.45 -32.35
CA LYS A 226 17.55 -41.81 -32.71
C LYS A 226 16.55 -41.24 -31.70
N ALA A 227 16.84 -41.43 -30.41
CA ALA A 227 15.98 -40.91 -29.35
C ALA A 227 15.91 -39.39 -29.40
N PHE A 228 17.07 -38.73 -29.54
CA PHE A 228 17.07 -37.27 -29.61
C PHE A 228 16.24 -36.78 -30.79
N PHE A 229 16.51 -37.32 -31.98
CA PHE A 229 15.87 -36.80 -33.18
C PHE A 229 14.39 -37.13 -33.22
N SER A 230 14.01 -38.34 -32.82
CA SER A 230 12.63 -38.76 -33.05
C SER A 230 11.71 -38.44 -31.87
N VAL A 231 12.26 -38.19 -30.69
CA VAL A 231 11.43 -37.96 -29.52
C VAL A 231 11.72 -36.58 -28.93
N LEU A 232 12.93 -36.37 -28.42
CA LEU A 232 13.20 -35.15 -27.66
C LEU A 232 12.99 -33.90 -28.52
N ARG A 233 13.47 -33.92 -29.77
CA ARG A 233 13.32 -32.76 -30.62
C ARG A 233 11.85 -32.41 -30.84
N ILE A 234 10.97 -33.41 -30.86
CA ILE A 234 9.54 -33.15 -31.03
C ILE A 234 9.02 -32.28 -29.90
N TYR A 235 9.39 -32.62 -28.67
CA TYR A 235 8.86 -31.90 -27.52
C TYR A 235 9.48 -30.53 -27.35
N LEU A 236 10.68 -30.32 -27.88
CA LEU A 236 11.28 -28.98 -27.86
C LEU A 236 10.82 -28.09 -29.00
N SER A 237 10.07 -28.62 -29.97
CA SER A 237 9.66 -27.85 -31.14
C SER A 237 8.69 -26.75 -30.75
N GLY A 238 8.70 -25.67 -31.53
CA GLY A 238 7.86 -24.52 -31.29
C GLY A 238 6.75 -24.37 -32.31
N TRP A 239 6.14 -23.20 -32.30
CA TRP A 239 5.07 -22.88 -33.23
C TRP A 239 5.35 -21.57 -33.93
N LYS A 240 6.54 -21.44 -34.51
CA LYS A 240 6.88 -20.33 -35.38
C LYS A 240 7.30 -20.89 -36.72
N GLY A 241 6.54 -20.55 -37.76
CA GLY A 241 6.76 -21.16 -39.07
C GLY A 241 6.64 -22.66 -39.06
N ASN A 242 5.79 -23.21 -38.19
CA ASN A 242 5.63 -24.66 -38.08
C ASN A 242 4.35 -25.07 -38.77
N PRO A 243 4.41 -25.90 -39.82
CA PRO A 243 3.17 -26.26 -40.54
C PRO A 243 2.15 -27.01 -39.70
N GLN A 244 2.57 -27.65 -38.60
CA GLN A 244 1.62 -28.33 -37.72
C GLN A 244 0.78 -27.36 -36.92
N LEU A 245 1.26 -26.12 -36.70
CA LEU A 245 0.49 -25.04 -36.05
C LEU A 245 0.82 -23.75 -36.81
N SER A 246 0.25 -23.63 -38.01
CA SER A 246 0.73 -22.64 -38.97
C SER A 246 0.46 -21.21 -38.53
N ASP A 247 -0.54 -20.98 -37.66
CA ASP A 247 -0.84 -19.64 -37.17
C ASP A 247 -0.32 -19.40 -35.76
N GLY A 248 0.39 -20.37 -35.18
CA GLY A 248 0.82 -20.26 -33.80
C GLY A 248 -0.15 -20.94 -32.87
N LEU A 249 -0.01 -20.62 -31.58
CA LEU A 249 -0.80 -21.25 -30.54
C LEU A 249 -1.76 -20.22 -29.93
N VAL A 250 -2.97 -20.65 -29.61
CA VAL A 250 -3.92 -19.80 -28.90
C VAL A 250 -3.68 -19.95 -27.39
N TYR A 251 -3.33 -18.84 -26.75
CA TYR A 251 -3.18 -18.78 -25.29
C TYR A 251 -4.54 -18.37 -24.75
N GLU A 252 -5.39 -19.36 -24.50
CA GLU A 252 -6.80 -19.10 -24.26
C GLU A 252 -7.01 -18.24 -23.02
N GLY A 253 -7.79 -17.19 -23.17
CA GLY A 253 -8.08 -16.29 -22.08
C GLY A 253 -7.05 -15.20 -21.86
N PHE A 254 -5.95 -15.22 -22.60
CA PHE A 254 -4.95 -14.18 -22.47
C PHE A 254 -4.88 -13.31 -23.71
N TRP A 255 -4.61 -13.90 -24.88
CA TRP A 255 -4.67 -13.19 -26.16
C TRP A 255 -5.73 -13.86 -27.04
N GLU A 256 -6.46 -13.04 -27.81
CA GLU A 256 -7.52 -13.59 -28.65
C GLU A 256 -6.95 -14.40 -29.82
N ASP A 257 -5.99 -13.82 -30.54
CA ASP A 257 -5.45 -14.48 -31.72
C ASP A 257 -4.22 -15.30 -31.36
N PRO A 258 -3.96 -16.37 -32.12
CA PRO A 258 -2.78 -17.19 -31.83
C PRO A 258 -1.50 -16.38 -32.02
N LYS A 259 -0.45 -16.80 -31.32
CA LYS A 259 0.86 -16.17 -31.43
C LYS A 259 1.91 -17.24 -31.74
N GLU A 260 2.90 -16.84 -32.52
CA GLU A 260 4.02 -17.71 -32.89
C GLU A 260 5.23 -17.47 -32.01
N PHE A 261 5.82 -18.55 -31.52
CA PHE A 261 7.08 -18.51 -30.79
C PHE A 261 7.95 -19.68 -31.21
N ALA A 262 9.25 -19.43 -31.31
CA ALA A 262 10.20 -20.44 -31.76
C ALA A 262 10.47 -21.46 -30.66
N GLY A 263 10.75 -22.69 -31.08
CA GLY A 263 11.21 -23.70 -30.17
C GLY A 263 12.67 -23.51 -29.81
N GLY A 264 13.17 -24.41 -28.97
CA GLY A 264 14.50 -24.25 -28.42
C GLY A 264 15.56 -24.67 -29.41
N SER A 265 16.72 -24.03 -29.27
CA SER A 265 17.91 -24.38 -30.04
C SER A 265 19.12 -23.80 -29.31
N ALA A 266 20.31 -24.24 -29.75
CA ALA A 266 21.52 -23.81 -29.06
C ALA A 266 21.71 -22.31 -29.14
N GLY A 267 21.09 -21.65 -30.14
CA GLY A 267 21.18 -20.21 -30.28
C GLY A 267 20.51 -19.44 -29.16
N GLN A 268 19.69 -20.11 -28.34
CA GLN A 268 19.15 -19.45 -27.16
C GLN A 268 20.16 -19.36 -26.04
N SER A 269 21.27 -20.09 -26.11
CA SER A 269 22.30 -19.96 -25.09
C SER A 269 22.97 -18.61 -25.21
N SER A 270 23.16 -17.94 -24.07
CA SER A 270 23.93 -16.72 -24.08
C SER A 270 25.41 -17.01 -24.32
N VAL A 271 25.85 -18.21 -23.95
CA VAL A 271 27.23 -18.62 -24.17
C VAL A 271 27.53 -18.68 -25.67
N PHE A 272 26.54 -19.15 -26.45
CA PHE A 272 26.68 -19.21 -27.90
C PHE A 272 27.04 -17.85 -28.49
N GLN A 273 26.58 -16.75 -27.87
CA GLN A 273 26.73 -15.41 -28.42
C GLN A 273 27.74 -14.53 -27.68
N CYS A 274 27.94 -14.73 -26.38
CA CYS A 274 28.61 -13.69 -25.62
C CYS A 274 30.08 -13.54 -26.00
N PHE A 275 30.75 -14.64 -26.40
CA PHE A 275 32.17 -14.52 -26.72
C PHE A 275 32.39 -13.89 -28.09
N ASP A 276 31.48 -14.12 -29.04
CA ASP A 276 31.54 -13.38 -30.29
C ASP A 276 31.42 -11.89 -30.02
N VAL A 277 30.46 -11.52 -29.17
CA VAL A 277 30.27 -10.11 -28.85
C VAL A 277 31.50 -9.56 -28.15
N LEU A 278 32.02 -10.30 -27.17
CA LEU A 278 33.23 -9.87 -26.47
C LEU A 278 34.37 -9.58 -27.44
N LEU A 279 34.56 -10.44 -28.43
CA LEU A 279 35.71 -10.38 -29.32
C LEU A 279 35.47 -9.51 -30.55
N GLY A 280 34.31 -8.87 -30.66
CA GLY A 280 34.05 -8.02 -31.81
C GLY A 280 33.72 -8.76 -33.08
N ILE A 281 33.36 -10.04 -32.97
CA ILE A 281 32.86 -10.80 -34.10
C ILE A 281 31.37 -10.48 -34.23
N GLN A 282 31.00 -9.84 -35.33
CA GLN A 282 29.67 -9.23 -35.47
C GLN A 282 28.71 -10.24 -36.09
N GLN A 283 28.15 -11.10 -35.23
CA GLN A 283 27.21 -12.12 -35.70
C GLN A 283 25.81 -11.59 -35.93
N THR A 284 25.44 -10.45 -35.31
CA THR A 284 24.11 -9.89 -35.48
C THR A 284 24.09 -8.67 -36.42
N ALA A 285 25.18 -8.42 -37.14
CA ALA A 285 25.27 -7.28 -38.02
C ALA A 285 24.68 -7.60 -39.39
N GLY A 286 23.93 -6.65 -39.93
CA GLY A 286 23.28 -6.84 -41.21
C GLY A 286 21.89 -7.43 -41.07
N GLY A 287 21.23 -7.58 -42.22
CA GLY A 287 19.91 -8.16 -42.30
C GLY A 287 19.88 -9.61 -42.72
N GLY A 288 21.03 -10.28 -42.78
CA GLY A 288 21.05 -11.68 -43.15
C GLY A 288 20.28 -12.54 -42.16
N HIS A 289 19.91 -13.73 -42.63
CA HIS A 289 19.04 -14.59 -41.85
C HIS A 289 19.70 -15.07 -40.57
N ALA A 290 21.00 -15.38 -40.62
CA ALA A 290 21.72 -15.79 -39.42
C ALA A 290 21.72 -14.68 -38.38
N ALA A 291 22.04 -13.45 -38.82
CA ALA A 291 22.03 -12.31 -37.90
C ALA A 291 20.66 -12.10 -37.28
N GLN A 292 19.62 -12.09 -38.11
CA GLN A 292 18.26 -11.88 -37.61
C GLN A 292 17.87 -12.97 -36.61
N PHE A 293 18.26 -14.22 -36.88
CA PHE A 293 17.94 -15.30 -35.95
C PHE A 293 18.62 -15.10 -34.61
N LEU A 294 19.92 -14.78 -34.61
CA LEU A 294 20.62 -14.58 -33.34
C LEU A 294 20.08 -13.36 -32.59
N GLN A 295 19.70 -12.32 -33.31
CA GLN A 295 19.04 -11.18 -32.67
C GLN A 295 17.70 -11.60 -32.08
N ASP A 296 16.89 -12.34 -32.84
CA ASP A 296 15.60 -12.77 -32.34
C ASP A 296 15.76 -13.70 -31.15
N MET A 297 16.78 -14.55 -31.14
CA MET A 297 16.94 -15.48 -30.02
C MET A 297 17.28 -14.75 -28.72
N ARG A 298 17.78 -13.52 -28.80
CA ARG A 298 18.02 -12.79 -27.56
C ARG A 298 16.73 -12.59 -26.78
N ARG A 299 15.59 -12.48 -27.49
CA ARG A 299 14.28 -12.36 -26.84
C ARG A 299 13.93 -13.59 -26.02
N TYR A 300 14.60 -14.71 -26.25
CA TYR A 300 14.31 -15.96 -25.55
C TYR A 300 15.25 -16.20 -24.38
N MET A 301 16.18 -15.26 -24.12
CA MET A 301 17.06 -15.28 -22.98
C MET A 301 16.48 -14.46 -21.84
N PRO A 302 16.84 -14.80 -20.60
CA PRO A 302 16.42 -14.00 -19.47
C PRO A 302 16.84 -12.56 -19.66
N PRO A 303 16.01 -11.60 -19.25
CA PRO A 303 16.32 -10.18 -19.54
C PRO A 303 17.68 -9.75 -19.01
N ALA A 304 18.09 -10.24 -17.85
CA ALA A 304 19.40 -9.85 -17.33
C ALA A 304 20.50 -10.30 -18.28
N HIS A 305 20.33 -11.45 -18.94
CA HIS A 305 21.36 -11.95 -19.83
C HIS A 305 21.34 -11.22 -21.16
N ARG A 306 20.15 -10.85 -21.65
CA ARG A 306 20.05 -9.93 -22.78
C ARG A 306 20.80 -8.65 -22.47
N ASN A 307 20.60 -8.12 -21.26
CA ASN A 307 21.23 -6.87 -20.87
C ASN A 307 22.73 -7.02 -20.84
N PHE A 308 23.22 -8.15 -20.34
CA PHE A 308 24.66 -8.40 -20.34
C PHE A 308 25.24 -8.35 -21.75
N LEU A 309 24.58 -9.02 -22.71
CA LEU A 309 25.05 -9.00 -24.09
C LEU A 309 25.06 -7.58 -24.65
N CYS A 310 24.04 -6.80 -24.32
CA CYS A 310 23.98 -5.42 -24.80
C CYS A 310 25.07 -4.57 -24.18
N SER A 311 25.38 -4.80 -22.90
CA SER A 311 26.44 -4.03 -22.27
C SER A 311 27.79 -4.34 -22.92
N LEU A 312 28.00 -5.60 -23.31
CA LEU A 312 29.25 -5.96 -23.96
C LEU A 312 29.42 -5.25 -25.30
N GLU A 313 28.34 -5.10 -26.07
CA GLU A 313 28.43 -4.40 -27.34
C GLU A 313 28.66 -2.91 -27.16
N SER A 314 28.34 -2.38 -25.99
CA SER A 314 28.53 -0.95 -25.74
C SER A 314 29.90 -0.64 -25.15
N ASN A 315 30.59 -1.64 -24.60
CA ASN A 315 31.91 -1.42 -24.06
C ASN A 315 32.91 -1.14 -25.19
N PRO A 316 34.04 -0.51 -24.88
CA PRO A 316 35.07 -0.34 -25.90
C PRO A 316 35.52 -1.69 -26.45
N SER A 317 35.84 -1.70 -27.73
CA SER A 317 36.08 -2.95 -28.43
C SER A 317 37.41 -3.57 -27.99
N VAL A 318 37.36 -4.83 -27.56
CA VAL A 318 38.58 -5.60 -27.32
C VAL A 318 39.39 -5.70 -28.60
N ARG A 319 38.70 -5.89 -29.73
CA ARG A 319 39.40 -6.13 -30.99
C ARG A 319 40.16 -4.90 -31.45
N GLU A 320 39.52 -3.73 -31.42
CA GLU A 320 40.20 -2.50 -31.83
C GLU A 320 41.36 -2.20 -30.89
N PHE A 321 41.20 -2.49 -29.60
CA PHE A 321 42.28 -2.28 -28.66
C PHE A 321 43.49 -3.11 -29.03
N VAL A 322 43.29 -4.43 -29.21
CA VAL A 322 44.40 -5.32 -29.53
C VAL A 322 45.06 -4.90 -30.84
N LEU A 323 44.26 -4.50 -31.84
CA LEU A 323 44.82 -4.12 -33.12
C LEU A 323 45.57 -2.80 -33.07
N SER A 324 45.34 -1.98 -32.04
CA SER A 324 45.92 -0.65 -32.00
C SER A 324 47.27 -0.60 -31.29
N LYS A 325 47.74 -1.72 -30.72
CA LYS A 325 48.89 -1.68 -29.82
C LYS A 325 50.18 -2.23 -30.41
N GLY A 326 50.17 -2.72 -31.66
CA GLY A 326 51.37 -3.28 -32.24
C GLY A 326 52.03 -4.34 -31.37
N ASP A 327 51.21 -5.25 -30.86
CA ASP A 327 51.59 -6.20 -29.81
C ASP A 327 51.28 -7.61 -30.30
N ALA A 328 52.31 -8.32 -30.78
CA ALA A 328 52.07 -9.66 -31.32
C ALA A 328 51.60 -10.64 -30.24
N GLY A 329 52.02 -10.42 -29.00
CA GLY A 329 51.49 -11.25 -27.92
C GLY A 329 50.01 -11.06 -27.72
N LEU A 330 49.54 -9.80 -27.74
CA LEU A 330 48.11 -9.54 -27.61
C LEU A 330 47.33 -10.11 -28.79
N ARG A 331 47.87 -9.96 -30.00
CA ARG A 331 47.15 -10.46 -31.18
C ARG A 331 47.04 -11.97 -31.16
N GLU A 332 48.09 -12.67 -30.70
CA GLU A 332 48.03 -14.13 -30.67
C GLU A 332 47.07 -14.63 -29.60
N ALA A 333 47.07 -13.98 -28.43
CA ALA A 333 46.10 -14.35 -27.40
C ALA A 333 44.67 -14.12 -27.87
N TYR A 334 44.42 -12.98 -28.52
CA TYR A 334 43.13 -12.76 -29.15
C TYR A 334 42.83 -13.87 -30.16
N ASP A 335 43.81 -14.19 -31.01
CA ASP A 335 43.59 -15.21 -32.02
C ASP A 335 43.36 -16.58 -31.42
N ALA A 336 43.96 -16.85 -30.25
CA ALA A 336 43.70 -18.13 -29.58
C ALA A 336 42.23 -18.25 -29.18
N CYS A 337 41.65 -17.16 -28.77
CA CYS A 337 40.24 -17.13 -28.44
C CYS A 337 39.42 -17.38 -29.68
N VAL A 338 39.77 -16.77 -30.78
CA VAL A 338 39.03 -16.94 -32.00
C VAL A 338 39.07 -18.37 -32.56
N LYS A 339 40.24 -18.98 -32.50
CA LYS A 339 40.42 -20.33 -32.95
C LYS A 339 39.63 -21.29 -32.07
N ALA A 340 39.58 -21.03 -30.79
CA ALA A 340 38.80 -21.85 -29.91
C ALA A 340 37.32 -21.82 -30.29
N LEU A 341 36.80 -20.67 -30.65
CA LEU A 341 35.44 -20.55 -31.11
C LEU A 341 35.26 -21.31 -32.39
N VAL A 342 36.23 -21.19 -33.29
CA VAL A 342 36.14 -21.90 -34.55
C VAL A 342 36.08 -23.42 -34.30
N SER A 343 36.87 -23.93 -33.39
CA SER A 343 36.80 -25.34 -33.06
C SER A 343 35.44 -25.72 -32.50
N LEU A 344 34.90 -24.88 -31.65
CA LEU A 344 33.62 -25.13 -31.06
C LEU A 344 32.56 -25.20 -32.09
N ARG A 345 32.56 -24.30 -33.04
CA ARG A 345 31.60 -24.33 -34.10
C ARG A 345 31.72 -25.55 -34.98
N SER A 346 32.94 -25.98 -35.21
CA SER A 346 33.14 -27.15 -36.04
C SER A 346 32.61 -28.40 -35.34
N TYR A 347 32.85 -28.52 -34.04
CA TYR A 347 32.28 -29.66 -33.31
C TYR A 347 30.77 -29.55 -33.28
N HIS A 348 30.25 -28.33 -33.13
CA HIS A 348 28.82 -28.08 -33.22
C HIS A 348 28.25 -28.63 -34.53
N LEU A 349 28.97 -28.44 -35.63
CA LEU A 349 28.50 -28.95 -36.92
C LEU A 349 28.51 -30.47 -36.94
N GLN A 350 29.52 -31.10 -36.32
CA GLN A 350 29.54 -32.56 -36.22
C GLN A 350 28.34 -33.08 -35.43
N ILE A 351 27.95 -32.35 -34.38
CA ILE A 351 26.78 -32.76 -33.61
C ILE A 351 25.52 -32.67 -34.47
N VAL A 352 25.43 -31.67 -35.34
CA VAL A 352 24.26 -31.54 -36.20
C VAL A 352 24.19 -32.71 -37.18
N THR A 353 25.35 -33.10 -37.70
CA THR A 353 25.39 -34.25 -38.61
C THR A 353 24.95 -35.52 -37.92
N LYS A 354 25.51 -35.81 -36.74
CA LYS A 354 25.23 -37.09 -36.11
C LYS A 354 23.82 -37.13 -35.53
N TYR A 355 23.34 -36.01 -34.98
CA TYR A 355 22.10 -36.02 -34.23
C TYR A 355 20.89 -35.55 -35.01
N ILE A 356 21.08 -34.95 -36.18
CA ILE A 356 19.96 -34.44 -36.95
C ILE A 356 20.03 -34.91 -38.40
N LEU A 357 21.14 -34.62 -39.09
CA LEU A 357 21.19 -34.87 -40.53
C LEU A 357 21.04 -36.35 -40.86
N ILE A 358 21.78 -37.21 -40.17
CA ILE A 358 21.79 -38.64 -40.46
C ILE A 358 20.49 -39.28 -39.99
N PRO A 359 20.03 -39.07 -38.75
CA PRO A 359 18.71 -39.61 -38.38
C PRO A 359 17.59 -39.15 -39.30
N ALA A 360 17.67 -37.92 -39.81
CA ALA A 360 16.63 -37.45 -40.73
C ALA A 360 16.65 -38.25 -42.02
N SER A 361 17.85 -38.59 -42.51
CA SER A 361 17.99 -39.27 -43.79
C SER A 361 17.49 -40.71 -43.77
N GLN A 362 17.03 -41.21 -42.62
CA GLN A 362 16.45 -42.54 -42.54
C GLN A 362 15.15 -42.54 -41.75
N ALA A 378 9.26 -27.28 -39.50
CA ALA A 378 9.27 -25.86 -39.18
C ALA A 378 10.41 -25.14 -39.88
N LYS A 379 10.14 -23.92 -40.38
CA LYS A 379 11.15 -23.18 -41.12
C LYS A 379 12.39 -22.95 -40.26
N GLY A 380 13.56 -23.25 -40.83
CA GLY A 380 14.82 -23.15 -40.13
C GLY A 380 15.16 -24.33 -39.24
N THR A 381 14.20 -25.23 -38.99
CA THR A 381 14.45 -26.42 -38.20
C THR A 381 15.17 -27.50 -39.01
N GLY A 382 14.98 -27.52 -40.33
CA GLY A 382 15.63 -28.49 -41.19
C GLY A 382 17.12 -28.58 -40.96
N GLY A 383 17.65 -29.81 -40.96
CA GLY A 383 19.06 -30.01 -40.68
C GLY A 383 19.96 -29.22 -41.61
N THR A 384 19.54 -29.05 -42.87
CA THR A 384 20.34 -28.30 -43.81
C THR A 384 20.36 -26.81 -43.46
N ASP A 385 19.21 -26.27 -43.05
CA ASP A 385 19.18 -24.87 -42.63
C ASP A 385 20.00 -24.66 -41.37
N LEU A 386 19.90 -25.58 -40.42
CA LEU A 386 20.74 -25.53 -39.24
C LEU A 386 22.21 -25.62 -39.62
N MET A 387 22.54 -26.50 -40.56
CA MET A 387 23.92 -26.62 -41.02
C MET A 387 24.41 -25.32 -41.63
N ASN A 388 23.63 -24.74 -42.53
CA ASN A 388 24.04 -23.50 -43.19
C ASN A 388 24.21 -22.38 -42.18
N PHE A 389 23.35 -22.35 -41.16
CA PHE A 389 23.46 -21.33 -40.11
C PHE A 389 24.78 -21.43 -39.38
N LEU A 390 25.14 -22.63 -38.93
CA LEU A 390 26.41 -22.82 -38.23
C LEU A 390 27.60 -22.56 -39.15
N LYS A 391 27.47 -22.87 -40.43
CA LYS A 391 28.57 -22.58 -41.36
C LYS A 391 28.72 -21.08 -41.55
N THR A 392 27.62 -20.34 -41.65
CA THR A 392 27.69 -18.89 -41.68
C THR A 392 28.32 -18.34 -40.41
N VAL A 393 27.93 -18.87 -39.25
CA VAL A 393 28.51 -18.41 -38.00
C VAL A 393 30.00 -18.74 -37.96
N ARG A 394 30.37 -19.96 -38.35
CA ARG A 394 31.78 -20.37 -38.26
C ARG A 394 32.63 -19.56 -39.23
N SER A 395 32.10 -19.28 -40.42
CA SER A 395 32.83 -18.46 -41.38
C SER A 395 33.02 -17.04 -40.86
N THR A 396 31.96 -16.44 -40.30
CA THR A 396 32.08 -15.12 -39.72
C THR A 396 33.11 -15.10 -38.60
N THR A 397 33.17 -16.18 -37.81
CA THR A 397 34.20 -16.29 -36.79
C THR A 397 35.59 -16.38 -37.40
N GLU A 398 35.75 -17.20 -38.44
CA GLU A 398 37.05 -17.35 -39.08
C GLU A 398 37.55 -16.03 -39.66
N LYS A 399 36.63 -15.22 -40.18
CA LYS A 399 37.00 -13.95 -40.80
C LYS A 399 37.66 -13.01 -39.81
N SER A 400 37.37 -13.16 -38.51
CA SER A 400 37.88 -12.26 -37.50
C SER A 400 39.30 -12.58 -37.06
N LEU A 401 39.90 -13.65 -37.57
CA LEU A 401 41.29 -13.94 -37.23
C LEU A 401 42.18 -12.79 -37.70
N LEU A 402 43.10 -12.39 -36.83
CA LEU A 402 43.99 -11.28 -37.18
C LEU A 402 45.04 -11.73 -38.18
N LYS A 403 45.63 -12.90 -37.96
CA LYS A 403 46.59 -13.50 -38.90
C LYS A 403 46.21 -14.94 -39.22
N ALA B 16 -11.35 -6.40 -38.27
CA ALA B 16 -10.24 -7.31 -37.99
C ALA B 16 -9.07 -6.54 -37.40
N TYR B 17 -8.83 -5.35 -37.95
CA TYR B 17 -7.85 -4.42 -37.41
C TYR B 17 -8.44 -3.49 -36.34
N HIS B 18 -9.65 -3.79 -35.88
CA HIS B 18 -10.35 -3.01 -34.86
C HIS B 18 -10.45 -1.54 -35.27
N ILE B 19 -10.83 -1.32 -36.53
CA ILE B 19 -11.06 0.02 -37.06
C ILE B 19 -12.55 0.18 -37.30
N ASP B 20 -13.12 1.24 -36.74
CA ASP B 20 -14.56 1.48 -36.81
C ASP B 20 -14.87 2.41 -37.99
N GLU B 21 -15.95 2.09 -38.70
CA GLU B 21 -16.32 2.93 -39.83
C GLU B 21 -16.57 4.37 -39.42
N GLU B 22 -17.14 4.58 -38.22
CA GLU B 22 -17.53 5.93 -37.82
C GLU B 22 -16.42 6.66 -37.05
N VAL B 23 -15.78 5.99 -36.09
CA VAL B 23 -14.81 6.65 -35.21
C VAL B 23 -13.38 6.16 -35.45
N GLY B 24 -13.16 5.32 -36.46
CA GLY B 24 -11.81 5.01 -36.89
C GLY B 24 -11.04 4.21 -35.85
N PHE B 25 -9.87 4.73 -35.47
CA PHE B 25 -9.07 4.06 -34.45
C PHE B 25 -9.63 4.21 -33.05
N ALA B 26 -10.56 5.14 -32.84
CA ALA B 26 -11.12 5.32 -31.51
C ALA B 26 -11.97 4.10 -31.15
N LEU B 27 -12.10 3.87 -29.85
CA LEU B 27 -12.94 2.78 -29.38
C LEU B 27 -14.42 3.18 -29.45
N PRO B 28 -15.24 2.45 -30.20
CA PRO B 28 -16.67 2.80 -30.26
C PRO B 28 -17.33 2.62 -28.91
N ASN B 29 -18.17 3.60 -28.54
CA ASN B 29 -19.01 3.64 -27.34
C ASN B 29 -18.30 3.06 -26.13
N PRO B 30 -17.28 3.72 -25.62
CA PRO B 30 -16.50 3.15 -24.52
C PRO B 30 -17.35 2.86 -23.30
N GLN B 31 -16.97 1.81 -22.58
CA GLN B 31 -17.59 1.50 -21.30
C GLN B 31 -17.20 2.53 -20.25
N GLU B 32 -18.17 2.94 -19.43
CA GLU B 32 -17.97 3.95 -18.41
C GLU B 32 -17.83 3.39 -17.00
N ASN B 33 -18.42 2.24 -16.71
CA ASN B 33 -18.40 1.65 -15.37
C ASN B 33 -17.82 0.23 -15.42
N LEU B 34 -17.12 -0.13 -14.37
CA LEU B 34 -16.62 -1.48 -14.18
C LEU B 34 -17.55 -2.26 -13.27
N PRO B 35 -17.44 -3.58 -13.21
CA PRO B 35 -18.18 -4.34 -12.19
C PRO B 35 -17.92 -3.81 -10.79
N ASP B 36 -18.92 -3.99 -9.92
CA ASP B 36 -18.81 -3.64 -8.50
C ASP B 36 -17.50 -4.11 -7.90
N PHE B 37 -16.99 -5.26 -8.34
CA PHE B 37 -15.73 -5.79 -7.83
C PHE B 37 -14.66 -4.71 -7.81
N TYR B 38 -14.68 -3.78 -8.77
CA TYR B 38 -13.62 -2.80 -8.93
C TYR B 38 -13.99 -1.42 -8.40
N ASN B 39 -15.03 -1.31 -7.57
CA ASN B 39 -15.45 -0.01 -7.07
C ASN B 39 -14.31 0.74 -6.40
N ASP B 40 -13.39 0.03 -5.74
CA ASP B 40 -12.32 0.73 -5.05
C ASP B 40 -11.42 1.48 -6.03
N TRP B 41 -11.13 0.87 -7.19
CA TRP B 41 -10.40 1.58 -8.24
C TRP B 41 -11.21 2.75 -8.77
N MET B 42 -12.47 2.49 -9.12
CA MET B 42 -13.28 3.51 -9.77
C MET B 42 -13.42 4.76 -8.92
N PHE B 43 -13.59 4.59 -7.60
CA PHE B 43 -13.75 5.76 -6.76
C PHE B 43 -12.54 6.68 -6.85
N ILE B 44 -11.34 6.11 -6.83
CA ILE B 44 -10.13 6.92 -6.93
C ILE B 44 -10.07 7.62 -8.29
N ALA B 45 -10.25 6.86 -9.36
CA ALA B 45 -10.08 7.43 -10.70
C ALA B 45 -11.10 8.54 -10.94
N LYS B 46 -12.32 8.38 -10.43
CA LYS B 46 -13.38 9.36 -10.64
C LYS B 46 -13.21 10.61 -9.78
N HIS B 47 -12.30 10.60 -8.81
CA HIS B 47 -12.16 11.71 -7.88
C HIS B 47 -10.71 12.20 -7.80
N LEU B 48 -9.93 11.99 -8.86
CA LEU B 48 -8.55 12.47 -8.85
C LEU B 48 -8.42 13.95 -8.55
N PRO B 49 -9.23 14.85 -9.13
CA PRO B 49 -9.05 16.28 -8.80
C PRO B 49 -9.17 16.55 -7.31
N ASP B 50 -10.24 16.08 -6.67
CA ASP B 50 -10.40 16.26 -5.22
C ASP B 50 -9.28 15.58 -4.45
N LEU B 51 -8.97 14.32 -4.80
CA LEU B 51 -8.02 13.54 -4.02
C LEU B 51 -6.60 14.08 -4.15
N ILE B 52 -6.20 14.49 -5.37
CA ILE B 52 -4.90 15.13 -5.52
C ILE B 52 -4.87 16.46 -4.76
N GLU B 53 -5.90 17.27 -4.95
CA GLU B 53 -5.93 18.61 -4.36
C GLU B 53 -5.80 18.56 -2.84
N SER B 54 -6.52 17.62 -2.21
CA SER B 54 -6.51 17.47 -0.76
C SER B 54 -5.30 16.71 -0.23
N GLY B 55 -4.44 16.16 -1.10
CA GLY B 55 -3.30 15.41 -0.61
C GLY B 55 -3.63 14.03 -0.09
N GLN B 56 -4.82 13.50 -0.40
CA GLN B 56 -5.25 12.18 0.01
C GLN B 56 -5.02 11.10 -1.03
N LEU B 57 -4.68 11.48 -2.27
CA LEU B 57 -4.61 10.50 -3.35
C LEU B 57 -3.65 9.37 -3.01
N ARG B 58 -2.44 9.70 -2.57
CA ARG B 58 -1.43 8.66 -2.43
C ARG B 58 -1.78 7.67 -1.33
N GLU B 59 -2.28 8.15 -0.19
CA GLU B 59 -2.66 7.21 0.86
C GLU B 59 -3.80 6.31 0.40
N ARG B 60 -4.78 6.86 -0.32
CA ARG B 60 -5.89 6.03 -0.78
C ARG B 60 -5.37 4.95 -1.72
N VAL B 61 -4.40 5.29 -2.58
CA VAL B 61 -3.79 4.27 -3.43
C VAL B 61 -3.04 3.24 -2.59
N GLU B 62 -2.29 3.70 -1.60
CA GLU B 62 -1.46 2.81 -0.80
C GLU B 62 -2.28 1.91 0.12
N LYS B 63 -3.53 2.27 0.41
CA LYS B 63 -4.42 1.47 1.24
C LYS B 63 -5.33 0.56 0.42
N LEU B 64 -5.16 0.54 -0.89
CA LEU B 64 -5.95 -0.32 -1.76
C LEU B 64 -5.59 -1.78 -1.53
N ASN B 65 -6.60 -2.63 -1.45
CA ASN B 65 -6.37 -4.06 -1.47
C ASN B 65 -6.00 -4.52 -2.88
N MET B 66 -5.49 -5.73 -2.97
CA MET B 66 -5.18 -6.34 -4.26
C MET B 66 -6.46 -6.84 -4.92
N LEU B 67 -6.75 -6.36 -6.12
CA LEU B 67 -7.92 -6.82 -6.88
C LEU B 67 -7.46 -7.54 -8.13
N SER B 68 -7.83 -8.81 -8.25
CA SER B 68 -7.46 -9.59 -9.43
C SER B 68 -8.13 -9.04 -10.69
N ILE B 69 -7.44 -9.14 -11.81
CA ILE B 69 -8.04 -8.73 -13.08
C ILE B 69 -8.97 -9.77 -13.66
N ASP B 70 -9.20 -10.91 -12.97
CA ASP B 70 -9.98 -11.96 -13.59
C ASP B 70 -11.46 -11.62 -13.72
N HIS B 71 -11.94 -10.58 -13.06
CA HIS B 71 -13.34 -10.18 -13.21
C HIS B 71 -13.56 -9.21 -14.38
N LEU B 72 -12.52 -8.94 -15.18
CA LEU B 72 -12.67 -8.17 -16.41
C LEU B 72 -12.89 -9.17 -17.54
N THR B 73 -14.14 -9.24 -18.01
CA THR B 73 -14.59 -10.36 -18.83
C THR B 73 -14.66 -10.04 -20.32
N ASP B 74 -14.34 -8.82 -20.74
CA ASP B 74 -14.41 -8.51 -22.17
C ASP B 74 -13.51 -7.31 -22.47
N HIS B 75 -13.36 -7.05 -23.76
CA HIS B 75 -12.41 -6.05 -24.25
C HIS B 75 -12.74 -4.67 -23.72
N LYS B 76 -14.01 -4.25 -23.75
CA LYS B 76 -14.31 -2.90 -23.30
C LYS B 76 -14.05 -2.74 -21.81
N SER B 77 -14.37 -3.76 -21.01
CA SER B 77 -14.02 -3.71 -19.60
C SER B 77 -12.52 -3.60 -19.42
N GLN B 78 -11.75 -4.34 -20.22
CA GLN B 78 -10.30 -4.27 -20.09
C GLN B 78 -9.79 -2.89 -20.45
N ARG B 79 -10.33 -2.29 -21.52
CA ARG B 79 -9.85 -0.96 -21.90
C ARG B 79 -10.22 0.10 -20.86
N LEU B 80 -11.44 0.03 -20.32
CA LEU B 80 -11.78 0.94 -19.23
C LEU B 80 -10.86 0.75 -18.04
N ALA B 81 -10.57 -0.51 -17.69
CA ALA B 81 -9.68 -0.75 -16.54
C ALA B 81 -8.29 -0.18 -16.80
N ARG B 82 -7.81 -0.27 -18.04
CA ARG B 82 -6.50 0.32 -18.33
C ARG B 82 -6.54 1.83 -18.18
N LEU B 83 -7.63 2.45 -18.62
CA LEU B 83 -7.79 3.89 -18.46
C LEU B 83 -7.81 4.26 -16.99
N VAL B 84 -8.56 3.50 -16.19
CA VAL B 84 -8.65 3.74 -14.76
C VAL B 84 -7.28 3.58 -14.10
N LEU B 85 -6.63 2.44 -14.32
CA LEU B 85 -5.35 2.20 -13.66
C LEU B 85 -4.27 3.15 -14.19
N GLY B 86 -4.33 3.49 -15.48
CA GLY B 86 -3.39 4.45 -16.03
C GLY B 86 -3.53 5.84 -15.42
N CYS B 87 -4.76 6.28 -15.22
CA CYS B 87 -4.95 7.60 -14.62
C CYS B 87 -4.53 7.59 -13.15
N ILE B 88 -4.92 6.53 -12.42
CA ILE B 88 -4.47 6.39 -11.04
C ILE B 88 -2.95 6.41 -10.98
N THR B 89 -2.30 5.72 -11.92
CA THR B 89 -0.85 5.66 -11.89
C THR B 89 -0.23 7.04 -12.11
N MET B 90 -0.71 7.79 -13.11
CA MET B 90 -0.13 9.11 -13.34
CA MET B 90 -0.18 9.13 -13.34
C MET B 90 -0.35 10.01 -12.12
N ALA B 91 -1.55 9.98 -11.55
CA ALA B 91 -1.82 10.76 -10.34
C ALA B 91 -0.89 10.36 -9.22
N TYR B 92 -0.63 9.06 -9.08
CA TYR B 92 0.20 8.59 -7.98
C TYR B 92 1.65 9.02 -8.17
N VAL B 93 2.19 8.82 -9.37
CA VAL B 93 3.58 9.19 -9.65
C VAL B 93 3.76 10.71 -9.53
N TRP B 94 2.89 11.48 -10.19
CA TRP B 94 3.16 12.92 -10.29
C TRP B 94 2.56 13.74 -9.15
N GLY B 95 1.62 13.17 -8.40
CA GLY B 95 1.09 13.85 -7.22
C GLY B 95 0.40 15.14 -7.59
N LYS B 96 0.79 16.22 -6.90
CA LYS B 96 0.19 17.53 -7.18
C LYS B 96 0.80 18.20 -8.39
N GLY B 97 1.79 17.58 -9.03
CA GLY B 97 2.28 18.09 -10.28
C GLY B 97 3.32 19.18 -10.13
N HIS B 98 3.97 19.29 -8.97
CA HIS B 98 4.97 20.33 -8.76
C HIS B 98 6.31 19.78 -8.31
N GLY B 99 6.57 18.50 -8.54
CA GLY B 99 7.89 17.93 -8.35
C GLY B 99 8.02 16.88 -7.26
N ASP B 100 7.01 16.69 -6.41
CA ASP B 100 7.07 15.67 -5.35
C ASP B 100 6.54 14.38 -5.94
N VAL B 101 7.46 13.54 -6.42
CA VAL B 101 7.10 12.38 -7.23
C VAL B 101 7.28 11.11 -6.40
N ARG B 102 6.70 10.03 -6.91
CA ARG B 102 6.88 8.70 -6.32
C ARG B 102 7.51 7.80 -7.37
N LYS B 103 8.57 7.08 -6.98
CA LYS B 103 9.35 6.27 -7.91
C LYS B 103 8.99 4.79 -7.84
N VAL B 104 8.04 4.43 -6.99
CA VAL B 104 7.61 3.06 -6.83
C VAL B 104 6.09 3.05 -6.89
N LEU B 105 5.55 2.27 -7.82
CA LEU B 105 4.12 2.09 -7.94
C LEU B 105 3.70 0.94 -7.04
N PRO B 106 2.86 1.16 -6.03
CA PRO B 106 2.52 0.08 -5.09
C PRO B 106 1.99 -1.15 -5.81
N ARG B 107 2.34 -2.32 -5.27
CA ARG B 107 2.07 -3.59 -5.94
C ARG B 107 0.58 -3.79 -6.21
N ASN B 108 -0.30 -3.27 -5.34
CA ASN B 108 -1.72 -3.53 -5.56
C ASN B 108 -2.29 -2.74 -6.73
N ILE B 109 -1.57 -1.75 -7.24
CA ILE B 109 -1.84 -1.22 -8.58
C ILE B 109 -0.95 -1.89 -9.61
N ALA B 110 0.34 -2.00 -9.28
CA ALA B 110 1.32 -2.37 -10.30
C ALA B 110 1.06 -3.77 -10.86
N VAL B 111 0.67 -4.71 -10.02
CA VAL B 111 0.54 -6.09 -10.51
C VAL B 111 -0.68 -6.23 -11.42
N PRO B 112 -1.88 -5.82 -11.01
CA PRO B 112 -3.00 -5.93 -11.96
C PRO B 112 -2.78 -5.10 -13.21
N TYR B 113 -2.21 -3.90 -13.07
CA TYR B 113 -1.94 -3.04 -14.24
C TYR B 113 -1.00 -3.74 -15.21
N CYS B 114 0.08 -4.34 -14.71
CA CYS B 114 1.02 -5.00 -15.60
C CYS B 114 0.41 -6.25 -16.22
N GLN B 115 -0.36 -7.02 -15.46
CA GLN B 115 -0.97 -8.22 -16.03
C GLN B 115 -1.97 -7.84 -17.11
N LEU B 116 -2.80 -6.83 -16.84
CA LEU B 116 -3.77 -6.36 -17.81
C LEU B 116 -3.07 -5.82 -19.04
N SER B 117 -2.01 -5.04 -18.84
CA SER B 117 -1.27 -4.48 -19.96
C SER B 117 -0.65 -5.57 -20.81
N ALA B 118 -0.15 -6.63 -20.18
CA ALA B 118 0.41 -7.73 -20.95
C ALA B 118 -0.68 -8.40 -21.80
N ALA B 119 -1.87 -8.57 -21.23
CA ALA B 119 -2.96 -9.18 -22.00
C ALA B 119 -3.37 -8.31 -23.19
N LEU B 120 -3.39 -6.98 -23.01
CA LEU B 120 -3.76 -6.04 -24.06
C LEU B 120 -2.59 -5.65 -24.95
N GLU B 121 -1.37 -6.14 -24.65
CA GLU B 121 -0.18 -5.89 -25.44
C GLU B 121 0.16 -4.39 -25.52
N LEU B 122 -0.04 -3.68 -24.41
CA LEU B 122 0.31 -2.27 -24.30
C LEU B 122 1.24 -2.05 -23.11
N PRO B 123 2.10 -1.04 -23.15
CA PRO B 123 2.97 -0.77 -22.00
C PRO B 123 2.16 -0.33 -20.80
N PRO B 124 2.64 -0.60 -19.58
CA PRO B 124 1.91 -0.18 -18.37
C PRO B 124 2.15 1.30 -18.04
N ILE B 125 1.72 2.17 -18.97
CA ILE B 125 1.65 3.60 -18.75
C ILE B 125 0.43 4.10 -19.52
N LEU B 126 -0.15 5.19 -19.04
CA LEU B 126 -1.26 5.81 -19.77
C LEU B 126 -0.80 6.19 -21.17
N VAL B 127 -1.52 5.73 -22.19
CA VAL B 127 -1.19 6.05 -23.58
C VAL B 127 -2.40 6.67 -24.25
N TYR B 128 -2.18 7.19 -25.45
CA TYR B 128 -3.25 7.80 -26.25
C TYR B 128 -4.48 6.92 -26.35
N ALA B 129 -4.28 5.61 -26.56
CA ALA B 129 -5.41 4.70 -26.73
C ALA B 129 -6.26 4.61 -25.47
N ASP B 130 -5.69 4.91 -24.31
CA ASP B 130 -6.50 4.98 -23.10
C ASP B 130 -7.17 6.33 -22.95
N CYS B 131 -6.35 7.37 -22.83
CA CYS B 131 -6.95 8.61 -22.35
CA CYS B 131 -6.69 8.73 -22.43
C CYS B 131 -7.54 9.47 -23.44
N VAL B 132 -7.44 9.08 -24.70
CA VAL B 132 -8.22 9.69 -25.78
C VAL B 132 -9.19 8.67 -26.37
N LEU B 133 -8.68 7.55 -26.88
CA LEU B 133 -9.53 6.68 -27.71
C LEU B 133 -10.62 6.00 -26.90
N ALA B 134 -10.39 5.75 -25.60
CA ALA B 134 -11.32 5.05 -24.74
C ALA B 134 -11.92 5.94 -23.66
N ASN B 135 -11.56 7.22 -23.66
CA ASN B 135 -11.93 8.12 -22.57
C ASN B 135 -12.99 9.13 -23.00
N TRP B 136 -14.12 8.65 -23.52
CA TRP B 136 -15.12 9.59 -24.03
C TRP B 136 -16.52 9.00 -23.95
N LYS B 137 -17.51 9.88 -24.08
CA LYS B 137 -18.91 9.50 -24.13
C LYS B 137 -19.70 10.60 -24.81
N LYS B 138 -20.83 10.22 -25.39
CA LYS B 138 -21.83 11.20 -25.79
C LYS B 138 -22.63 11.64 -24.57
N LYS B 139 -22.92 12.94 -24.51
CA LYS B 139 -23.89 13.43 -23.54
C LYS B 139 -25.28 12.92 -23.91
N ASP B 140 -25.68 13.12 -25.15
CA ASP B 140 -27.00 12.74 -25.67
C ASP B 140 -26.84 11.68 -26.74
N PRO B 141 -27.26 10.44 -26.50
CA PRO B 141 -27.06 9.39 -27.50
C PRO B 141 -27.68 9.69 -28.85
N ASN B 142 -28.69 10.54 -28.91
CA ASN B 142 -29.38 10.78 -30.19
C ASN B 142 -28.73 11.85 -31.04
N LYS B 143 -27.76 12.59 -30.50
CA LYS B 143 -27.10 13.69 -31.17
C LYS B 143 -25.72 13.26 -31.68
N PRO B 144 -25.12 14.02 -32.59
CA PRO B 144 -23.93 13.52 -33.28
C PRO B 144 -22.66 13.67 -32.46
N LEU B 145 -21.55 13.19 -33.03
CA LEU B 145 -20.23 13.30 -32.42
C LEU B 145 -19.67 14.70 -32.65
N THR B 146 -20.13 15.64 -31.85
CA THR B 146 -19.58 16.99 -31.82
C THR B 146 -19.10 17.29 -30.41
N TYR B 147 -18.19 18.27 -30.30
CA TYR B 147 -17.66 18.63 -29.00
C TYR B 147 -18.77 18.93 -28.00
N GLU B 148 -19.81 19.67 -28.44
CA GLU B 148 -20.86 20.09 -27.53
C GLU B 148 -21.67 18.92 -26.99
N ASN B 149 -21.70 17.81 -27.72
CA ASN B 149 -22.39 16.59 -27.28
C ASN B 149 -21.45 15.54 -26.69
N MET B 150 -20.24 15.91 -26.29
CA MET B 150 -19.30 14.91 -25.81
C MET B 150 -18.66 15.32 -24.49
N ASP B 151 -18.17 14.31 -23.76
CA ASP B 151 -17.42 14.56 -22.54
C ASP B 151 -16.38 13.45 -22.38
N VAL B 152 -15.38 13.72 -21.55
CA VAL B 152 -14.41 12.67 -21.22
C VAL B 152 -14.89 11.93 -19.98
N LEU B 153 -14.29 10.76 -19.71
CA LEU B 153 -14.65 9.99 -18.53
C LEU B 153 -13.79 10.36 -17.32
N PHE B 154 -12.51 10.69 -17.52
CA PHE B 154 -11.57 10.98 -16.43
C PHE B 154 -10.70 12.19 -16.77
N SER B 155 -10.48 13.04 -15.76
CA SER B 155 -9.57 14.18 -15.77
C SER B 155 -8.63 14.07 -14.58
N PHE B 156 -7.53 14.83 -14.60
CA PHE B 156 -6.58 14.82 -13.49
C PHE B 156 -6.85 15.93 -12.48
N ARG B 157 -6.93 17.18 -12.94
CA ARG B 157 -7.07 18.32 -12.05
C ARG B 157 -8.13 19.27 -12.59
N ASP B 158 -8.83 19.94 -11.68
CA ASP B 158 -9.72 21.01 -12.10
C ASP B 158 -8.91 22.05 -12.86
N GLY B 159 -9.40 22.44 -14.03
CA GLY B 159 -8.70 23.39 -14.86
C GLY B 159 -7.58 22.85 -15.71
N ASP B 160 -7.42 21.52 -15.82
CA ASP B 160 -6.29 21.00 -16.58
C ASP B 160 -6.54 20.95 -18.09
N CYS B 161 -7.73 21.34 -18.56
CA CYS B 161 -8.10 21.32 -19.97
C CYS B 161 -8.02 19.92 -20.57
N SER B 162 -8.16 18.89 -19.72
CA SER B 162 -8.16 17.51 -20.20
C SER B 162 -9.33 17.28 -21.14
N LYS B 163 -10.53 17.74 -20.79
CA LYS B 163 -11.68 17.55 -21.67
C LYS B 163 -11.38 18.13 -23.04
N GLY B 164 -10.91 19.38 -23.09
CA GLY B 164 -10.65 19.99 -24.37
C GLY B 164 -9.57 19.27 -25.15
N PHE B 165 -8.45 18.96 -24.50
CA PHE B 165 -7.34 18.38 -25.23
C PHE B 165 -7.66 16.96 -25.68
N PHE B 166 -8.28 16.15 -24.79
CA PHE B 166 -8.59 14.77 -25.18
C PHE B 166 -9.68 14.74 -26.24
N LEU B 167 -10.73 15.54 -26.08
CA LEU B 167 -11.83 15.50 -27.04
C LEU B 167 -11.43 16.06 -28.40
N VAL B 168 -10.64 17.14 -28.42
CA VAL B 168 -10.23 17.63 -29.74
C VAL B 168 -9.30 16.64 -30.41
N SER B 169 -8.42 15.98 -29.63
CA SER B 169 -7.64 14.89 -30.19
C SER B 169 -8.57 13.84 -30.80
N LEU B 170 -9.62 13.45 -30.05
CA LEU B 170 -10.55 12.43 -30.52
C LEU B 170 -11.29 12.89 -31.78
N LEU B 171 -11.71 14.14 -31.81
CA LEU B 171 -12.42 14.64 -32.98
C LEU B 171 -11.55 14.61 -34.24
N VAL B 172 -10.23 14.71 -34.08
CA VAL B 172 -9.36 14.49 -35.23
C VAL B 172 -9.37 13.03 -35.65
N GLU B 173 -9.29 12.11 -34.67
CA GLU B 173 -9.43 10.69 -34.99
C GLU B 173 -10.71 10.42 -35.75
N ILE B 174 -11.82 11.03 -35.32
CA ILE B 174 -13.10 10.81 -35.97
C ILE B 174 -13.10 11.39 -37.37
N ALA B 175 -12.58 12.60 -37.54
CA ALA B 175 -12.46 13.17 -38.88
C ALA B 175 -11.65 12.27 -39.80
N ALA B 176 -10.49 11.81 -39.32
CA ALA B 176 -9.67 10.90 -40.11
C ALA B 176 -10.38 9.60 -40.46
N ALA B 177 -11.38 9.18 -39.67
CA ALA B 177 -12.05 7.91 -39.97
C ALA B 177 -12.69 7.91 -41.34
N SER B 178 -13.10 9.09 -41.83
CA SER B 178 -13.71 9.18 -43.15
C SER B 178 -12.70 8.86 -44.25
N ALA B 179 -11.42 9.15 -44.01
CA ALA B 179 -10.37 8.80 -44.96
C ALA B 179 -9.87 7.37 -44.76
N ILE B 180 -9.90 6.88 -43.52
CA ILE B 180 -9.40 5.53 -43.26
C ILE B 180 -10.25 4.50 -44.00
N LYS B 181 -11.56 4.70 -44.02
CA LYS B 181 -12.46 3.72 -44.63
C LYS B 181 -12.34 3.68 -46.14
N VAL B 182 -11.63 4.64 -46.73
CA VAL B 182 -11.37 4.64 -48.17
C VAL B 182 -10.11 3.85 -48.50
N ILE B 183 -9.25 3.60 -47.50
CA ILE B 183 -7.98 2.91 -47.77
C ILE B 183 -8.18 1.57 -48.46
N PRO B 184 -9.12 0.72 -48.06
CA PRO B 184 -9.33 -0.52 -48.84
C PRO B 184 -9.69 -0.27 -50.29
N THR B 185 -10.45 0.79 -50.58
CA THR B 185 -10.78 1.10 -51.97
C THR B 185 -9.53 1.44 -52.77
N VAL B 186 -8.56 2.13 -52.15
CA VAL B 186 -7.34 2.49 -52.84
C VAL B 186 -6.60 1.24 -53.32
N PHE B 187 -6.49 0.24 -52.45
CA PHE B 187 -5.72 -0.95 -52.81
C PHE B 187 -6.49 -1.84 -53.76
N LYS B 188 -7.81 -1.97 -53.58
CA LYS B 188 -8.60 -2.76 -54.52
C LYS B 188 -8.55 -2.14 -55.91
N ALA B 189 -8.55 -0.81 -55.99
CA ALA B 189 -8.52 -0.14 -57.29
C ALA B 189 -7.20 -0.40 -58.01
N MET B 190 -6.08 -0.36 -57.28
CA MET B 190 -4.79 -0.68 -57.89
C MET B 190 -4.77 -2.12 -58.37
N GLN B 191 -5.22 -3.03 -57.53
CA GLN B 191 -5.21 -4.45 -57.87
C GLN B 191 -6.09 -4.73 -59.09
N MET B 192 -7.26 -4.09 -59.16
CA MET B 192 -8.18 -4.28 -60.27
C MET B 192 -7.92 -3.35 -61.44
N GLN B 193 -6.86 -2.54 -61.37
CA GLN B 193 -6.54 -1.59 -62.42
C GLN B 193 -7.76 -0.72 -62.77
N GLU B 194 -8.30 -0.08 -61.74
CA GLU B 194 -9.49 0.77 -61.86
C GLU B 194 -9.05 2.21 -61.65
N ARG B 195 -8.59 2.84 -62.74
CA ARG B 195 -7.97 4.16 -62.66
C ARG B 195 -8.93 5.20 -62.10
N ASP B 196 -10.16 5.22 -62.62
CA ASP B 196 -11.11 6.25 -62.17
C ASP B 196 -11.46 6.06 -60.70
N THR B 197 -11.59 4.80 -60.25
CA THR B 197 -11.88 4.53 -58.85
C THR B 197 -10.73 4.99 -57.96
N LEU B 198 -9.51 4.63 -58.33
CA LEU B 198 -8.34 5.07 -57.56
C LEU B 198 -8.30 6.59 -57.47
N LEU B 199 -8.47 7.26 -58.62
CA LEU B 199 -8.45 8.72 -58.64
C LEU B 199 -9.46 9.30 -57.67
N LYS B 200 -10.69 8.78 -57.70
CA LYS B 200 -11.74 9.29 -56.83
C LYS B 200 -11.41 9.03 -55.36
N ALA B 201 -10.84 7.87 -55.05
CA ALA B 201 -10.51 7.52 -53.68
C ALA B 201 -9.44 8.45 -53.12
N LEU B 202 -8.40 8.72 -53.90
CA LEU B 202 -7.34 9.62 -53.46
C LEU B 202 -7.87 11.02 -53.23
N LEU B 203 -8.74 11.53 -54.12
CA LEU B 203 -9.30 12.87 -53.89
C LEU B 203 -10.18 12.91 -52.64
N GLU B 204 -10.89 11.81 -52.36
CA GLU B 204 -11.74 11.78 -51.17
C GLU B 204 -10.90 11.75 -49.90
N ILE B 205 -9.77 11.03 -49.92
CA ILE B 205 -8.84 11.06 -48.79
C ILE B 205 -8.31 12.48 -48.59
N ALA B 206 -7.87 13.12 -49.68
CA ALA B 206 -7.38 14.49 -49.55
C ALA B 206 -8.46 15.40 -48.97
N SER B 207 -9.71 15.23 -49.41
CA SER B 207 -10.79 16.05 -48.88
C SER B 207 -10.97 15.81 -47.37
N CYS B 208 -10.93 14.55 -46.94
CA CYS B 208 -11.11 14.25 -45.52
C CYS B 208 -9.95 14.78 -44.68
N LEU B 209 -8.73 14.74 -45.22
CA LEU B 209 -7.60 15.32 -44.51
C LEU B 209 -7.73 16.84 -44.42
N GLU B 210 -8.30 17.48 -45.44
CA GLU B 210 -8.56 18.91 -45.32
C GLU B 210 -9.58 19.19 -44.21
N LYS B 211 -10.58 18.31 -44.06
CA LYS B 211 -11.55 18.50 -42.97
C LYS B 211 -10.92 18.25 -41.61
N ALA B 212 -10.02 17.28 -41.50
CA ALA B 212 -9.30 17.08 -40.25
C ALA B 212 -8.52 18.32 -39.84
N LEU B 213 -7.99 19.06 -40.83
CA LEU B 213 -7.30 20.31 -40.54
C LEU B 213 -8.24 21.32 -39.91
N GLN B 214 -9.48 21.37 -40.39
CA GLN B 214 -10.44 22.28 -39.77
C GLN B 214 -10.72 21.88 -38.33
N VAL B 215 -10.74 20.58 -38.05
CA VAL B 215 -10.93 20.13 -36.66
C VAL B 215 -9.79 20.62 -35.78
N PHE B 216 -8.56 20.61 -36.30
CA PHE B 216 -7.41 21.12 -35.56
C PHE B 216 -7.70 22.49 -34.98
N HIS B 217 -8.44 23.33 -35.72
CA HIS B 217 -8.71 24.69 -35.26
C HIS B 217 -9.52 24.72 -33.98
N GLN B 218 -10.20 23.62 -33.61
CA GLN B 218 -11.01 23.63 -32.41
C GLN B 218 -10.19 23.65 -31.13
N ILE B 219 -8.88 23.36 -31.20
CA ILE B 219 -8.11 23.31 -29.95
C ILE B 219 -8.13 24.65 -29.26
N HIS B 220 -8.16 25.74 -30.02
CA HIS B 220 -7.96 27.07 -29.46
C HIS B 220 -9.09 27.47 -28.52
N ASP B 221 -10.30 26.97 -28.73
CA ASP B 221 -11.39 27.42 -27.87
C ASP B 221 -11.60 26.52 -26.67
N HIS B 222 -10.89 25.39 -26.59
CA HIS B 222 -11.11 24.45 -25.50
C HIS B 222 -9.85 24.09 -24.71
N VAL B 223 -8.69 24.60 -25.10
CA VAL B 223 -7.45 24.32 -24.39
C VAL B 223 -6.73 25.64 -24.18
N ASN B 224 -6.44 25.93 -22.92
CA ASN B 224 -5.71 27.12 -22.49
C ASN B 224 -4.22 26.80 -22.46
N PRO B 225 -3.37 27.57 -23.14
CA PRO B 225 -1.93 27.21 -23.20
C PRO B 225 -1.26 27.09 -21.83
N LYS B 226 -1.54 28.00 -20.91
CA LYS B 226 -0.89 27.94 -19.59
C LYS B 226 -1.27 26.67 -18.84
N ALA B 227 -2.56 26.36 -18.80
CA ALA B 227 -3.01 25.16 -18.12
C ALA B 227 -2.47 23.91 -18.79
N PHE B 228 -2.43 23.90 -20.13
CA PHE B 228 -1.90 22.74 -20.84
C PHE B 228 -0.43 22.52 -20.51
N PHE B 229 0.38 23.57 -20.65
CA PHE B 229 1.81 23.42 -20.47
C PHE B 229 2.17 23.12 -19.03
N SER B 230 1.55 23.81 -18.07
CA SER B 230 1.97 23.69 -16.69
C SER B 230 1.25 22.60 -15.89
N VAL B 231 0.11 22.11 -16.38
CA VAL B 231 -0.64 21.10 -15.63
C VAL B 231 -0.79 19.82 -16.44
N LEU B 232 -1.54 19.88 -17.55
CA LEU B 232 -1.87 18.65 -18.26
C LEU B 232 -0.62 17.89 -18.69
N ARG B 233 0.36 18.60 -19.28
CA ARG B 233 1.56 17.95 -19.77
C ARG B 233 2.31 17.26 -18.64
N ILE B 234 2.24 17.82 -17.42
CA ILE B 234 2.91 17.20 -16.28
C ILE B 234 2.35 15.80 -16.05
N TYR B 235 1.01 15.68 -16.07
CA TYR B 235 0.35 14.41 -15.78
C TYR B 235 0.45 13.41 -16.92
N LEU B 236 0.65 13.87 -18.15
CA LEU B 236 0.86 12.96 -19.27
C LEU B 236 2.31 12.54 -19.42
N SER B 237 3.21 13.09 -18.61
CA SER B 237 4.62 12.81 -18.74
C SER B 237 4.92 11.36 -18.35
N GLY B 238 5.94 10.80 -18.98
CA GLY B 238 6.37 9.45 -18.70
C GLY B 238 7.65 9.40 -17.90
N TRP B 239 8.29 8.24 -17.93
CA TRP B 239 9.52 8.00 -17.20
C TRP B 239 10.53 7.34 -18.11
N LYS B 240 10.71 7.92 -19.29
CA LYS B 240 11.78 7.51 -20.19
C LYS B 240 12.64 8.73 -20.47
N GLY B 241 13.91 8.64 -20.09
CA GLY B 241 14.79 9.80 -20.20
C GLY B 241 14.32 10.98 -19.39
N ASN B 242 13.63 10.72 -18.27
CA ASN B 242 13.08 11.77 -17.44
C ASN B 242 13.98 11.96 -16.24
N PRO B 243 14.63 13.11 -16.10
CA PRO B 243 15.51 13.32 -14.92
C PRO B 243 14.78 13.17 -13.60
N GLN B 244 13.46 13.38 -13.56
CA GLN B 244 12.72 13.20 -12.31
C GLN B 244 12.65 11.75 -11.89
N LEU B 245 12.68 10.82 -12.84
CA LEU B 245 12.69 9.38 -12.56
C LEU B 245 13.71 8.75 -13.51
N SER B 246 14.99 9.03 -13.27
CA SER B 246 16.01 8.79 -14.31
C SER B 246 16.21 7.31 -14.60
N ASP B 247 15.80 6.41 -13.69
CA ASP B 247 15.90 4.99 -13.93
C ASP B 247 14.57 4.37 -14.36
N GLY B 248 13.51 5.15 -14.44
CA GLY B 248 12.21 4.59 -14.70
C GLY B 248 11.42 4.42 -13.41
N LEU B 249 10.36 3.62 -13.53
CA LEU B 249 9.43 3.40 -12.43
C LEU B 249 9.51 1.96 -11.97
N VAL B 250 9.48 1.74 -10.67
CA VAL B 250 9.40 0.38 -10.15
C VAL B 250 7.94 -0.05 -10.13
N TYR B 251 7.64 -1.12 -10.85
CA TYR B 251 6.31 -1.75 -10.84
C TYR B 251 6.39 -2.82 -9.76
N GLU B 252 6.11 -2.41 -8.53
CA GLU B 252 6.38 -3.24 -7.36
C GLU B 252 5.62 -4.55 -7.44
N GLY B 253 6.33 -5.65 -7.22
CA GLY B 253 5.70 -6.95 -7.24
C GLY B 253 5.63 -7.60 -8.61
N PHE B 254 5.95 -6.85 -9.66
CA PHE B 254 5.92 -7.40 -11.00
C PHE B 254 7.31 -7.52 -11.60
N TRP B 255 8.05 -6.41 -11.67
CA TRP B 255 9.44 -6.41 -12.09
C TRP B 255 10.30 -5.86 -10.95
N GLU B 256 11.47 -6.46 -10.73
CA GLU B 256 12.30 -6.01 -9.62
C GLU B 256 12.95 -4.66 -9.90
N ASP B 257 13.52 -4.50 -11.08
CA ASP B 257 14.21 -3.27 -11.46
C ASP B 257 13.25 -2.30 -12.13
N PRO B 258 13.45 -1.00 -11.96
CA PRO B 258 12.59 -0.02 -12.64
C PRO B 258 12.63 -0.17 -14.15
N LYS B 259 11.54 0.26 -14.79
CA LYS B 259 11.42 0.24 -16.24
C LYS B 259 11.02 1.61 -16.75
N GLU B 260 11.52 1.93 -17.94
CA GLU B 260 11.30 3.21 -18.58
C GLU B 260 10.23 3.07 -19.65
N PHE B 261 9.25 3.95 -19.62
CA PHE B 261 8.24 4.02 -20.67
C PHE B 261 7.97 5.49 -20.98
N ALA B 262 7.78 5.80 -22.25
CA ALA B 262 7.55 7.16 -22.68
C ALA B 262 6.14 7.63 -22.33
N GLY B 263 6.00 8.93 -22.09
CA GLY B 263 4.70 9.52 -21.89
C GLY B 263 4.02 9.80 -23.23
N GLY B 264 2.80 10.34 -23.14
CA GLY B 264 1.97 10.47 -24.33
C GLY B 264 2.40 11.61 -25.23
N SER B 265 2.23 11.41 -26.53
CA SER B 265 2.45 12.46 -27.51
C SER B 265 1.61 12.15 -28.74
N ALA B 266 1.51 13.14 -29.64
CA ALA B 266 0.71 12.97 -30.85
C ALA B 266 1.21 11.80 -31.69
N GLY B 267 2.50 11.48 -31.59
CA GLY B 267 3.06 10.34 -32.28
C GLY B 267 2.45 9.00 -31.90
N GLN B 268 1.70 8.93 -30.79
CA GLN B 268 1.03 7.67 -30.48
C GLN B 268 -0.24 7.47 -31.29
N SER B 269 -0.78 8.52 -31.90
CA SER B 269 -1.93 8.32 -32.78
C SER B 269 -1.52 7.53 -34.02
N SER B 270 -2.34 6.54 -34.39
CA SER B 270 -2.10 5.81 -35.62
C SER B 270 -2.40 6.67 -36.84
N VAL B 271 -3.27 7.66 -36.65
CA VAL B 271 -3.63 8.59 -37.72
C VAL B 271 -2.42 9.42 -38.10
N PHE B 272 -1.61 9.78 -37.11
CA PHE B 272 -0.41 10.56 -37.36
C PHE B 272 0.56 9.84 -38.32
N GLN B 273 0.49 8.50 -38.41
CA GLN B 273 1.41 7.72 -39.23
C GLN B 273 0.77 6.98 -40.40
N CYS B 274 -0.52 6.68 -40.35
CA CYS B 274 -1.12 5.75 -41.31
CA CYS B 274 -1.08 5.73 -41.32
C CYS B 274 -1.13 6.33 -42.72
N PHE B 275 -1.35 7.64 -42.85
CA PHE B 275 -1.41 8.21 -44.19
C PHE B 275 -0.03 8.39 -44.80
N ASP B 276 1.01 8.55 -43.97
CA ASP B 276 2.37 8.52 -44.49
C ASP B 276 2.69 7.15 -45.07
N VAL B 277 2.34 6.09 -44.35
CA VAL B 277 2.58 4.74 -44.86
C VAL B 277 1.77 4.50 -46.13
N LEU B 278 0.49 4.87 -46.11
CA LEU B 278 -0.37 4.70 -47.28
C LEU B 278 0.25 5.33 -48.52
N LEU B 279 0.82 6.53 -48.38
CA LEU B 279 1.32 7.30 -49.50
C LEU B 279 2.79 7.03 -49.80
N GLY B 280 3.41 6.06 -49.13
CA GLY B 280 4.80 5.78 -49.42
C GLY B 280 5.77 6.82 -48.91
N ILE B 281 5.32 7.69 -48.01
CA ILE B 281 6.21 8.60 -47.30
C ILE B 281 6.87 7.82 -46.16
N GLN B 282 8.20 7.71 -46.22
CA GLN B 282 8.92 6.80 -45.31
C GLN B 282 9.43 7.59 -44.11
N GLN B 283 8.53 7.77 -43.13
CA GLN B 283 8.89 8.50 -41.92
C GLN B 283 9.74 7.66 -41.00
N THR B 284 9.62 6.33 -41.07
CA THR B 284 10.34 5.43 -40.17
C THR B 284 11.55 4.79 -40.82
N ALA B 285 11.99 5.29 -41.97
CA ALA B 285 13.16 4.74 -42.63
C ALA B 285 14.43 5.35 -42.06
N GLY B 286 15.46 4.52 -41.95
CA GLY B 286 16.73 4.97 -41.40
C GLY B 286 16.81 4.78 -39.90
N GLY B 287 17.81 5.44 -39.33
CA GLY B 287 18.04 5.35 -37.90
C GLY B 287 18.07 6.72 -37.25
N GLY B 288 17.57 7.74 -37.96
CA GLY B 288 17.46 9.06 -37.37
C GLY B 288 16.46 9.08 -36.23
N HIS B 289 16.57 10.12 -35.39
CA HIS B 289 15.76 10.21 -34.18
C HIS B 289 14.27 10.12 -34.50
N ALA B 290 13.82 10.85 -35.53
CA ALA B 290 12.40 10.88 -35.85
C ALA B 290 11.90 9.50 -36.26
N ALA B 291 12.68 8.79 -37.07
CA ALA B 291 12.26 7.47 -37.55
C ALA B 291 12.16 6.46 -36.41
N GLN B 292 13.20 6.39 -35.56
CA GLN B 292 13.13 5.45 -34.43
C GLN B 292 12.06 5.85 -33.44
N PHE B 293 11.82 7.14 -33.26
CA PHE B 293 10.75 7.55 -32.35
C PHE B 293 9.38 7.10 -32.87
N LEU B 294 9.11 7.38 -34.15
CA LEU B 294 7.85 6.92 -34.73
C LEU B 294 7.73 5.41 -34.69
N GLN B 295 8.83 4.70 -34.94
CA GLN B 295 8.78 3.25 -34.83
C GLN B 295 8.55 2.81 -33.39
N ASP B 296 9.17 3.49 -32.43
CA ASP B 296 8.97 3.14 -31.03
C ASP B 296 7.52 3.37 -30.60
N MET B 297 6.93 4.47 -31.07
CA MET B 297 5.56 4.81 -30.66
C MET B 297 4.53 3.78 -31.14
N ARG B 298 4.83 3.00 -32.19
CA ARG B 298 3.90 1.93 -32.54
C ARG B 298 3.71 0.95 -31.40
N ARG B 299 4.73 0.77 -30.55
CA ARG B 299 4.60 -0.13 -29.42
C ARG B 299 3.58 0.37 -28.41
N TYR B 300 3.21 1.66 -28.49
CA TYR B 300 2.25 2.27 -27.59
C TYR B 300 0.85 2.29 -28.18
N MET B 301 0.67 1.76 -29.41
CA MET B 301 -0.62 1.63 -30.04
C MET B 301 -1.19 0.25 -29.78
N PRO B 302 -2.51 0.14 -29.76
CA PRO B 302 -3.16 -1.18 -29.65
C PRO B 302 -2.61 -2.13 -30.70
N PRO B 303 -2.49 -3.41 -30.36
CA PRO B 303 -1.85 -4.35 -31.28
C PRO B 303 -2.54 -4.43 -32.64
N ALA B 304 -3.88 -4.42 -32.67
CA ALA B 304 -4.57 -4.45 -33.95
C ALA B 304 -4.18 -3.27 -34.83
N HIS B 305 -3.92 -2.11 -34.23
CA HIS B 305 -3.60 -0.92 -35.02
C HIS B 305 -2.16 -0.96 -35.49
N ARG B 306 -1.26 -1.43 -34.62
CA ARG B 306 0.09 -1.79 -35.02
C ARG B 306 0.07 -2.70 -36.25
N ASN B 307 -0.75 -3.75 -36.20
CA ASN B 307 -0.83 -4.69 -37.31
C ASN B 307 -1.32 -4.03 -38.57
N PHE B 308 -2.30 -3.13 -38.44
CA PHE B 308 -2.83 -2.41 -39.59
C PHE B 308 -1.72 -1.61 -40.28
N LEU B 309 -0.95 -0.85 -39.50
CA LEU B 309 0.18 -0.12 -40.06
C LEU B 309 1.13 -1.05 -40.81
N CYS B 310 1.41 -2.22 -40.23
CA CYS B 310 2.32 -3.16 -40.89
C CYS B 310 1.71 -3.67 -42.19
N SER B 311 0.42 -3.99 -42.19
CA SER B 311 -0.20 -4.48 -43.41
C SER B 311 -0.17 -3.42 -44.50
N LEU B 312 -0.33 -2.14 -44.13
CA LEU B 312 -0.18 -1.08 -45.12
C LEU B 312 1.21 -1.09 -45.73
N GLU B 313 2.24 -1.26 -44.89
CA GLU B 313 3.62 -1.26 -45.39
C GLU B 313 3.86 -2.39 -46.39
N SER B 314 3.26 -3.55 -46.15
CA SER B 314 3.50 -4.70 -47.01
C SER B 314 2.66 -4.68 -48.28
N ASN B 315 1.71 -3.77 -48.40
CA ASN B 315 0.86 -3.70 -49.58
C ASN B 315 1.63 -3.05 -50.74
N PRO B 316 1.18 -3.25 -51.98
CA PRO B 316 1.84 -2.58 -53.11
C PRO B 316 1.85 -1.06 -52.94
N SER B 317 2.93 -0.44 -53.40
CA SER B 317 3.11 0.99 -53.19
C SER B 317 2.12 1.80 -54.01
N VAL B 318 1.35 2.65 -53.34
CA VAL B 318 0.51 3.61 -54.04
C VAL B 318 1.36 4.60 -54.82
N ARG B 319 2.45 5.07 -54.21
CA ARG B 319 3.30 6.07 -54.84
C ARG B 319 3.89 5.53 -56.14
N GLU B 320 4.40 4.30 -56.14
CA GLU B 320 4.99 3.75 -57.34
C GLU B 320 3.92 3.43 -58.37
N PHE B 321 2.71 3.10 -57.94
CA PHE B 321 1.60 2.93 -58.89
C PHE B 321 1.33 4.23 -59.63
N VAL B 322 1.15 5.32 -58.89
CA VAL B 322 0.85 6.61 -59.52
C VAL B 322 2.03 7.08 -60.37
N LEU B 323 3.25 6.83 -59.90
CA LEU B 323 4.44 7.32 -60.60
C LEU B 323 4.66 6.60 -61.93
N SER B 324 4.01 5.47 -62.14
CA SER B 324 4.30 4.57 -63.24
C SER B 324 3.31 4.66 -64.39
N LYS B 325 2.26 5.46 -64.25
CA LYS B 325 1.15 5.41 -65.20
C LYS B 325 1.10 6.59 -66.15
N GLY B 326 2.03 7.54 -66.04
CA GLY B 326 2.01 8.72 -66.90
C GLY B 326 0.70 9.45 -66.89
N ASP B 327 0.11 9.60 -65.71
CA ASP B 327 -1.28 10.05 -65.55
C ASP B 327 -1.28 11.29 -64.67
N ALA B 328 -1.42 12.47 -65.29
CA ALA B 328 -1.40 13.71 -64.55
C ALA B 328 -2.57 13.80 -63.56
N GLY B 329 -3.73 13.26 -63.93
CA GLY B 329 -4.85 13.24 -63.00
C GLY B 329 -4.50 12.51 -61.71
N LEU B 330 -3.97 11.29 -61.82
CA LEU B 330 -3.56 10.53 -60.65
C LEU B 330 -2.46 11.25 -59.88
N ARG B 331 -1.51 11.86 -60.59
CA ARG B 331 -0.42 12.55 -59.91
C ARG B 331 -0.94 13.72 -59.09
N GLU B 332 -1.86 14.51 -59.66
CA GLU B 332 -2.40 15.64 -58.90
C GLU B 332 -3.22 15.19 -57.70
N ALA B 333 -3.90 14.04 -57.80
CA ALA B 333 -4.69 13.55 -56.68
C ALA B 333 -3.80 13.02 -55.56
N TYR B 334 -2.75 12.28 -55.93
CA TYR B 334 -1.77 11.86 -54.92
C TYR B 334 -1.14 13.07 -54.25
N ASP B 335 -0.74 14.07 -55.05
CA ASP B 335 -0.18 15.30 -54.50
C ASP B 335 -1.19 16.05 -53.64
N ALA B 336 -2.48 15.92 -53.92
CA ALA B 336 -3.47 16.58 -53.08
C ALA B 336 -3.46 15.99 -51.67
N CYS B 337 -3.24 14.68 -51.57
CA CYS B 337 -3.10 14.05 -50.26
C CYS B 337 -1.82 14.51 -49.56
N VAL B 338 -0.70 14.51 -50.28
CA VAL B 338 0.56 14.96 -49.70
C VAL B 338 0.45 16.41 -49.23
N LYS B 339 -0.13 17.27 -50.07
CA LYS B 339 -0.35 18.66 -49.71
C LYS B 339 -1.15 18.77 -48.42
N ALA B 340 -2.20 17.97 -48.28
CA ALA B 340 -3.02 18.03 -47.08
C ALA B 340 -2.22 17.61 -45.86
N LEU B 341 -1.37 16.58 -46.01
CA LEU B 341 -0.50 16.18 -44.90
C LEU B 341 0.50 17.28 -44.55
N VAL B 342 1.09 17.91 -45.56
CA VAL B 342 1.99 19.03 -45.28
C VAL B 342 1.26 20.10 -44.48
N SER B 343 0.01 20.42 -44.86
CA SER B 343 -0.75 21.45 -44.16
C SER B 343 -1.00 21.05 -42.71
N LEU B 344 -1.33 19.79 -42.48
CA LEU B 344 -1.54 19.31 -41.12
C LEU B 344 -0.26 19.43 -40.29
N ARG B 345 0.88 19.07 -40.88
CA ARG B 345 2.13 19.20 -40.14
C ARG B 345 2.46 20.65 -39.84
N SER B 346 2.18 21.56 -40.79
CA SER B 346 2.46 22.96 -40.52
C SER B 346 1.59 23.48 -39.39
N TYR B 347 0.31 23.08 -39.37
CA TYR B 347 -0.56 23.52 -38.29
C TYR B 347 -0.14 22.91 -36.97
N HIS B 348 0.31 21.65 -36.99
CA HIS B 348 0.84 20.99 -35.81
C HIS B 348 1.97 21.80 -35.20
N LEU B 349 2.84 22.36 -36.06
CA LEU B 349 3.93 23.20 -35.57
C LEU B 349 3.41 24.48 -34.95
N GLN B 350 2.35 25.08 -35.52
CA GLN B 350 1.75 26.25 -34.88
C GLN B 350 1.25 25.91 -33.49
N ILE B 351 0.67 24.72 -33.32
CA ILE B 351 0.19 24.32 -32.00
C ILE B 351 1.35 24.18 -31.02
N VAL B 352 2.46 23.57 -31.44
CA VAL B 352 3.62 23.44 -30.56
C VAL B 352 4.12 24.82 -30.14
N THR B 353 4.15 25.75 -31.09
CA THR B 353 4.57 27.12 -30.75
C THR B 353 3.67 27.72 -29.69
N LYS B 354 2.35 27.66 -29.90
CA LYS B 354 1.42 28.30 -28.97
C LYS B 354 1.35 27.54 -27.64
N TYR B 355 1.33 26.21 -27.67
CA TYR B 355 0.98 25.47 -26.47
C TYR B 355 2.20 25.01 -25.67
N ILE B 356 3.40 25.04 -26.26
CA ILE B 356 4.60 24.59 -25.56
C ILE B 356 5.69 25.65 -25.59
N LEU B 357 6.10 26.09 -26.78
CA LEU B 357 7.25 27.00 -26.89
C LEU B 357 7.03 28.29 -26.11
N ILE B 358 5.91 28.96 -26.38
CA ILE B 358 5.62 30.25 -25.75
C ILE B 358 5.40 30.11 -24.25
N PRO B 359 4.59 29.16 -23.77
CA PRO B 359 4.45 29.02 -22.31
C PRO B 359 5.76 28.68 -21.61
N ALA B 360 6.63 27.91 -22.25
CA ALA B 360 7.91 27.58 -21.65
C ALA B 360 8.74 28.82 -21.42
N SER B 361 8.69 29.78 -22.35
CA SER B 361 9.43 31.02 -22.23
C SER B 361 8.84 32.00 -21.22
N GLN B 362 7.92 31.54 -20.36
CA GLN B 362 7.38 32.37 -19.28
C GLN B 362 7.37 31.61 -17.96
N ALA B 378 12.43 15.97 -19.66
CA ALA B 378 12.58 14.62 -20.23
C ALA B 378 13.08 14.67 -21.70
N LYS B 379 14.00 13.75 -22.02
CA LYS B 379 14.65 13.76 -23.34
C LYS B 379 13.62 13.73 -24.47
N GLY B 380 13.81 14.63 -25.44
CA GLY B 380 12.96 14.67 -26.61
C GLY B 380 11.56 15.21 -26.38
N THR B 381 11.23 15.67 -25.18
CA THR B 381 9.94 16.28 -24.91
C THR B 381 10.01 17.79 -24.75
N GLY B 382 11.20 18.38 -24.78
CA GLY B 382 11.31 19.82 -24.78
C GLY B 382 10.72 20.41 -26.06
N GLY B 383 10.29 21.67 -25.96
CA GLY B 383 9.65 22.30 -27.10
C GLY B 383 10.50 22.28 -28.35
N THR B 384 11.81 22.54 -28.20
CA THR B 384 12.69 22.61 -29.35
C THR B 384 12.85 21.27 -30.02
N ASP B 385 13.06 20.20 -29.24
CA ASP B 385 13.16 18.87 -29.84
C ASP B 385 11.87 18.50 -30.55
N LEU B 386 10.72 18.88 -29.98
CA LEU B 386 9.44 18.58 -30.59
C LEU B 386 9.29 19.30 -31.92
N MET B 387 9.64 20.59 -31.96
CA MET B 387 9.60 21.33 -33.22
C MET B 387 10.51 20.70 -34.25
N ASN B 388 11.77 20.43 -33.89
CA ASN B 388 12.69 19.86 -34.85
C ASN B 388 12.17 18.53 -35.37
N PHE B 389 11.60 17.70 -34.49
CA PHE B 389 11.02 16.43 -34.92
C PHE B 389 9.90 16.68 -35.95
N LEU B 390 9.02 17.64 -35.67
CA LEU B 390 7.92 17.87 -36.59
C LEU B 390 8.39 18.52 -37.89
N LYS B 391 9.39 19.41 -37.82
CA LYS B 391 9.96 19.94 -39.06
C LYS B 391 10.57 18.83 -39.90
N THR B 392 11.21 17.86 -39.26
CA THR B 392 11.71 16.70 -39.99
C THR B 392 10.58 15.94 -40.68
N VAL B 393 9.52 15.63 -39.92
CA VAL B 393 8.38 14.90 -40.49
C VAL B 393 7.77 15.70 -41.64
N ARG B 394 7.69 17.03 -41.50
CA ARG B 394 7.09 17.83 -42.57
C ARG B 394 7.97 17.83 -43.81
N SER B 395 9.27 18.11 -43.64
CA SER B 395 10.15 18.14 -44.80
C SER B 395 10.15 16.80 -45.53
N THR B 396 10.11 15.69 -44.78
CA THR B 396 9.98 14.38 -45.40
C THR B 396 8.70 14.28 -46.21
N THR B 397 7.60 14.83 -45.69
CA THR B 397 6.33 14.82 -46.42
C THR B 397 6.44 15.67 -47.69
N GLU B 398 6.98 16.88 -47.55
CA GLU B 398 7.13 17.79 -48.69
C GLU B 398 7.95 17.16 -49.81
N LYS B 399 8.97 16.37 -49.46
CA LYS B 399 9.83 15.76 -50.46
C LYS B 399 9.11 14.69 -51.26
N SER B 400 7.97 14.21 -50.78
CA SER B 400 7.20 13.22 -51.52
C SER B 400 6.28 13.82 -52.58
N LEU B 401 6.12 15.14 -52.61
CA LEU B 401 5.38 15.77 -53.68
C LEU B 401 5.98 15.36 -55.02
N LEU B 402 5.11 15.17 -56.01
CA LEU B 402 5.56 14.88 -57.35
C LEU B 402 5.91 16.15 -58.12
N LYS B 403 5.31 17.27 -57.75
CA LYS B 403 5.65 18.59 -58.26
C LYS B 403 5.96 19.51 -57.09
N ALA C 16 -32.87 24.64 8.00
CA ALA C 16 -33.19 26.06 8.18
C ALA C 16 -32.60 26.58 9.49
N TYR C 17 -32.50 25.69 10.47
CA TYR C 17 -31.85 25.97 11.74
C TYR C 17 -30.40 25.51 11.75
N HIS C 18 -29.87 25.14 10.58
CA HIS C 18 -28.51 24.63 10.45
C HIS C 18 -28.26 23.48 11.42
N ILE C 19 -29.21 22.55 11.44
CA ILE C 19 -29.09 21.32 12.21
C ILE C 19 -28.95 20.17 11.24
N ASP C 20 -27.91 19.38 11.42
CA ASP C 20 -27.65 18.27 10.51
C ASP C 20 -28.31 17.01 11.04
N GLU C 21 -28.80 16.18 10.12
CA GLU C 21 -29.44 14.93 10.51
C GLU C 21 -28.47 14.01 11.22
N GLU C 22 -27.23 13.94 10.73
CA GLU C 22 -26.26 13.02 11.29
C GLU C 22 -25.49 13.58 12.48
N VAL C 23 -25.06 14.85 12.42
CA VAL C 23 -24.20 15.37 13.48
C VAL C 23 -24.86 16.52 14.23
N GLY C 24 -26.13 16.78 13.98
CA GLY C 24 -26.90 17.68 14.83
C GLY C 24 -26.42 19.11 14.79
N PHE C 25 -26.09 19.66 15.95
CA PHE C 25 -25.60 21.04 16.00
C PHE C 25 -24.17 21.16 15.50
N ALA C 26 -23.44 20.04 15.39
CA ALA C 26 -22.07 20.10 14.93
C ALA C 26 -22.02 20.55 13.47
N LEU C 27 -20.90 21.15 13.08
CA LEU C 27 -20.73 21.55 11.71
C LEU C 27 -20.37 20.33 10.86
N PRO C 28 -21.16 19.97 9.85
CA PRO C 28 -20.84 18.77 9.06
C PRO C 28 -19.59 18.99 8.22
N ASN C 29 -18.76 17.95 8.14
CA ASN C 29 -17.53 17.94 7.34
C ASN C 29 -16.84 19.29 7.38
N PRO C 30 -16.32 19.73 8.53
CA PRO C 30 -15.71 21.07 8.60
C PRO C 30 -14.56 21.22 7.62
N GLN C 31 -14.33 22.47 7.22
CA GLN C 31 -13.22 22.76 6.34
C GLN C 31 -11.92 22.73 7.14
N GLU C 32 -10.86 22.23 6.50
CA GLU C 32 -9.58 22.07 7.16
C GLU C 32 -8.52 23.07 6.71
N ASN C 33 -8.65 23.61 5.52
CA ASN C 33 -7.67 24.54 4.96
C ASN C 33 -8.34 25.85 4.60
N LEU C 34 -7.63 26.96 4.81
CA LEU C 34 -8.06 28.27 4.35
C LEU C 34 -7.40 28.59 3.02
N PRO C 35 -7.89 29.61 2.30
CA PRO C 35 -7.16 30.11 1.12
C PRO C 35 -5.71 30.44 1.48
N ASP C 36 -4.82 30.32 0.49
CA ASP C 36 -3.40 30.59 0.70
C ASP C 36 -3.17 31.98 1.27
N PHE C 37 -4.08 32.91 0.99
CA PHE C 37 -4.02 34.25 1.55
C PHE C 37 -3.79 34.24 3.05
N TYR C 38 -4.35 33.24 3.76
CA TYR C 38 -4.29 33.20 5.22
C TYR C 38 -3.24 32.23 5.75
N ASN C 39 -2.26 31.82 4.94
CA ASN C 39 -1.23 30.88 5.39
C ASN C 39 -0.59 31.32 6.70
N ASP C 40 -0.35 32.64 6.85
CA ASP C 40 0.36 33.13 8.02
C ASP C 40 -0.44 32.90 9.30
N TRP C 41 -1.77 33.00 9.23
CA TRP C 41 -2.61 32.60 10.36
C TRP C 41 -2.55 31.10 10.59
N MET C 42 -2.73 30.33 9.50
CA MET C 42 -2.82 28.88 9.67
C MET C 42 -1.52 28.33 10.23
N PHE C 43 -0.38 28.88 9.83
CA PHE C 43 0.86 28.37 10.40
C PHE C 43 0.88 28.52 11.90
N ILE C 44 0.49 29.69 12.42
CA ILE C 44 0.52 29.88 13.86
C ILE C 44 -0.45 28.93 14.53
N ALA C 45 -1.68 28.82 14.00
CA ALA C 45 -2.69 28.02 14.67
C ALA C 45 -2.32 26.54 14.66
N LYS C 46 -1.64 26.07 13.63
CA LYS C 46 -1.23 24.67 13.52
C LYS C 46 -0.01 24.33 14.36
N HIS C 47 0.68 25.33 14.90
CA HIS C 47 1.92 25.10 15.63
C HIS C 47 1.87 25.68 17.03
N LEU C 48 0.68 25.84 17.59
CA LEU C 48 0.59 26.40 18.94
C LEU C 48 1.43 25.64 19.98
N PRO C 49 1.45 24.30 20.03
CA PRO C 49 2.29 23.65 21.05
C PRO C 49 3.74 24.10 20.97
N ASP C 50 4.35 24.04 19.78
CA ASP C 50 5.75 24.43 19.65
C ASP C 50 5.95 25.92 19.90
N LEU C 51 5.07 26.76 19.35
CA LEU C 51 5.27 28.21 19.46
C LEU C 51 5.07 28.69 20.89
N ILE C 52 4.09 28.11 21.60
CA ILE C 52 3.91 28.48 23.01
C ILE C 52 5.10 28.02 23.84
N GLU C 53 5.56 26.79 23.61
CA GLU C 53 6.63 26.25 24.44
C GLU C 53 7.91 27.06 24.27
N SER C 54 8.26 27.41 23.03
CA SER C 54 9.46 28.15 22.72
C SER C 54 9.36 29.63 23.07
N GLY C 55 8.15 30.14 23.34
CA GLY C 55 8.00 31.57 23.57
C GLY C 55 7.98 32.40 22.31
N GLN C 56 7.71 31.78 21.16
CA GLN C 56 7.62 32.52 19.91
C GLN C 56 6.18 32.85 19.52
N LEU C 57 5.18 32.29 20.24
CA LEU C 57 3.79 32.52 19.85
C LEU C 57 3.47 34.02 19.80
N ARG C 58 3.77 34.76 20.87
CA ARG C 58 3.34 36.16 20.92
C ARG C 58 4.12 37.01 19.93
N GLU C 59 5.42 36.74 19.81
CA GLU C 59 6.20 37.45 18.82
C GLU C 59 5.64 37.24 17.42
N ARG C 60 5.29 36.00 17.08
CA ARG C 60 4.81 35.74 15.74
C ARG C 60 3.45 36.41 15.51
N VAL C 61 2.59 36.42 16.52
CA VAL C 61 1.32 37.12 16.38
C VAL C 61 1.56 38.61 16.15
N GLU C 62 2.48 39.20 16.91
CA GLU C 62 2.71 40.64 16.79
C GLU C 62 3.35 41.00 15.46
N LYS C 63 3.97 40.05 14.79
CA LYS C 63 4.61 40.29 13.50
C LYS C 63 3.68 40.05 12.33
N LEU C 64 2.45 39.58 12.57
CA LEU C 64 1.51 39.31 11.48
C LEU C 64 1.18 40.58 10.72
N ASN C 65 1.13 40.47 9.40
CA ASN C 65 0.44 41.46 8.58
C ASN C 65 -1.04 41.50 8.92
N MET C 66 -1.67 42.63 8.64
CA MET C 66 -3.12 42.75 8.71
C MET C 66 -3.74 42.06 7.49
N LEU C 67 -4.51 41.00 7.71
CA LEU C 67 -5.15 40.27 6.63
C LEU C 67 -6.65 40.54 6.66
N SER C 68 -7.17 41.10 5.58
CA SER C 68 -8.61 41.32 5.45
C SER C 68 -9.36 40.00 5.42
N ILE C 69 -10.60 40.02 5.95
CA ILE C 69 -11.44 38.83 5.92
C ILE C 69 -12.18 38.71 4.58
N ASP C 70 -11.86 39.62 3.65
CA ASP C 70 -12.51 39.63 2.33
C ASP C 70 -12.35 38.32 1.57
N HIS C 71 -11.28 37.58 1.81
CA HIS C 71 -11.01 36.38 1.05
C HIS C 71 -11.63 35.13 1.66
N LEU C 72 -12.46 35.28 2.69
CA LEU C 72 -13.28 34.18 3.19
C LEU C 72 -14.63 34.24 2.47
N THR C 73 -14.92 33.25 1.64
CA THR C 73 -15.99 33.35 0.66
C THR C 73 -17.18 32.43 0.91
N ASP C 74 -17.19 31.65 2.00
CA ASP C 74 -18.36 30.82 2.33
C ASP C 74 -18.36 30.54 3.83
N HIS C 75 -19.47 29.94 4.30
CA HIS C 75 -19.67 29.78 5.73
C HIS C 75 -18.62 28.90 6.36
N LYS C 76 -18.25 27.79 5.70
CA LYS C 76 -17.28 26.87 6.30
C LYS C 76 -15.89 27.53 6.41
N SER C 77 -15.51 28.33 5.41
CA SER C 77 -14.26 29.07 5.54
CA SER C 77 -14.26 29.08 5.53
C SER C 77 -14.32 30.06 6.70
N GLN C 78 -15.46 30.73 6.87
CA GLN C 78 -15.59 31.66 7.98
C GLN C 78 -15.51 30.94 9.32
N ARG C 79 -16.15 29.77 9.43
CA ARG C 79 -16.10 29.01 10.69
C ARG C 79 -14.69 28.52 10.97
N LEU C 80 -13.97 28.05 9.95
CA LEU C 80 -12.58 27.65 10.18
C LEU C 80 -11.73 28.84 10.59
N ALA C 81 -11.92 29.99 9.92
CA ALA C 81 -11.14 31.17 10.31
C ALA C 81 -11.46 31.60 11.73
N ARG C 82 -12.72 31.47 12.15
CA ARG C 82 -13.04 31.80 13.55
C ARG C 82 -12.33 30.87 14.50
N LEU C 83 -12.24 29.59 14.12
CA LEU C 83 -11.54 28.62 14.95
C LEU C 83 -10.05 28.94 15.00
N VAL C 84 -9.49 29.28 13.84
CA VAL C 84 -8.08 29.64 13.78
C VAL C 84 -7.81 30.87 14.64
N LEU C 85 -8.56 31.94 14.41
CA LEU C 85 -8.29 33.18 15.16
C LEU C 85 -8.61 33.01 16.64
N GLY C 86 -9.60 32.19 16.96
CA GLY C 86 -9.94 31.99 18.36
C GLY C 86 -8.84 31.26 19.10
N CYS C 87 -8.27 30.22 18.47
CA CYS C 87 -7.17 29.49 19.10
C CYS C 87 -5.95 30.38 19.24
N ILE C 88 -5.65 31.18 18.22
CA ILE C 88 -4.52 32.11 18.32
C ILE C 88 -4.77 33.08 19.47
N THR C 89 -6.01 33.57 19.61
CA THR C 89 -6.31 34.53 20.65
C THR C 89 -6.12 33.93 22.05
N MET C 90 -6.62 32.71 22.28
CA MET C 90 -6.43 32.12 23.60
CA MET C 90 -6.44 32.05 23.58
C MET C 90 -4.95 31.91 23.88
N ALA C 91 -4.19 31.44 22.91
CA ALA C 91 -2.74 31.27 23.09
C ALA C 91 -2.06 32.60 23.37
N TYR C 92 -2.47 33.65 22.66
CA TYR C 92 -1.84 34.96 22.88
C TYR C 92 -2.16 35.49 24.27
N VAL C 93 -3.42 35.42 24.67
CA VAL C 93 -3.81 35.96 25.97
C VAL C 93 -3.16 35.17 27.10
N TRP C 94 -3.25 33.84 27.04
CA TRP C 94 -2.83 33.04 28.19
C TRP C 94 -1.36 32.61 28.13
N GLY C 95 -0.73 32.68 26.96
CA GLY C 95 0.69 32.34 26.87
C GLY C 95 0.97 30.90 27.26
N LYS C 96 1.95 30.72 28.13
CA LYS C 96 2.27 29.38 28.62
C LYS C 96 1.30 28.87 29.67
N GLY C 97 0.32 29.68 30.07
CA GLY C 97 -0.71 29.22 30.96
C GLY C 97 -0.35 29.21 32.43
N HIS C 98 0.66 29.99 32.85
CA HIS C 98 1.04 30.05 34.26
C HIS C 98 0.92 31.46 34.84
N GLY C 99 0.12 32.33 34.24
CA GLY C 99 -0.14 33.63 34.82
C GLY C 99 0.47 34.81 34.10
N ASP C 100 1.32 34.61 33.10
CA ASP C 100 1.92 35.70 32.34
C ASP C 100 0.97 35.97 31.17
N VAL C 101 0.05 36.91 31.35
CA VAL C 101 -1.06 37.12 30.42
C VAL C 101 -0.82 38.38 29.61
N ARG C 102 -1.56 38.51 28.51
CA ARG C 102 -1.59 39.75 27.74
C ARG C 102 -3.00 40.28 27.79
N LYS C 103 -3.15 41.59 28.04
CA LYS C 103 -4.46 42.19 28.20
C LYS C 103 -4.89 42.98 26.98
N VAL C 104 -4.06 43.01 25.95
CA VAL C 104 -4.36 43.71 24.71
C VAL C 104 -4.11 42.75 23.57
N LEU C 105 -5.14 42.51 22.76
CA LEU C 105 -5.02 41.67 21.59
C LEU C 105 -4.61 42.54 20.41
N PRO C 106 -3.47 42.29 19.79
CA PRO C 106 -2.99 43.19 18.72
C PRO C 106 -3.99 43.35 17.59
N ARG C 107 -3.97 44.56 17.02
CA ARG C 107 -4.95 44.93 16.00
C ARG C 107 -4.98 43.97 14.81
N ASN C 108 -3.82 43.43 14.40
CA ASN C 108 -3.86 42.62 13.20
C ASN C 108 -4.53 41.26 13.42
N ILE C 109 -4.81 40.89 14.66
CA ILE C 109 -5.75 39.80 14.96
C ILE C 109 -7.13 40.34 15.33
N ALA C 110 -7.15 41.37 16.19
CA ALA C 110 -8.40 41.80 16.81
C ALA C 110 -9.39 42.29 15.77
N VAL C 111 -8.92 43.05 14.77
CA VAL C 111 -9.83 43.68 13.83
C VAL C 111 -10.46 42.62 12.95
N PRO C 112 -9.69 41.79 12.22
CA PRO C 112 -10.34 40.71 11.44
C PRO C 112 -11.16 39.79 12.30
N TYR C 113 -10.69 39.46 13.51
CA TYR C 113 -11.44 38.57 14.39
C TYR C 113 -12.79 39.15 14.74
N CYS C 114 -12.81 40.43 15.15
CA CYS C 114 -14.07 41.07 15.54
C CYS C 114 -15.00 41.26 14.35
N GLN C 115 -14.44 41.55 13.17
CA GLN C 115 -15.28 41.72 11.99
C GLN C 115 -15.91 40.41 11.58
N LEU C 116 -15.13 39.34 11.59
CA LEU C 116 -15.65 38.02 11.31
C LEU C 116 -16.65 37.59 12.37
N SER C 117 -16.33 37.85 13.65
CA SER C 117 -17.26 37.48 14.72
C SER C 117 -18.59 38.21 14.54
N ALA C 118 -18.56 39.48 14.15
CA ALA C 118 -19.81 40.21 13.91
C ALA C 118 -20.61 39.57 12.79
N ALA C 119 -19.92 39.15 11.72
CA ALA C 119 -20.59 38.54 10.58
C ALA C 119 -21.24 37.21 10.95
N LEU C 120 -20.57 36.43 11.80
CA LEU C 120 -21.10 35.16 12.28
C LEU C 120 -21.97 35.28 13.53
N GLU C 121 -22.10 36.50 14.08
CA GLU C 121 -22.94 36.78 15.25
C GLU C 121 -22.52 35.98 16.47
N LEU C 122 -21.21 35.86 16.69
CA LEU C 122 -20.63 35.21 17.85
C LEU C 122 -19.68 36.17 18.55
N PRO C 123 -19.49 36.03 19.86
CA PRO C 123 -18.56 36.91 20.54
C PRO C 123 -17.14 36.58 20.12
N PRO C 124 -16.23 37.58 20.14
CA PRO C 124 -14.82 37.36 19.72
C PRO C 124 -14.00 36.68 20.81
N ILE C 125 -14.39 35.44 21.12
CA ILE C 125 -13.63 34.57 22.01
C ILE C 125 -13.90 33.16 21.52
N LEU C 126 -12.95 32.25 21.76
CA LEU C 126 -13.18 30.87 21.39
C LEU C 126 -14.39 30.31 22.13
N VAL C 127 -15.32 29.70 21.38
CA VAL C 127 -16.51 29.12 21.99
C VAL C 127 -16.62 27.66 21.55
N TYR C 128 -17.56 26.97 22.19
CA TYR C 128 -17.83 25.57 21.89
C TYR C 128 -18.08 25.35 20.40
N ALA C 129 -18.83 26.25 19.77
CA ALA C 129 -19.11 26.09 18.35
C ALA C 129 -17.84 26.10 17.50
N ASP C 130 -16.79 26.77 17.97
CA ASP C 130 -15.51 26.73 17.25
C ASP C 130 -14.73 25.47 17.57
N CYS C 131 -14.38 25.32 18.85
CA CYS C 131 -13.41 24.39 19.40
CA CYS C 131 -13.34 24.35 19.13
C CYS C 131 -13.88 22.95 19.36
N VAL C 132 -15.19 22.73 19.28
CA VAL C 132 -15.74 21.39 19.28
C VAL C 132 -16.50 21.19 17.97
N LEU C 133 -17.47 22.07 17.68
CA LEU C 133 -18.40 21.77 16.58
C LEU C 133 -17.77 21.92 15.21
N ALA C 134 -16.74 22.78 15.07
CA ALA C 134 -16.05 22.99 13.80
C ALA C 134 -14.62 22.43 13.80
N ASN C 135 -14.20 21.80 14.89
CA ASN C 135 -12.79 21.46 15.09
C ASN C 135 -12.57 19.96 14.95
N TRP C 136 -13.00 19.37 13.85
CA TRP C 136 -12.90 17.93 13.75
C TRP C 136 -12.81 17.48 12.30
N LYS C 137 -12.30 16.26 12.13
CA LYS C 137 -12.31 15.60 10.83
C LYS C 137 -12.46 14.10 11.04
N LYS C 138 -12.94 13.44 9.98
CA LYS C 138 -12.82 11.99 9.87
C LYS C 138 -11.43 11.65 9.35
N LYS C 139 -10.83 10.59 9.90
CA LYS C 139 -9.60 10.08 9.31
C LYS C 139 -9.91 9.36 8.00
N ASP C 140 -10.95 8.54 8.00
CA ASP C 140 -11.38 7.78 6.83
C ASP C 140 -12.83 8.18 6.51
N PRO C 141 -13.07 8.88 5.40
CA PRO C 141 -14.46 9.30 5.08
C PRO C 141 -15.43 8.14 4.90
N ASN C 142 -14.95 6.92 4.75
CA ASN C 142 -15.82 5.76 4.53
C ASN C 142 -16.12 4.98 5.80
N LYS C 143 -15.53 5.36 6.92
CA LYS C 143 -15.81 4.73 8.19
C LYS C 143 -16.67 5.66 9.06
N PRO C 144 -17.38 5.11 10.07
CA PRO C 144 -18.34 5.93 10.81
C PRO C 144 -17.68 6.93 11.76
N LEU C 145 -18.54 7.70 12.43
CA LEU C 145 -18.12 8.73 13.38
C LEU C 145 -17.85 8.07 14.74
N THR C 146 -16.67 7.50 14.88
CA THR C 146 -16.20 6.99 16.15
C THR C 146 -14.92 7.72 16.52
N TYR C 147 -14.62 7.71 17.82
CA TYR C 147 -13.39 8.33 18.30
C TYR C 147 -12.18 7.84 17.50
N GLU C 148 -12.11 6.53 17.23
CA GLU C 148 -10.92 5.99 16.58
C GLU C 148 -10.80 6.45 15.13
N ASN C 149 -11.88 6.93 14.53
CA ASN C 149 -11.85 7.43 13.15
C ASN C 149 -11.91 8.95 13.07
N MET C 150 -11.60 9.65 14.16
CA MET C 150 -11.73 11.11 14.16
C MET C 150 -10.51 11.76 14.77
N ASP C 151 -10.33 13.04 14.46
CA ASP C 151 -9.27 13.83 15.08
C ASP C 151 -9.75 15.27 15.14
N VAL C 152 -9.04 16.06 15.94
CA VAL C 152 -9.30 17.50 15.98
C VAL C 152 -8.38 18.18 14.99
N LEU C 153 -8.71 19.42 14.67
CA LEU C 153 -7.85 20.21 13.79
C LEU C 153 -6.82 21.03 14.53
N PHE C 154 -7.11 21.48 15.75
CA PHE C 154 -6.18 22.29 16.54
C PHE C 154 -6.16 21.90 18.00
N SER C 155 -4.96 21.95 18.58
CA SER C 155 -4.71 21.74 20.00
C SER C 155 -3.86 22.89 20.51
N PHE C 156 -3.74 22.99 21.84
CA PHE C 156 -3.00 24.10 22.42
C PHE C 156 -1.59 23.69 22.84
N ARG C 157 -1.47 22.59 23.59
CA ARG C 157 -0.19 22.13 24.10
C ARG C 157 -0.14 20.62 24.03
N ASP C 158 1.06 20.07 23.86
CA ASP C 158 1.19 18.62 23.93
C ASP C 158 0.71 18.13 25.29
N GLY C 159 -0.03 17.03 25.28
CA GLY C 159 -0.57 16.50 26.52
C GLY C 159 -1.73 17.26 27.12
N ASP C 160 -2.33 18.21 26.40
CA ASP C 160 -3.42 18.96 27.01
C ASP C 160 -4.76 18.24 26.96
N CYS C 161 -4.82 17.05 26.37
CA CYS C 161 -6.03 16.25 26.23
C CYS C 161 -7.13 16.97 25.45
N SER C 162 -6.75 17.91 24.58
CA SER C 162 -7.73 18.58 23.76
C SER C 162 -8.42 17.61 22.81
N LYS C 163 -7.68 16.70 22.17
CA LYS C 163 -8.34 15.74 21.30
C LYS C 163 -9.41 14.96 22.07
N GLY C 164 -9.05 14.46 23.25
CA GLY C 164 -10.02 13.68 24.01
C GLY C 164 -11.21 14.50 24.45
N PHE C 165 -10.96 15.68 25.00
CA PHE C 165 -12.06 16.48 25.52
C PHE C 165 -12.95 17.00 24.40
N PHE C 166 -12.35 17.53 23.33
CA PHE C 166 -13.17 18.07 22.25
C PHE C 166 -13.94 16.96 21.54
N LEU C 167 -13.28 15.84 21.26
CA LEU C 167 -13.95 14.79 20.50
C LEU C 167 -15.02 14.11 21.33
N VAL C 168 -14.80 13.91 22.63
CA VAL C 168 -15.85 13.27 23.40
C VAL C 168 -17.04 14.22 23.53
N SER C 169 -16.77 15.52 23.68
CA SER C 169 -17.83 16.52 23.62
C SER C 169 -18.61 16.40 22.33
N LEU C 170 -17.90 16.27 21.20
CA LEU C 170 -18.53 16.16 19.90
C LEU C 170 -19.30 14.85 19.76
N LEU C 171 -18.76 13.76 20.30
CA LEU C 171 -19.49 12.49 20.22
C LEU C 171 -20.80 12.54 21.00
N VAL C 172 -20.88 13.37 22.05
CA VAL C 172 -22.15 13.59 22.74
C VAL C 172 -23.10 14.38 21.84
N GLU C 173 -22.60 15.40 21.13
CA GLU C 173 -23.43 16.12 20.17
C GLU C 173 -23.98 15.19 19.10
N ILE C 174 -23.15 14.28 18.61
CA ILE C 174 -23.58 13.40 17.54
C ILE C 174 -24.63 12.44 18.06
N ALA C 175 -24.39 11.86 19.24
CA ALA C 175 -25.40 11.01 19.87
C ALA C 175 -26.73 11.75 20.00
N ALA C 176 -26.68 12.99 20.49
CA ALA C 176 -27.91 13.78 20.67
C ALA C 176 -28.61 14.08 19.35
N ALA C 177 -27.90 14.06 18.24
CA ALA C 177 -28.52 14.35 16.94
C ALA C 177 -29.63 13.36 16.62
N SER C 178 -29.50 12.11 17.07
CA SER C 178 -30.55 11.11 16.83
C SER C 178 -31.83 11.49 17.55
N ALA C 179 -31.72 12.17 18.69
CA ALA C 179 -32.92 12.65 19.36
C ALA C 179 -33.42 13.93 18.73
N ILE C 180 -32.50 14.83 18.32
CA ILE C 180 -32.93 16.13 17.81
C ILE C 180 -33.76 15.94 16.56
N LYS C 181 -33.44 14.92 15.74
CA LYS C 181 -34.15 14.77 14.49
C LYS C 181 -35.58 14.30 14.70
N VAL C 182 -35.89 13.80 15.90
CA VAL C 182 -37.25 13.40 16.23
C VAL C 182 -38.11 14.58 16.67
N ILE C 183 -37.49 15.72 17.02
CA ILE C 183 -38.26 16.84 17.57
C ILE C 183 -39.37 17.31 16.64
N PRO C 184 -39.17 17.45 15.32
CA PRO C 184 -40.33 17.80 14.47
C PRO C 184 -41.48 16.80 14.56
N THR C 185 -41.17 15.49 14.63
CA THR C 185 -42.22 14.48 14.78
C THR C 185 -43.06 14.74 16.02
N VAL C 186 -42.42 15.15 17.13
CA VAL C 186 -43.15 15.42 18.36
C VAL C 186 -44.20 16.50 18.13
N PHE C 187 -43.79 17.63 17.55
CA PHE C 187 -44.71 18.75 17.41
C PHE C 187 -45.74 18.51 16.31
N LYS C 188 -45.36 17.80 15.25
CA LYS C 188 -46.35 17.42 14.24
C LYS C 188 -47.40 16.48 14.84
N ALA C 189 -46.95 15.53 15.66
CA ALA C 189 -47.88 14.57 16.26
C ALA C 189 -48.85 15.23 17.24
N MET C 190 -48.41 16.27 17.96
CA MET C 190 -49.34 16.97 18.83
C MET C 190 -50.38 17.73 18.03
N GLN C 191 -49.95 18.42 16.98
CA GLN C 191 -50.86 19.21 16.18
C GLN C 191 -51.86 18.32 15.44
N MET C 192 -51.38 17.20 14.89
CA MET C 192 -52.23 16.26 14.19
C MET C 192 -52.99 15.32 15.11
N GLN C 193 -52.85 15.50 16.43
CA GLN C 193 -53.47 14.62 17.41
C GLN C 193 -53.19 13.15 17.09
N GLU C 194 -51.90 12.82 17.00
CA GLU C 194 -51.45 11.48 16.65
C GLU C 194 -50.81 10.86 17.90
N ARG C 195 -51.65 10.27 18.75
CA ARG C 195 -51.19 9.83 20.06
C ARG C 195 -50.05 8.81 19.95
N ASP C 196 -50.28 7.75 19.18
CA ASP C 196 -49.29 6.69 19.08
C ASP C 196 -47.97 7.21 18.51
N THR C 197 -48.05 8.15 17.56
CA THR C 197 -46.83 8.73 17.00
C THR C 197 -46.08 9.56 18.02
N LEU C 198 -46.80 10.37 18.81
CA LEU C 198 -46.15 11.14 19.87
C LEU C 198 -45.49 10.22 20.90
N LEU C 199 -46.18 9.15 21.28
CA LEU C 199 -45.63 8.23 22.27
C LEU C 199 -44.33 7.60 21.78
N LYS C 200 -44.35 7.09 20.54
CA LYS C 200 -43.18 6.49 19.94
C LYS C 200 -42.02 7.51 19.86
N ALA C 201 -42.34 8.75 19.51
CA ALA C 201 -41.31 9.77 19.40
C ALA C 201 -40.67 10.08 20.76
N LEU C 202 -41.48 10.17 21.82
CA LEU C 202 -40.91 10.45 23.13
C LEU C 202 -40.02 9.31 23.59
N LEU C 203 -40.43 8.06 23.35
CA LEU C 203 -39.60 6.92 23.76
C LEU C 203 -38.30 6.87 22.98
N GLU C 204 -38.32 7.26 21.70
CA GLU C 204 -37.10 7.27 20.91
C GLU C 204 -36.13 8.33 21.39
N ILE C 205 -36.66 9.51 21.76
CA ILE C 205 -35.82 10.55 22.35
C ILE C 205 -35.19 10.06 23.64
N ALA C 206 -35.99 9.42 24.50
CA ALA C 206 -35.46 8.88 25.74
C ALA C 206 -34.36 7.86 25.46
N SER C 207 -34.58 6.98 24.48
CA SER C 207 -33.57 6.00 24.11
C SER C 207 -32.28 6.68 23.65
N CYS C 208 -32.39 7.70 22.83
CA CYS C 208 -31.20 8.39 22.32
C CYS C 208 -30.48 9.15 23.43
N LEU C 209 -31.23 9.71 24.40
CA LEU C 209 -30.58 10.36 25.52
C LEU C 209 -29.88 9.35 26.40
N GLU C 210 -30.42 8.14 26.53
CA GLU C 210 -29.70 7.12 27.28
C GLU C 210 -28.44 6.69 26.53
N LYS C 211 -28.47 6.76 25.20
CA LYS C 211 -27.26 6.48 24.44
C LYS C 211 -26.23 7.59 24.56
N ALA C 212 -26.67 8.85 24.58
CA ALA C 212 -25.77 9.96 24.88
C ALA C 212 -25.08 9.77 26.22
N LEU C 213 -25.82 9.25 27.20
CA LEU C 213 -25.25 9.02 28.52
C LEU C 213 -24.14 7.98 28.46
N GLN C 214 -24.27 6.97 27.58
CA GLN C 214 -23.21 5.99 27.46
C GLN C 214 -21.95 6.58 26.85
N VAL C 215 -22.12 7.57 25.99
CA VAL C 215 -20.99 8.28 25.41
C VAL C 215 -20.18 9.04 26.43
N PHE C 216 -20.81 9.49 27.50
CA PHE C 216 -20.15 10.22 28.56
C PHE C 216 -18.99 9.46 29.21
N HIS C 217 -19.12 8.14 29.30
CA HIS C 217 -18.08 7.28 29.87
C HIS C 217 -16.74 7.37 29.16
N GLN C 218 -16.71 7.70 27.88
CA GLN C 218 -15.53 7.89 27.09
C GLN C 218 -14.62 9.03 27.62
N ILE C 219 -15.10 9.97 28.40
CA ILE C 219 -14.25 10.99 28.91
C ILE C 219 -13.11 10.42 29.75
N HIS C 220 -13.37 9.40 30.55
CA HIS C 220 -12.38 8.77 31.36
C HIS C 220 -11.31 8.11 30.54
N ASP C 221 -11.67 7.57 29.40
CA ASP C 221 -10.78 6.93 28.51
C ASP C 221 -9.78 7.83 27.78
N HIS C 222 -10.09 9.12 27.67
CA HIS C 222 -9.30 9.98 26.80
C HIS C 222 -8.89 11.30 27.43
N VAL C 223 -9.32 11.60 28.64
CA VAL C 223 -8.98 12.88 29.28
C VAL C 223 -8.44 12.58 30.67
N ASN C 224 -7.23 13.08 30.96
CA ASN C 224 -6.91 12.83 32.36
C ASN C 224 -7.11 14.08 33.20
N PRO C 225 -7.58 13.90 34.43
CA PRO C 225 -8.00 15.07 35.23
C PRO C 225 -6.90 16.09 35.44
N LYS C 226 -5.67 15.65 35.71
CA LYS C 226 -4.58 16.58 35.97
C LYS C 226 -4.34 17.50 34.78
N ALA C 227 -4.25 16.91 33.59
CA ALA C 227 -3.97 17.69 32.39
C ALA C 227 -5.15 18.59 32.03
N PHE C 228 -6.37 18.07 32.18
CA PHE C 228 -7.55 18.89 31.92
C PHE C 228 -7.56 20.11 32.84
N PHE C 229 -7.45 19.90 34.15
CA PHE C 229 -7.61 20.99 35.10
C PHE C 229 -6.45 21.98 35.00
N SER C 230 -5.23 21.48 34.84
CA SER C 230 -4.07 22.36 34.97
C SER C 230 -3.64 22.97 33.65
N VAL C 231 -4.07 22.42 32.51
CA VAL C 231 -3.60 22.91 31.21
C VAL C 231 -4.79 23.29 30.34
N LEU C 232 -5.62 22.32 29.95
CA LEU C 232 -6.67 22.64 28.99
C LEU C 232 -7.63 23.71 29.49
N ARG C 233 -8.06 23.61 30.76
CA ARG C 233 -9.01 24.57 31.30
C ARG C 233 -8.46 25.99 31.25
N ILE C 234 -7.15 26.13 31.42
CA ILE C 234 -6.53 27.45 31.39
C ILE C 234 -6.71 28.08 30.01
N TYR C 235 -6.52 27.30 28.95
CA TYR C 235 -6.63 27.86 27.59
C TYR C 235 -8.08 28.11 27.20
N LEU C 236 -9.02 27.38 27.78
CA LEU C 236 -10.43 27.65 27.50
C LEU C 236 -10.99 28.80 28.34
N SER C 237 -10.23 29.31 29.31
CA SER C 237 -10.71 30.38 30.19
C SER C 237 -10.97 31.66 29.42
N GLY C 238 -11.95 32.43 29.89
CA GLY C 238 -12.28 33.70 29.30
C GLY C 238 -11.89 34.88 30.17
N TRP C 239 -12.47 36.03 29.86
CA TRP C 239 -12.17 37.26 30.58
C TRP C 239 -13.46 37.95 30.99
N LYS C 240 -14.32 37.21 31.69
CA LYS C 240 -15.50 37.78 32.30
C LYS C 240 -15.45 37.44 33.78
N GLY C 241 -15.39 38.47 34.62
CA GLY C 241 -15.22 38.24 36.04
C GLY C 241 -13.95 37.50 36.38
N ASN C 242 -12.90 37.68 35.58
CA ASN C 242 -11.65 36.97 35.78
C ASN C 242 -10.63 37.92 36.40
N PRO C 243 -10.17 37.66 37.62
CA PRO C 243 -9.19 38.57 38.26
C PRO C 243 -7.90 38.73 37.48
N GLN C 244 -7.56 37.78 36.60
CA GLN C 244 -6.35 37.92 35.81
C GLN C 244 -6.51 38.96 34.71
N LEU C 245 -7.75 39.23 34.28
CA LEU C 245 -8.06 40.25 33.27
C LEU C 245 -9.34 40.97 33.74
N SER C 246 -9.21 41.71 34.85
CA SER C 246 -10.40 42.12 35.60
C SER C 246 -11.27 43.09 34.82
N ASP C 247 -10.72 43.80 33.84
CA ASP C 247 -11.50 44.70 33.00
C ASP C 247 -11.92 44.08 31.67
N GLY C 248 -11.54 42.84 31.41
CA GLY C 248 -11.72 42.28 30.09
C GLY C 248 -10.49 42.44 29.23
N LEU C 249 -10.68 42.21 27.94
CA LEU C 249 -9.62 42.23 26.96
C LEU C 249 -9.78 43.42 26.03
N VAL C 250 -8.68 44.09 25.69
CA VAL C 250 -8.71 45.17 24.72
C VAL C 250 -8.58 44.55 23.33
N TYR C 251 -9.60 44.76 22.49
CA TYR C 251 -9.52 44.35 21.09
C TYR C 251 -8.98 45.54 20.32
N GLU C 252 -7.66 45.59 20.18
CA GLU C 252 -6.98 46.79 19.70
C GLU C 252 -7.44 47.15 18.30
N GLY C 253 -7.81 48.42 18.11
CA GLY C 253 -8.24 48.90 16.83
C GLY C 253 -9.71 48.65 16.51
N PHE C 254 -10.43 47.94 17.37
CA PHE C 254 -11.85 47.70 17.18
C PHE C 254 -12.71 48.43 18.20
N TRP C 255 -12.54 48.14 19.48
CA TRP C 255 -13.20 48.87 20.54
C TRP C 255 -12.14 49.54 21.40
N GLU C 256 -12.41 50.76 21.85
CA GLU C 256 -11.41 51.47 22.66
C GLU C 256 -11.28 50.85 24.05
N ASP C 257 -12.38 50.55 24.67
CA ASP C 257 -12.38 50.05 26.03
C ASP C 257 -12.38 48.52 26.03
N PRO C 258 -11.78 47.91 27.05
CA PRO C 258 -11.78 46.43 27.10
C PRO C 258 -13.19 45.89 27.26
N LYS C 259 -13.40 44.66 26.79
CA LYS C 259 -14.69 44.02 26.86
C LYS C 259 -14.53 42.64 27.49
N GLU C 260 -15.55 42.26 28.25
CA GLU C 260 -15.56 40.98 28.96
C GLU C 260 -16.37 39.95 28.19
N PHE C 261 -15.81 38.76 28.03
CA PHE C 261 -16.54 37.63 27.46
C PHE C 261 -16.20 36.37 28.22
N ALA C 262 -17.21 35.53 28.42
CA ALA C 262 -17.04 34.30 29.17
C ALA C 262 -16.25 33.27 28.37
N GLY C 263 -15.50 32.42 29.09
CA GLY C 263 -14.85 31.28 28.50
C GLY C 263 -15.81 30.12 28.31
N GLY C 264 -15.31 29.07 27.68
CA GLY C 264 -16.19 27.97 27.27
C GLY C 264 -16.60 27.11 28.45
N SER C 265 -17.81 26.57 28.35
CA SER C 265 -18.30 25.60 29.32
C SER C 265 -19.38 24.79 28.62
N ALA C 266 -19.80 23.70 29.28
CA ALA C 266 -20.78 22.81 28.68
C ALA C 266 -22.11 23.52 28.42
N GLY C 267 -22.40 24.57 29.19
CA GLY C 267 -23.60 25.35 28.95
C GLY C 267 -23.65 26.02 27.59
N GLN C 268 -22.53 26.09 26.86
CA GLN C 268 -22.57 26.64 25.51
C GLN C 268 -23.14 25.66 24.50
N SER C 269 -23.26 24.38 24.87
CA SER C 269 -23.84 23.40 23.96
C SER C 269 -25.33 23.66 23.87
N SER C 270 -25.86 23.65 22.65
CA SER C 270 -27.32 23.71 22.51
C SER C 270 -27.98 22.42 22.97
N VAL C 271 -27.26 21.31 22.95
CA VAL C 271 -27.80 20.04 23.43
C VAL C 271 -28.05 20.13 24.93
N PHE C 272 -27.20 20.87 25.64
CA PHE C 272 -27.36 20.98 27.08
C PHE C 272 -28.68 21.64 27.45
N GLN C 273 -29.22 22.51 26.58
CA GLN C 273 -30.43 23.27 26.86
C GLN C 273 -31.66 22.83 26.06
N CYS C 274 -31.50 22.25 24.87
CA CYS C 274 -32.65 22.12 23.99
C CYS C 274 -33.67 21.09 24.48
N PHE C 275 -33.23 20.02 25.17
CA PHE C 275 -34.22 19.04 25.63
C PHE C 275 -34.99 19.53 26.85
N ASP C 276 -34.37 20.36 27.69
CA ASP C 276 -35.13 21.02 28.75
C ASP C 276 -36.24 21.88 28.15
N VAL C 277 -35.91 22.64 27.10
CA VAL C 277 -36.90 23.51 26.48
C VAL C 277 -38.01 22.69 25.84
N LEU C 278 -37.63 21.66 25.07
CA LEU C 278 -38.61 20.76 24.46
C LEU C 278 -39.61 20.24 25.47
N LEU C 279 -39.12 19.82 26.64
CA LEU C 279 -39.96 19.17 27.63
C LEU C 279 -40.60 20.14 28.60
N GLY C 280 -40.40 21.43 28.40
CA GLY C 280 -41.01 22.41 29.30
C GLY C 280 -40.37 22.48 30.66
N ILE C 281 -39.13 22.02 30.79
CA ILE C 281 -38.34 22.23 32.01
C ILE C 281 -37.76 23.63 31.94
N GLN C 282 -38.18 24.49 32.87
CA GLN C 282 -37.92 25.93 32.76
C GLN C 282 -36.58 26.26 33.38
N GLN C 283 -35.50 25.99 32.62
CA GLN C 283 -34.17 26.24 33.14
C GLN C 283 -33.77 27.71 33.10
N THR C 284 -34.43 28.54 32.27
CA THR C 284 -34.07 29.94 32.14
C THR C 284 -35.06 30.87 32.84
N ALA C 285 -35.98 30.34 33.62
CA ALA C 285 -36.99 31.16 34.29
C ALA C 285 -36.45 31.77 35.57
N GLY C 286 -36.99 32.94 35.92
CA GLY C 286 -36.53 33.66 37.09
C GLY C 286 -35.24 34.39 36.84
N GLY C 287 -34.79 35.11 37.86
CA GLY C 287 -33.57 35.88 37.75
C GLY C 287 -32.42 35.28 38.52
N GLY C 288 -32.52 34.00 38.85
CA GLY C 288 -31.45 33.31 39.54
C GLY C 288 -30.20 33.16 38.70
N HIS C 289 -29.10 32.83 39.38
CA HIS C 289 -27.80 32.77 38.72
C HIS C 289 -27.78 31.70 37.63
N ALA C 290 -28.34 30.52 37.89
CA ALA C 290 -28.34 29.47 36.89
C ALA C 290 -29.14 29.86 35.65
N ALA C 291 -30.31 30.47 35.85
CA ALA C 291 -31.14 30.88 34.72
C ALA C 291 -30.44 31.95 33.88
N GLN C 292 -29.86 32.95 34.55
CA GLN C 292 -29.19 34.02 33.83
C GLN C 292 -27.99 33.50 33.07
N PHE C 293 -27.26 32.56 33.67
CA PHE C 293 -26.11 31.97 32.98
C PHE C 293 -26.55 31.23 31.72
N LEU C 294 -27.61 30.45 31.80
CA LEU C 294 -28.07 29.72 30.65
C LEU C 294 -28.56 30.65 29.56
N GLN C 295 -29.23 31.68 29.94
CA GLN C 295 -29.68 32.67 28.96
C GLN C 295 -28.49 33.38 28.32
N ASP C 296 -27.52 33.78 29.13
CA ASP C 296 -26.33 34.43 28.60
C ASP C 296 -25.56 33.50 27.67
N MET C 297 -25.52 32.19 27.95
CA MET C 297 -24.73 31.33 27.10
C MET C 297 -25.38 31.13 25.73
N ARG C 298 -26.68 31.42 25.59
CA ARG C 298 -27.25 31.37 24.24
C ARG C 298 -26.56 32.36 23.31
N ARG C 299 -26.04 33.46 23.87
CA ARG C 299 -25.30 34.44 23.09
C ARG C 299 -24.02 33.87 22.50
N TYR C 300 -23.53 32.78 23.06
CA TYR C 300 -22.29 32.14 22.63
C TYR C 300 -22.53 30.98 21.67
N MET C 301 -23.81 30.70 21.30
CA MET C 301 -24.18 29.70 20.31
C MET C 301 -24.35 30.35 18.95
N PRO C 302 -24.14 29.58 17.88
CA PRO C 302 -24.44 30.08 16.53
C PRO C 302 -25.86 30.62 16.46
N PRO C 303 -26.08 31.68 15.69
CA PRO C 303 -27.40 32.34 15.73
C PRO C 303 -28.54 31.42 15.29
N ALA C 304 -28.31 30.54 14.33
CA ALA C 304 -29.39 29.63 13.92
C ALA C 304 -29.78 28.69 15.06
N HIS C 305 -28.83 28.37 15.95
CA HIS C 305 -29.11 27.47 17.06
C HIS C 305 -29.82 28.20 18.18
N ARG C 306 -29.38 29.42 18.46
CA ARG C 306 -30.17 30.35 19.26
C ARG C 306 -31.61 30.38 18.77
N ASN C 307 -31.80 30.57 17.47
CA ASN C 307 -33.15 30.67 16.91
C ASN C 307 -33.93 29.39 17.11
N PHE C 308 -33.27 28.24 16.92
CA PHE C 308 -33.91 26.95 17.17
C PHE C 308 -34.43 26.88 18.61
N LEU C 309 -33.59 27.23 19.58
CA LEU C 309 -34.04 27.21 20.97
C LEU C 309 -35.26 28.11 21.16
N CYS C 310 -35.25 29.30 20.55
CA CYS C 310 -36.38 30.22 20.70
C CYS C 310 -37.63 29.66 20.07
N SER C 311 -37.50 29.02 18.91
CA SER C 311 -38.66 28.41 18.26
C SER C 311 -39.27 27.33 19.14
N LEU C 312 -38.43 26.57 19.86
CA LEU C 312 -38.96 25.53 20.73
C LEU C 312 -39.75 26.12 21.90
N GLU C 313 -39.34 27.29 22.41
CA GLU C 313 -40.04 27.89 23.53
C GLU C 313 -41.36 28.52 23.13
N SER C 314 -41.57 28.76 21.84
CA SER C 314 -42.81 29.35 21.34
C SER C 314 -43.75 28.32 20.74
N ASN C 315 -43.30 27.07 20.56
CA ASN C 315 -44.19 26.01 20.14
C ASN C 315 -45.13 25.64 21.29
N PRO C 316 -46.26 25.03 20.99
CA PRO C 316 -47.14 24.54 22.06
C PRO C 316 -46.40 23.56 22.96
N SER C 317 -46.77 23.56 24.24
CA SER C 317 -46.03 22.80 25.23
C SER C 317 -46.28 21.30 25.10
N VAL C 318 -45.19 20.53 24.99
CA VAL C 318 -45.30 19.08 25.05
C VAL C 318 -45.77 18.64 26.43
N ARG C 319 -45.28 19.29 27.48
CA ARG C 319 -45.68 18.93 28.83
C ARG C 319 -47.17 19.20 29.05
N GLU C 320 -47.65 20.37 28.60
CA GLU C 320 -49.08 20.68 28.67
C GLU C 320 -49.90 19.59 27.98
N PHE C 321 -49.48 19.22 26.77
CA PHE C 321 -50.20 18.22 26.00
C PHE C 321 -50.27 16.90 26.74
N VAL C 322 -49.13 16.40 27.22
CA VAL C 322 -49.09 15.10 27.89
C VAL C 322 -49.96 15.12 29.14
N LEU C 323 -49.93 16.21 29.89
CA LEU C 323 -50.71 16.29 31.12
C LEU C 323 -52.21 16.39 30.84
N SER C 324 -52.60 16.84 29.66
CA SER C 324 -54.00 17.11 29.38
C SER C 324 -54.79 15.87 28.93
N LYS C 325 -54.11 14.78 28.62
CA LYS C 325 -54.74 13.66 27.92
C LYS C 325 -55.15 12.50 28.82
N GLY C 326 -54.80 12.51 30.10
CA GLY C 326 -55.15 11.40 30.98
C GLY C 326 -54.65 10.07 30.45
N ASP C 327 -53.40 10.04 30.01
CA ASP C 327 -52.83 8.95 29.23
C ASP C 327 -51.53 8.55 29.94
N ALA C 328 -51.55 7.41 30.65
CA ALA C 328 -50.38 7.03 31.44
C ALA C 328 -49.23 6.59 30.55
N GLY C 329 -49.52 6.09 29.36
CA GLY C 329 -48.45 5.77 28.41
C GLY C 329 -47.68 7.01 27.99
N LEU C 330 -48.40 8.08 27.66
CA LEU C 330 -47.76 9.36 27.34
C LEU C 330 -46.98 9.90 28.53
N ARG C 331 -47.55 9.83 29.73
CA ARG C 331 -46.87 10.33 30.91
C ARG C 331 -45.59 9.54 31.19
N GLU C 332 -45.63 8.24 30.93
CA GLU C 332 -44.44 7.42 31.16
C GLU C 332 -43.36 7.72 30.14
N ALA C 333 -43.73 7.83 28.87
CA ALA C 333 -42.74 8.18 27.85
C ALA C 333 -42.13 9.55 28.11
N TYR C 334 -42.95 10.51 28.51
CA TYR C 334 -42.43 11.82 28.89
C TYR C 334 -41.45 11.70 30.04
N ASP C 335 -41.83 10.94 31.08
CA ASP C 335 -40.96 10.74 32.22
C ASP C 335 -39.68 10.02 31.85
N ALA C 336 -39.73 9.11 30.86
CA ALA C 336 -38.51 8.44 30.43
C ALA C 336 -37.48 9.47 29.95
N CYS C 337 -37.96 10.49 29.22
CA CYS C 337 -37.09 11.56 28.75
C CYS C 337 -36.53 12.37 29.91
N VAL C 338 -37.39 12.73 30.87
CA VAL C 338 -36.94 13.50 32.02
C VAL C 338 -35.95 12.69 32.85
N LYS C 339 -36.20 11.38 33.00
CA LYS C 339 -35.29 10.53 33.76
C LYS C 339 -33.92 10.46 33.11
N ALA C 340 -33.89 10.38 31.77
CA ALA C 340 -32.61 10.35 31.07
C ALA C 340 -31.85 11.66 31.27
N LEU C 341 -32.56 12.79 31.32
CA LEU C 341 -31.91 14.06 31.60
C LEU C 341 -31.37 14.11 33.03
N VAL C 342 -32.15 13.63 34.01
CA VAL C 342 -31.62 13.59 35.37
C VAL C 342 -30.35 12.75 35.40
N SER C 343 -30.36 11.60 34.73
CA SER C 343 -29.17 10.75 34.72
C SER C 343 -27.98 11.47 34.10
N LEU C 344 -28.22 12.19 33.00
CA LEU C 344 -27.16 12.96 32.38
C LEU C 344 -26.59 14.01 33.33
N ARG C 345 -27.46 14.73 34.05
CA ARG C 345 -26.97 15.75 34.96
C ARG C 345 -26.20 15.12 36.12
N SER C 346 -26.63 13.94 36.59
CA SER C 346 -25.89 13.27 37.65
C SER C 346 -24.50 12.88 37.19
N TYR C 347 -24.37 12.35 35.98
CA TYR C 347 -23.06 11.99 35.47
C TYR C 347 -22.21 13.23 35.25
N HIS C 348 -22.82 14.30 34.73
CA HIS C 348 -22.17 15.59 34.62
C HIS C 348 -21.58 16.05 35.96
N LEU C 349 -22.33 15.86 37.04
CA LEU C 349 -21.81 16.23 38.36
C LEU C 349 -20.63 15.37 38.75
N GLN C 350 -20.65 14.08 38.39
CA GLN C 350 -19.50 13.24 38.68
C GLN C 350 -18.27 13.71 37.91
N ILE C 351 -18.48 14.18 36.68
CA ILE C 351 -17.35 14.71 35.91
C ILE C 351 -16.80 15.98 36.58
N VAL C 352 -17.67 16.82 37.13
CA VAL C 352 -17.20 18.01 37.82
C VAL C 352 -16.32 17.63 39.01
N THR C 353 -16.73 16.60 39.77
CA THR C 353 -15.93 16.20 40.92
C THR C 353 -14.56 15.69 40.50
N LYS C 354 -14.52 14.79 39.51
CA LYS C 354 -13.28 14.14 39.14
C LYS C 354 -12.35 15.10 38.40
N TYR C 355 -12.90 15.94 37.54
CA TYR C 355 -12.07 16.75 36.65
C TYR C 355 -11.83 18.16 37.14
N ILE C 356 -12.59 18.63 38.12
CA ILE C 356 -12.38 19.98 38.64
C ILE C 356 -12.21 19.98 40.15
N LEU C 357 -13.17 19.42 40.90
CA LEU C 357 -13.15 19.58 42.35
C LEU C 357 -11.91 18.92 42.98
N ILE C 358 -11.64 17.68 42.59
CA ILE C 358 -10.52 16.93 43.19
C ILE C 358 -9.19 17.52 42.73
N PRO C 359 -8.98 17.77 41.43
CA PRO C 359 -7.71 18.43 41.04
C PRO C 359 -7.50 19.78 41.70
N ALA C 360 -8.56 20.59 41.83
CA ALA C 360 -8.42 21.88 42.50
C ALA C 360 -8.02 21.71 43.96
N SER C 361 -8.47 20.64 44.59
CA SER C 361 -8.18 20.43 46.01
C SER C 361 -6.74 19.99 46.22
N GLN C 362 -6.08 19.48 45.19
CA GLN C 362 -4.72 18.95 45.35
C GLN C 362 -3.67 20.01 45.03
N ALA C 378 -11.89 33.10 38.00
CA ALA C 378 -13.01 33.80 37.37
C ALA C 378 -14.35 33.43 38.03
N LYS C 379 -15.15 34.44 38.36
CA LYS C 379 -16.40 34.23 39.09
C LYS C 379 -17.33 33.30 38.31
N GLY C 380 -17.75 32.21 38.95
CA GLY C 380 -18.63 31.24 38.34
C GLY C 380 -17.93 30.07 37.69
N THR C 381 -16.62 30.15 37.44
CA THR C 381 -15.85 29.02 36.94
C THR C 381 -15.25 28.18 38.06
N GLY C 382 -15.33 28.64 39.31
CA GLY C 382 -14.91 27.81 40.42
C GLY C 382 -15.64 26.48 40.42
N GLY C 383 -14.95 25.44 40.89
CA GLY C 383 -15.56 24.13 40.93
C GLY C 383 -16.86 24.14 41.70
N THR C 384 -16.86 24.79 42.86
CA THR C 384 -18.06 24.78 43.69
C THR C 384 -19.19 25.56 43.02
N ASP C 385 -18.88 26.66 42.32
CA ASP C 385 -19.92 27.36 41.59
C ASP C 385 -20.49 26.48 40.48
N LEU C 386 -19.61 25.74 39.80
CA LEU C 386 -20.07 24.85 38.75
C LEU C 386 -20.93 23.73 39.32
N MET C 387 -20.48 23.14 40.42
CA MET C 387 -21.25 22.06 41.05
C MET C 387 -22.62 22.55 41.46
N ASN C 388 -22.71 23.73 42.08
CA ASN C 388 -24.00 24.22 42.53
C ASN C 388 -24.89 24.60 41.36
N PHE C 389 -24.29 25.07 40.25
CA PHE C 389 -25.06 25.33 39.04
C PHE C 389 -25.72 24.05 38.55
N LEU C 390 -24.95 22.97 38.46
CA LEU C 390 -25.51 21.73 37.94
C LEU C 390 -26.48 21.08 38.92
N LYS C 391 -26.25 21.22 40.23
CA LYS C 391 -27.24 20.72 41.18
C LYS C 391 -28.55 21.46 41.02
N THR C 392 -28.47 22.77 40.74
CA THR C 392 -29.68 23.53 40.47
C THR C 392 -30.34 23.05 39.18
N VAL C 393 -29.55 22.84 38.12
CA VAL C 393 -30.11 22.32 36.87
C VAL C 393 -30.74 20.96 37.11
N ARG C 394 -30.07 20.08 37.86
CA ARG C 394 -30.60 18.73 38.05
C ARG C 394 -31.88 18.76 38.87
N SER C 395 -31.92 19.56 39.92
CA SER C 395 -33.12 19.62 40.75
C SER C 395 -34.28 20.22 39.97
N THR C 396 -34.01 21.20 39.10
CA THR C 396 -35.05 21.73 38.23
C THR C 396 -35.58 20.66 37.29
N THR C 397 -34.68 19.80 36.78
CA THR C 397 -35.11 18.68 35.96
C THR C 397 -35.96 17.70 36.77
N GLU C 398 -35.49 17.35 37.97
CA GLU C 398 -36.21 16.39 38.81
C GLU C 398 -37.60 16.89 39.13
N LYS C 399 -37.76 18.20 39.31
CA LYS C 399 -39.07 18.77 39.64
C LYS C 399 -40.08 18.58 38.52
N SER C 400 -39.63 18.26 37.31
CA SER C 400 -40.51 18.09 36.16
C SER C 400 -41.02 16.67 36.01
N LEU C 401 -40.55 15.74 36.83
CA LEU C 401 -41.08 14.39 36.78
C LEU C 401 -42.56 14.40 37.10
N LEU C 402 -43.33 13.63 36.34
CA LEU C 402 -44.75 13.51 36.59
C LEU C 402 -45.01 12.54 37.75
N LYS C 403 -44.35 11.39 37.73
CA LYS C 403 -44.28 10.49 38.87
C LYS C 403 -42.94 10.73 39.56
N GLU C 404 -42.97 10.92 40.88
CA GLU C 404 -41.77 11.31 41.58
C GLU C 404 -40.88 10.11 41.87
N GLY C 405 -39.59 10.27 41.58
CA GLY C 405 -38.60 9.24 41.87
C GLY C 405 -37.39 9.81 42.59
N ALA D 16 21.21 -11.96 40.55
CA ALA D 16 19.94 -11.47 41.07
C ALA D 16 18.77 -12.23 40.47
N TYR D 17 17.56 -11.71 40.68
CA TYR D 17 16.38 -12.20 39.99
C TYR D 17 16.14 -11.46 38.67
N HIS D 18 17.14 -10.74 38.18
CA HIS D 18 17.05 -10.00 36.92
C HIS D 18 15.86 -9.05 36.92
N ILE D 19 15.75 -8.31 38.02
CA ILE D 19 14.76 -7.25 38.18
C ILE D 19 15.53 -5.93 38.20
N ASP D 20 15.14 -5.01 37.32
CA ASP D 20 15.78 -3.71 37.23
C ASP D 20 15.05 -2.73 38.13
N GLU D 21 15.82 -1.84 38.78
CA GLU D 21 15.20 -0.85 39.66
C GLU D 21 14.26 0.08 38.90
N GLU D 22 14.60 0.42 37.66
CA GLU D 22 13.84 1.38 36.90
C GLU D 22 12.74 0.75 36.05
N VAL D 23 13.00 -0.38 35.41
CA VAL D 23 12.02 -0.98 34.51
C VAL D 23 11.54 -2.34 35.00
N GLY D 24 11.93 -2.75 36.21
CA GLY D 24 11.32 -3.92 36.83
C GLY D 24 11.65 -5.22 36.09
N PHE D 25 10.59 -5.96 35.71
CA PHE D 25 10.80 -7.20 34.95
C PHE D 25 11.18 -6.94 33.49
N ALA D 26 11.01 -5.72 32.99
CA ALA D 26 11.38 -5.48 31.61
C ALA D 26 12.89 -5.58 31.45
N LEU D 27 13.31 -5.88 30.24
CA LEU D 27 14.73 -5.95 29.93
C LEU D 27 15.28 -4.53 29.79
N PRO D 28 16.25 -4.11 30.59
CA PRO D 28 16.80 -2.76 30.43
C PRO D 28 17.49 -2.62 29.08
N ASN D 29 17.27 -1.47 28.45
CA ASN D 29 17.87 -1.08 27.18
C ASN D 29 18.10 -2.27 26.24
N PRO D 30 17.04 -2.84 25.69
CA PRO D 30 17.17 -4.02 24.83
C PRO D 30 18.05 -3.76 23.62
N GLN D 31 18.70 -4.83 23.17
CA GLN D 31 19.49 -4.77 21.97
C GLN D 31 18.59 -4.76 20.74
N GLU D 32 18.97 -3.97 19.73
CA GLU D 32 18.15 -3.82 18.53
C GLU D 32 18.69 -4.54 17.31
N ASN D 33 20.01 -4.75 17.23
CA ASN D 33 20.64 -5.39 16.09
C ASN D 33 21.43 -6.62 16.53
N LEU D 34 21.41 -7.66 15.70
CA LEU D 34 22.22 -8.86 15.91
C LEU D 34 23.51 -8.74 15.12
N PRO D 35 24.49 -9.62 15.39
CA PRO D 35 25.65 -9.69 14.51
C PRO D 35 25.26 -9.96 13.06
N ASP D 36 26.12 -9.48 12.15
CA ASP D 36 25.91 -9.64 10.70
C ASP D 36 25.61 -11.08 10.31
N PHE D 37 26.17 -12.04 11.05
CA PHE D 37 25.88 -13.45 10.82
C PHE D 37 24.38 -13.66 10.66
N TYR D 38 23.56 -12.94 11.44
CA TYR D 38 22.12 -13.16 11.46
C TYR D 38 21.33 -12.18 10.60
N ASN D 39 21.98 -11.52 9.64
CA ASN D 39 21.27 -10.54 8.82
C ASN D 39 20.04 -11.14 8.14
N ASP D 40 20.12 -12.40 7.70
CA ASP D 40 18.98 -12.99 7.00
C ASP D 40 17.75 -13.08 7.89
N TRP D 41 17.95 -13.40 9.18
CA TRP D 41 16.82 -13.36 10.13
C TRP D 41 16.32 -11.94 10.30
N MET D 42 17.24 -11.01 10.56
CA MET D 42 16.88 -9.63 10.86
C MET D 42 16.09 -8.99 9.72
N PHE D 43 16.46 -9.30 8.46
CA PHE D 43 15.74 -8.70 7.35
C PHE D 43 14.27 -9.09 7.40
N ILE D 44 13.99 -10.36 7.65
CA ILE D 44 12.60 -10.80 7.68
C ILE D 44 11.85 -10.14 8.82
N ALA D 45 12.44 -10.16 10.02
CA ALA D 45 11.74 -9.65 11.20
C ALA D 45 11.44 -8.17 11.06
N LYS D 46 12.37 -7.41 10.49
CA LYS D 46 12.21 -5.96 10.35
C LYS D 46 11.22 -5.59 9.27
N HIS D 47 10.86 -6.51 8.40
CA HIS D 47 9.97 -6.20 7.28
C HIS D 47 8.71 -7.05 7.30
N LEU D 48 8.31 -7.52 8.48
CA LEU D 48 7.11 -8.36 8.52
C LEU D 48 5.88 -7.71 7.92
N PRO D 49 5.55 -6.44 8.22
CA PRO D 49 4.31 -5.90 7.65
C PRO D 49 4.28 -5.98 6.14
N ASP D 50 5.38 -5.60 5.48
CA ASP D 50 5.43 -5.66 4.01
C ASP D 50 5.50 -7.09 3.50
N LEU D 51 6.30 -7.93 4.15
CA LEU D 51 6.49 -9.29 3.66
C LEU D 51 5.21 -10.12 3.82
N ILE D 52 4.45 -9.88 4.91
CA ILE D 52 3.19 -10.58 5.06
C ILE D 52 2.18 -10.06 4.04
N GLU D 53 2.06 -8.74 3.94
CA GLU D 53 1.07 -8.12 3.07
C GLU D 53 1.26 -8.55 1.62
N SER D 54 2.51 -8.65 1.18
CA SER D 54 2.82 -9.03 -0.19
C SER D 54 2.81 -10.54 -0.42
N GLY D 55 2.61 -11.35 0.61
CA GLY D 55 2.66 -12.78 0.44
C GLY D 55 4.05 -13.37 0.30
N GLN D 56 5.09 -12.58 0.57
CA GLN D 56 6.46 -13.02 0.44
C GLN D 56 6.99 -13.72 1.68
N LEU D 57 6.33 -13.56 2.84
CA LEU D 57 6.95 -13.97 4.10
C LEU D 57 7.28 -15.46 4.10
N ARG D 58 6.32 -16.29 3.72
CA ARG D 58 6.52 -17.73 3.87
C ARG D 58 7.64 -18.25 2.99
N GLU D 59 7.73 -17.75 1.76
CA GLU D 59 8.81 -18.20 0.90
C GLU D 59 10.16 -17.73 1.41
N ARG D 60 10.22 -16.50 1.95
CA ARG D 60 11.47 -16.01 2.54
C ARG D 60 11.95 -16.92 3.66
N VAL D 61 11.04 -17.29 4.56
CA VAL D 61 11.40 -18.20 5.64
C VAL D 61 11.84 -19.54 5.08
N GLU D 62 11.11 -20.06 4.09
CA GLU D 62 11.46 -21.36 3.53
C GLU D 62 12.80 -21.35 2.80
N LYS D 63 13.26 -20.19 2.33
CA LYS D 63 14.56 -20.09 1.67
C LYS D 63 15.72 -19.89 2.64
N LEU D 64 15.44 -19.63 3.91
CA LEU D 64 16.50 -19.37 4.87
C LEU D 64 17.44 -20.56 4.93
N ASN D 65 18.74 -20.26 5.00
CA ASN D 65 19.69 -21.28 5.38
C ASN D 65 19.66 -21.50 6.89
N MET D 66 20.23 -22.62 7.31
CA MET D 66 20.38 -22.92 8.72
C MET D 66 21.48 -22.07 9.34
N LEU D 67 21.14 -21.26 10.33
CA LEU D 67 22.10 -20.41 11.02
C LEU D 67 22.29 -20.93 12.44
N SER D 68 23.53 -21.27 12.80
CA SER D 68 23.81 -21.76 14.13
C SER D 68 23.58 -20.65 15.15
N ILE D 69 23.17 -21.04 16.37
CA ILE D 69 23.01 -20.03 17.43
C ILE D 69 24.32 -19.72 18.13
N ASP D 70 25.45 -20.30 17.69
CA ASP D 70 26.71 -20.15 18.40
C ASP D 70 27.25 -18.72 18.36
N HIS D 71 26.77 -17.87 17.46
CA HIS D 71 27.24 -16.48 17.41
C HIS D 71 26.42 -15.55 18.28
N LEU D 72 25.48 -16.07 19.06
CA LEU D 72 24.76 -15.26 20.04
C LEU D 72 25.48 -15.38 21.37
N THR D 73 26.33 -14.40 21.68
CA THR D 73 27.35 -14.52 22.71
C THR D 73 26.96 -13.94 24.06
N ASP D 74 25.78 -13.33 24.21
CA ASP D 74 25.41 -12.76 25.50
C ASP D 74 23.88 -12.72 25.62
N HIS D 75 23.42 -12.41 26.83
CA HIS D 75 21.99 -12.49 27.16
C HIS D 75 21.16 -11.58 26.28
N LYS D 76 21.59 -10.33 26.08
CA LYS D 76 20.75 -9.43 25.31
C LYS D 76 20.68 -9.86 23.85
N SER D 77 21.78 -10.42 23.30
CA SER D 77 21.72 -10.95 21.94
C SER D 77 20.77 -12.13 21.87
N GLN D 78 20.79 -12.98 22.89
CA GLN D 78 19.88 -14.12 22.92
C GLN D 78 18.44 -13.66 23.02
N ARG D 79 18.15 -12.67 23.86
CA ARG D 79 16.77 -12.22 24.00
C ARG D 79 16.28 -11.57 22.71
N LEU D 80 17.13 -10.77 22.07
CA LEU D 80 16.75 -10.19 20.77
C LEU D 80 16.49 -11.29 19.74
N ALA D 81 17.37 -12.30 19.71
CA ALA D 81 17.18 -13.38 18.76
C ALA D 81 15.87 -14.12 19.03
N ARG D 82 15.51 -14.30 20.30
CA ARG D 82 14.23 -14.94 20.59
C ARG D 82 13.08 -14.09 20.07
N LEU D 83 13.18 -12.77 20.26
CA LEU D 83 12.16 -11.86 19.75
C LEU D 83 12.06 -11.95 18.22
N VAL D 84 13.21 -11.93 17.55
CA VAL D 84 13.24 -12.04 16.08
C VAL D 84 12.62 -13.36 15.63
N LEU D 85 13.10 -14.47 16.17
CA LEU D 85 12.60 -15.76 15.73
C LEU D 85 11.13 -15.96 16.13
N GLY D 86 10.74 -15.44 17.30
CA GLY D 86 9.36 -15.55 17.71
C GLY D 86 8.42 -14.82 16.77
N CYS D 87 8.78 -13.61 16.38
CA CYS D 87 7.92 -12.85 15.47
C CYS D 87 7.85 -13.52 14.10
N ILE D 88 9.00 -13.99 13.60
CA ILE D 88 9.01 -14.72 12.33
C ILE D 88 8.11 -15.94 12.44
N THR D 89 8.18 -16.65 13.56
CA THR D 89 7.37 -17.86 13.72
C THR D 89 5.89 -17.53 13.71
N MET D 90 5.46 -16.47 14.44
CA MET D 90 4.04 -16.08 14.43
CA MET D 90 4.03 -16.16 14.42
C MET D 90 3.59 -15.74 13.02
N ALA D 91 4.42 -14.98 12.31
CA ALA D 91 4.09 -14.58 10.96
C ALA D 91 3.97 -15.78 10.04
N TYR D 92 4.87 -16.76 10.22
CA TYR D 92 4.87 -17.93 9.35
C TYR D 92 3.63 -18.78 9.60
N VAL D 93 3.33 -19.04 10.88
CA VAL D 93 2.18 -19.88 11.21
C VAL D 93 0.88 -19.21 10.78
N TRP D 94 0.71 -17.93 11.13
CA TRP D 94 -0.60 -17.32 10.91
C TRP D 94 -0.74 -16.62 9.56
N GLY D 95 0.36 -16.39 8.86
CA GLY D 95 0.30 -15.80 7.52
C GLY D 95 -0.36 -14.44 7.51
N LYS D 96 -1.32 -14.23 6.60
CA LYS D 96 -2.03 -12.96 6.54
C LYS D 96 -3.10 -12.83 7.62
N GLY D 97 -3.26 -13.84 8.47
CA GLY D 97 -4.14 -13.70 9.60
C GLY D 97 -5.60 -13.92 9.28
N HIS D 98 -5.92 -14.64 8.21
CA HIS D 98 -7.30 -14.90 7.84
C HIS D 98 -7.63 -16.38 7.81
N GLY D 99 -6.80 -17.23 8.40
CA GLY D 99 -7.13 -18.64 8.50
C GLY D 99 -6.29 -19.58 7.65
N ASP D 100 -5.45 -19.06 6.77
CA ASP D 100 -4.56 -19.88 5.94
C ASP D 100 -3.29 -20.08 6.76
N VAL D 101 -3.23 -21.19 7.50
CA VAL D 101 -2.18 -21.39 8.49
C VAL D 101 -1.17 -22.42 7.97
N ARG D 102 -0.02 -22.48 8.64
CA ARG D 102 0.99 -23.50 8.38
C ARG D 102 1.18 -24.31 9.65
N LYS D 103 1.20 -25.63 9.51
CA LYS D 103 1.26 -26.51 10.67
C LYS D 103 2.66 -27.05 10.93
N VAL D 104 3.62 -26.71 10.08
CA VAL D 104 4.98 -27.19 10.18
C VAL D 104 5.91 -25.99 10.10
N LEU D 105 6.71 -25.78 11.13
CA LEU D 105 7.71 -24.71 11.14
C LEU D 105 9.00 -25.22 10.53
N PRO D 106 9.47 -24.63 9.42
CA PRO D 106 10.63 -25.22 8.71
C PRO D 106 11.84 -25.36 9.62
N ARG D 107 12.60 -26.44 9.39
CA ARG D 107 13.70 -26.77 10.28
C ARG D 107 14.72 -25.65 10.39
N ASN D 108 14.91 -24.86 9.34
CA ASN D 108 15.99 -23.88 9.44
C ASN D 108 15.65 -22.73 10.39
N ILE D 109 14.38 -22.56 10.73
CA ILE D 109 14.00 -21.72 11.85
C ILE D 109 13.76 -22.55 13.11
N ALA D 110 13.11 -23.70 12.97
CA ALA D 110 12.65 -24.43 14.16
C ALA D 110 13.82 -24.89 15.03
N VAL D 111 14.88 -25.41 14.41
CA VAL D 111 16.00 -25.97 15.17
C VAL D 111 16.72 -24.86 15.96
N PRO D 112 17.20 -23.78 15.33
CA PRO D 112 17.84 -22.74 16.14
C PRO D 112 16.91 -22.13 17.18
N TYR D 113 15.64 -21.92 16.82
CA TYR D 113 14.70 -21.34 17.78
C TYR D 113 14.53 -22.25 18.99
N CYS D 114 14.40 -23.56 18.77
CA CYS D 114 14.21 -24.48 19.88
C CYS D 114 15.48 -24.60 20.72
N GLN D 115 16.66 -24.59 20.09
CA GLN D 115 17.89 -24.66 20.85
C GLN D 115 18.08 -23.41 21.70
N LEU D 116 17.82 -22.25 21.10
CA LEU D 116 17.91 -21.00 21.84
C LEU D 116 16.90 -20.95 22.99
N SER D 117 15.68 -21.38 22.70
CA SER D 117 14.63 -21.40 23.72
C SER D 117 15.01 -22.31 24.87
N ALA D 118 15.62 -23.45 24.57
CA ALA D 118 16.06 -24.37 25.62
C ALA D 118 17.12 -23.72 26.49
N ALA D 119 18.05 -22.98 25.88
CA ALA D 119 19.08 -22.30 26.65
C ALA D 119 18.49 -21.19 27.52
N LEU D 120 17.46 -20.51 27.04
CA LEU D 120 16.83 -19.44 27.80
C LEU D 120 15.72 -19.94 28.72
N GLU D 121 15.42 -21.23 28.69
CA GLU D 121 14.40 -21.88 29.53
C GLU D 121 13.01 -21.30 29.29
N LEU D 122 12.70 -21.01 28.03
CA LEU D 122 11.42 -20.48 27.60
C LEU D 122 10.84 -21.34 26.49
N PRO D 123 9.52 -21.44 26.38
CA PRO D 123 8.94 -22.26 25.32
C PRO D 123 9.20 -21.62 23.96
N PRO D 124 9.27 -22.42 22.90
CA PRO D 124 9.51 -21.88 21.55
C PRO D 124 8.24 -21.32 20.92
N ILE D 125 7.70 -20.27 21.54
CA ILE D 125 6.63 -19.47 20.99
C ILE D 125 6.87 -18.05 21.49
N LEU D 126 6.40 -17.05 20.73
CA LEU D 126 6.53 -15.68 21.20
C LEU D 126 5.78 -15.51 22.53
N VAL D 127 6.47 -15.00 23.55
CA VAL D 127 5.86 -14.74 24.85
C VAL D 127 6.01 -13.27 25.20
N TYR D 128 5.29 -12.86 26.25
CA TYR D 128 5.34 -11.49 26.75
C TYR D 128 6.77 -10.99 26.98
N ALA D 129 7.64 -11.84 27.56
CA ALA D 129 9.02 -11.43 27.79
C ALA D 129 9.76 -11.07 26.50
N ASP D 130 9.32 -11.59 25.35
CA ASP D 130 9.93 -11.23 24.07
C ASP D 130 9.31 -9.95 23.54
N CYS D 131 8.00 -10.01 23.30
CA CYS D 131 7.45 -8.93 22.49
CA CYS D 131 7.18 -9.06 22.57
C CYS D 131 6.96 -7.75 23.31
N VAL D 132 7.08 -7.77 24.62
CA VAL D 132 6.87 -6.58 25.43
C VAL D 132 8.20 -6.25 26.12
N LEU D 133 8.69 -7.18 26.93
CA LEU D 133 9.79 -6.82 27.83
C LEU D 133 11.09 -6.56 27.09
N ALA D 134 11.29 -7.19 25.92
CA ALA D 134 12.52 -7.02 25.17
C ALA D 134 12.31 -6.26 23.87
N ASN D 135 11.10 -5.76 23.62
CA ASN D 135 10.72 -5.23 22.31
C ASN D 135 10.51 -3.72 22.37
N TRP D 136 11.54 -2.98 22.80
CA TRP D 136 11.31 -1.55 23.01
C TRP D 136 12.64 -0.81 22.96
N LYS D 137 12.52 0.50 22.72
CA LYS D 137 13.65 1.42 22.69
C LYS D 137 13.14 2.80 23.06
N LYS D 138 14.05 3.64 23.55
CA LYS D 138 13.78 5.08 23.62
C LYS D 138 14.02 5.72 22.26
N LYS D 139 13.19 6.70 21.93
CA LYS D 139 13.48 7.53 20.75
C LYS D 139 14.67 8.43 21.03
N ASP D 140 14.65 9.11 22.17
CA ASP D 140 15.69 10.04 22.58
C ASP D 140 16.29 9.57 23.89
N PRO D 141 17.55 9.11 23.91
CA PRO D 141 18.12 8.59 25.16
C PRO D 141 18.09 9.56 26.31
N ASN D 142 18.03 10.86 26.05
CA ASN D 142 18.09 11.84 27.13
C ASN D 142 16.74 12.09 27.78
N LYS D 143 15.68 11.57 27.22
CA LYS D 143 14.33 11.84 27.68
C LYS D 143 13.77 10.63 28.40
N PRO D 144 12.73 10.83 29.23
CA PRO D 144 12.30 9.75 30.13
C PRO D 144 11.55 8.65 29.42
N LEU D 145 11.15 7.64 30.19
CA LEU D 145 10.38 6.49 29.69
C LEU D 145 8.90 6.84 29.66
N THR D 146 8.51 7.55 28.61
CA THR D 146 7.11 7.87 28.38
C THR D 146 6.73 7.40 26.98
N TYR D 147 5.42 7.20 26.77
CA TYR D 147 4.96 6.70 25.50
C TYR D 147 5.55 7.49 24.34
N GLU D 148 5.50 8.81 24.44
CA GLU D 148 5.90 9.67 23.32
C GLU D 148 7.38 9.55 23.01
N ASN D 149 8.19 9.09 23.97
CA ASN D 149 9.62 8.89 23.76
C ASN D 149 9.99 7.43 23.54
N MET D 150 9.03 6.57 23.19
CA MET D 150 9.34 5.16 23.07
C MET D 150 8.79 4.59 21.77
N ASP D 151 9.37 3.45 21.36
CA ASP D 151 8.89 2.70 20.20
C ASP D 151 9.15 1.22 20.44
N VAL D 152 8.48 0.39 19.64
CA VAL D 152 8.78 -1.05 19.65
C VAL D 152 9.85 -1.34 18.61
N LEU D 153 10.46 -2.51 18.72
CA LEU D 153 11.44 -2.94 17.72
C LEU D 153 10.76 -3.64 16.55
N PHE D 154 9.73 -4.45 16.82
CA PHE D 154 9.04 -5.23 15.78
C PHE D 154 7.52 -5.17 15.94
N SER D 155 6.85 -5.17 14.78
CA SER D 155 5.39 -5.21 14.63
C SER D 155 5.04 -6.27 13.59
N PHE D 156 3.77 -6.64 13.50
CA PHE D 156 3.33 -7.67 12.55
C PHE D 156 2.73 -7.09 11.29
N ARG D 157 1.75 -6.20 11.43
CA ARG D 157 1.05 -5.64 10.28
C ARG D 157 0.89 -4.16 10.48
N ASP D 158 0.88 -3.42 9.37
CA ASP D 158 0.49 -2.02 9.48
C ASP D 158 -0.92 -1.92 10.05
N GLY D 159 -1.09 -1.05 11.03
CA GLY D 159 -2.38 -0.86 11.65
C GLY D 159 -2.71 -1.85 12.74
N ASP D 160 -1.78 -2.74 13.11
CA ASP D 160 -2.11 -3.77 14.09
C ASP D 160 -2.11 -3.26 15.53
N CYS D 161 -1.71 -2.01 15.77
CA CYS D 161 -1.67 -1.40 17.10
C CYS D 161 -0.69 -2.13 18.02
N SER D 162 0.30 -2.82 17.44
CA SER D 162 1.29 -3.49 18.27
C SER D 162 2.09 -2.48 19.08
N LYS D 163 2.46 -1.34 18.48
CA LYS D 163 3.17 -0.33 19.27
C LYS D 163 2.36 0.04 20.51
N GLY D 164 1.07 0.37 20.33
CA GLY D 164 0.30 0.82 21.47
C GLY D 164 0.12 -0.28 22.49
N PHE D 165 -0.20 -1.48 22.03
CA PHE D 165 -0.47 -2.55 22.98
C PHE D 165 0.79 -2.98 23.70
N PHE D 166 1.91 -3.14 22.99
CA PHE D 166 3.15 -3.57 23.65
C PHE D 166 3.69 -2.47 24.56
N LEU D 167 3.70 -1.23 24.10
CA LEU D 167 4.27 -0.16 24.92
C LEU D 167 3.40 0.14 26.14
N VAL D 168 2.08 0.11 26.00
CA VAL D 168 1.28 0.40 27.19
C VAL D 168 1.40 -0.76 28.18
N SER D 169 1.52 -2.00 27.68
CA SER D 169 1.85 -3.11 28.57
C SER D 169 3.16 -2.84 29.30
N LEU D 170 4.19 -2.45 28.56
CA LEU D 170 5.50 -2.16 29.14
C LEU D 170 5.42 -1.02 30.15
N LEU D 171 4.62 0.00 29.85
CA LEU D 171 4.52 1.13 30.77
C LEU D 171 3.87 0.72 32.09
N VAL D 172 3.05 -0.34 32.08
CA VAL D 172 2.57 -0.90 33.34
C VAL D 172 3.70 -1.60 34.08
N GLU D 173 4.49 -2.41 33.36
CA GLU D 173 5.69 -3.00 33.96
C GLU D 173 6.56 -1.95 34.64
N ILE D 174 6.81 -0.84 33.93
CA ILE D 174 7.67 0.21 34.47
C ILE D 174 7.03 0.88 35.69
N ALA D 175 5.73 1.18 35.60
CA ALA D 175 5.01 1.70 36.75
C ALA D 175 5.14 0.77 37.95
N ALA D 176 5.04 -0.54 37.72
CA ALA D 176 5.16 -1.50 38.81
C ALA D 176 6.55 -1.54 39.41
N ALA D 177 7.57 -1.10 38.66
CA ALA D 177 8.94 -1.23 39.15
C ALA D 177 9.14 -0.48 40.46
N SER D 178 8.43 0.63 40.67
CA SER D 178 8.53 1.38 41.92
C SER D 178 8.04 0.55 43.10
N ALA D 179 7.06 -0.33 42.87
CA ALA D 179 6.57 -1.17 43.95
C ALA D 179 7.39 -2.44 44.10
N ILE D 180 7.94 -2.98 43.00
CA ILE D 180 8.72 -4.21 43.10
C ILE D 180 9.96 -4.01 43.95
N LYS D 181 10.60 -2.84 43.83
CA LYS D 181 11.82 -2.61 44.60
C LYS D 181 11.52 -2.46 46.10
N VAL D 182 10.27 -2.19 46.46
CA VAL D 182 9.89 -2.10 47.86
C VAL D 182 9.60 -3.47 48.46
N ILE D 183 9.39 -4.49 47.61
CA ILE D 183 8.99 -5.80 48.11
C ILE D 183 9.98 -6.37 49.11
N PRO D 184 11.30 -6.30 48.92
CA PRO D 184 12.21 -6.81 49.96
C PRO D 184 12.03 -6.09 51.28
N THR D 185 11.73 -4.79 51.23
CA THR D 185 11.56 -4.01 52.44
C THR D 185 10.40 -4.53 53.28
N VAL D 186 9.32 -4.98 52.63
CA VAL D 186 8.17 -5.52 53.34
C VAL D 186 8.58 -6.74 54.16
N PHE D 187 9.23 -7.71 53.52
CA PHE D 187 9.54 -8.95 54.21
C PHE D 187 10.64 -8.77 55.25
N LYS D 188 11.58 -7.88 54.99
CA LYS D 188 12.60 -7.57 55.99
C LYS D 188 11.99 -6.87 57.19
N ALA D 189 11.10 -5.89 56.94
CA ALA D 189 10.45 -5.20 58.05
C ALA D 189 9.63 -6.16 58.89
N MET D 190 9.08 -7.21 58.27
CA MET D 190 8.36 -8.21 59.04
C MET D 190 9.31 -9.01 59.92
N GLN D 191 10.44 -9.42 59.35
CA GLN D 191 11.41 -10.19 60.09
C GLN D 191 12.01 -9.39 61.25
N MET D 192 12.48 -8.17 60.97
CA MET D 192 13.07 -7.28 61.97
C MET D 192 12.05 -6.57 62.82
N GLN D 193 10.76 -6.86 62.65
CA GLN D 193 9.69 -6.25 63.43
C GLN D 193 9.80 -4.73 63.44
N GLU D 194 10.02 -4.15 62.27
CA GLU D 194 10.10 -2.70 62.08
C GLU D 194 8.73 -2.22 61.62
N ARG D 195 7.91 -1.78 62.56
CA ARG D 195 6.51 -1.46 62.24
C ARG D 195 6.42 -0.27 61.31
N ASP D 196 7.15 0.80 61.59
CA ASP D 196 7.01 2.01 60.79
C ASP D 196 7.52 1.78 59.39
N THR D 197 8.62 1.02 59.25
CA THR D 197 9.13 0.68 57.93
C THR D 197 8.11 -0.15 57.15
N LEU D 198 7.50 -1.14 57.80
CA LEU D 198 6.51 -1.97 57.12
C LEU D 198 5.33 -1.13 56.64
N LEU D 199 4.81 -0.25 57.52
CA LEU D 199 3.67 0.58 57.15
C LEU D 199 4.00 1.45 55.94
N LYS D 200 5.15 2.12 55.96
CA LYS D 200 5.53 2.99 54.86
C LYS D 200 5.68 2.20 53.57
N ALA D 201 6.22 0.98 53.66
CA ALA D 201 6.39 0.14 52.48
C ALA D 201 5.05 -0.25 51.88
N LEU D 202 4.10 -0.65 52.73
CA LEU D 202 2.78 -1.02 52.21
C LEU D 202 2.09 0.18 51.58
N LEU D 203 2.21 1.36 52.18
CA LEU D 203 1.57 2.54 51.61
C LEU D 203 2.19 2.89 50.25
N GLU D 204 3.50 2.73 50.13
CA GLU D 204 4.16 3.01 48.86
C GLU D 204 3.71 2.03 47.78
N ILE D 205 3.51 0.76 48.15
CA ILE D 205 3.04 -0.23 47.19
C ILE D 205 1.62 0.11 46.73
N ALA D 206 0.72 0.45 47.67
CA ALA D 206 -0.62 0.86 47.28
C ALA D 206 -0.56 2.09 46.38
N SER D 207 0.35 3.03 46.67
CA SER D 207 0.49 4.22 45.84
C SER D 207 0.87 3.84 44.41
N CYS D 208 1.84 2.94 44.27
CA CYS D 208 2.28 2.53 42.93
C CYS D 208 1.19 1.73 42.20
N LEU D 209 0.41 0.92 42.93
CA LEU D 209 -0.68 0.22 42.25
C LEU D 209 -1.76 1.19 41.80
N GLU D 210 -2.00 2.27 42.55
CA GLU D 210 -2.92 3.29 42.08
C GLU D 210 -2.35 4.01 40.84
N LYS D 211 -1.07 4.27 40.83
CA LYS D 211 -0.47 4.84 39.68
C LYS D 211 -0.53 3.92 38.46
N ALA D 212 -0.37 2.63 38.66
CA ALA D 212 -0.46 1.70 37.55
C ALA D 212 -1.86 1.72 36.93
N LEU D 213 -2.87 1.96 37.74
CA LEU D 213 -4.22 2.06 37.22
C LEU D 213 -4.35 3.24 36.26
N GLN D 214 -3.69 4.36 36.56
CA GLN D 214 -3.71 5.48 35.64
C GLN D 214 -3.01 5.13 34.34
N VAL D 215 -1.91 4.36 34.40
CA VAL D 215 -1.25 3.94 33.17
C VAL D 215 -2.18 3.10 32.30
N PHE D 216 -2.98 2.22 32.94
CA PHE D 216 -3.96 1.40 32.20
C PHE D 216 -4.81 2.26 31.27
N HIS D 217 -5.14 3.49 31.70
CA HIS D 217 -5.99 4.37 30.90
C HIS D 217 -5.35 4.73 29.57
N GLN D 218 -4.03 4.62 29.46
CA GLN D 218 -3.37 4.96 28.21
C GLN D 218 -3.69 4.01 27.07
N ILE D 219 -4.28 2.84 27.33
CA ILE D 219 -4.51 1.91 26.24
C ILE D 219 -5.47 2.52 25.21
N HIS D 220 -6.43 3.33 25.67
CA HIS D 220 -7.51 3.78 24.80
C HIS D 220 -7.02 4.69 23.69
N ASP D 221 -5.99 5.50 23.96
CA ASP D 221 -5.51 6.43 22.95
C ASP D 221 -4.62 5.75 21.91
N HIS D 222 -4.14 4.54 22.17
CA HIS D 222 -3.12 3.95 21.32
C HIS D 222 -3.50 2.59 20.77
N VAL D 223 -4.63 2.03 21.17
CA VAL D 223 -5.06 0.72 20.69
C VAL D 223 -6.51 0.82 20.29
N ASN D 224 -6.81 0.47 19.08
CA ASN D 224 -8.22 0.54 18.78
C ASN D 224 -8.81 -0.86 18.75
N PRO D 225 -10.04 -1.01 19.26
CA PRO D 225 -10.57 -2.37 19.49
C PRO D 225 -10.64 -3.22 18.25
N LYS D 226 -11.05 -2.67 17.11
CA LYS D 226 -11.24 -3.53 15.94
C LYS D 226 -9.93 -4.14 15.47
N ALA D 227 -8.87 -3.32 15.41
CA ALA D 227 -7.58 -3.81 14.98
C ALA D 227 -7.00 -4.79 15.98
N PHE D 228 -7.16 -4.51 17.27
CA PHE D 228 -6.62 -5.42 18.28
C PHE D 228 -7.27 -6.79 18.16
N PHE D 229 -8.60 -6.81 18.10
CA PHE D 229 -9.32 -8.08 18.10
C PHE D 229 -9.12 -8.84 16.79
N SER D 230 -9.19 -8.15 15.66
CA SER D 230 -9.20 -8.86 14.40
C SER D 230 -7.82 -9.07 13.81
N VAL D 231 -6.80 -8.37 14.30
CA VAL D 231 -5.44 -8.49 13.74
C VAL D 231 -4.44 -8.90 14.81
N LEU D 232 -4.22 -8.04 15.81
CA LEU D 232 -3.13 -8.30 16.74
C LEU D 232 -3.32 -9.61 17.50
N ARG D 233 -4.53 -9.84 18.00
CA ARG D 233 -4.82 -11.05 18.76
C ARG D 233 -4.56 -12.30 17.93
N ILE D 234 -4.76 -12.21 16.61
CA ILE D 234 -4.55 -13.34 15.73
C ILE D 234 -3.06 -13.70 15.71
N TYR D 235 -2.18 -12.70 15.58
CA TYR D 235 -0.75 -12.97 15.53
C TYR D 235 -0.19 -13.39 16.89
N LEU D 236 -0.81 -12.99 17.98
CA LEU D 236 -0.37 -13.41 19.31
C LEU D 236 -0.94 -14.76 19.73
N SER D 237 -1.83 -15.36 18.92
CA SER D 237 -2.45 -16.63 19.28
C SER D 237 -1.40 -17.74 19.24
N GLY D 238 -1.63 -18.77 20.06
CA GLY D 238 -0.76 -19.90 20.07
C GLY D 238 -1.42 -21.15 19.54
N TRP D 239 -0.87 -22.29 19.93
CA TRP D 239 -1.34 -23.57 19.40
C TRP D 239 -1.52 -24.57 20.52
N LYS D 240 -2.27 -24.15 21.53
CA LYS D 240 -2.70 -25.03 22.62
C LYS D 240 -4.22 -24.97 22.68
N GLY D 241 -4.86 -26.11 22.48
CA GLY D 241 -6.32 -26.13 22.42
C GLY D 241 -6.88 -25.28 21.30
N ASN D 242 -6.12 -25.09 20.23
CA ASN D 242 -6.54 -24.23 19.14
C ASN D 242 -7.06 -25.10 18.00
N PRO D 243 -8.34 -24.99 17.64
CA PRO D 243 -8.87 -25.84 16.56
C PRO D 243 -8.16 -25.65 15.24
N GLN D 244 -7.53 -24.50 15.02
CA GLN D 244 -6.80 -24.26 13.78
C GLN D 244 -5.50 -25.06 13.68
N LEU D 245 -4.94 -25.47 14.83
CA LEU D 245 -3.74 -26.32 14.92
C LEU D 245 -3.98 -27.30 16.07
N SER D 246 -4.93 -28.24 15.86
CA SER D 246 -5.48 -28.99 16.99
C SER D 246 -4.47 -29.89 17.69
N ASP D 247 -3.37 -30.28 17.02
CA ASP D 247 -2.35 -31.09 17.65
C ASP D 247 -1.11 -30.29 18.04
N GLY D 248 -1.13 -28.97 17.84
CA GLY D 248 0.04 -28.16 18.06
C GLY D 248 0.80 -27.96 16.76
N LEU D 249 2.07 -27.56 16.90
CA LEU D 249 2.92 -27.18 15.78
C LEU D 249 4.07 -28.15 15.67
N VAL D 250 4.43 -28.54 14.45
CA VAL D 250 5.62 -29.35 14.23
C VAL D 250 6.82 -28.45 14.17
N TYR D 251 7.77 -28.65 15.09
CA TYR D 251 9.05 -27.95 15.05
C TYR D 251 9.98 -28.87 14.26
N GLU D 252 10.03 -28.66 12.95
CA GLU D 252 10.63 -29.62 12.05
C GLU D 252 12.12 -29.78 12.34
N GLY D 253 12.58 -31.02 12.45
CA GLY D 253 13.98 -31.31 12.73
C GLY D 253 14.36 -31.24 14.19
N PHE D 254 13.43 -30.87 15.06
CA PHE D 254 13.71 -30.80 16.48
C PHE D 254 12.90 -31.85 17.24
N TRP D 255 11.58 -31.82 17.15
CA TRP D 255 10.73 -32.86 17.71
C TRP D 255 9.90 -33.46 16.58
N GLU D 256 9.74 -34.79 16.57
CA GLU D 256 8.99 -35.40 15.48
C GLU D 256 7.50 -35.12 15.60
N ASP D 257 6.97 -35.12 16.80
CA ASP D 257 5.53 -34.89 16.89
C ASP D 257 5.23 -33.43 17.21
N PRO D 258 4.09 -32.92 16.75
CA PRO D 258 3.73 -31.54 17.08
C PRO D 258 3.61 -31.33 18.58
N LYS D 259 3.89 -30.10 19.01
CA LYS D 259 3.83 -29.71 20.40
C LYS D 259 2.91 -28.50 20.55
N GLU D 260 2.18 -28.47 21.65
CA GLU D 260 1.23 -27.39 21.95
C GLU D 260 1.85 -26.39 22.91
N PHE D 261 1.76 -25.11 22.58
CA PHE D 261 2.16 -24.04 23.50
C PHE D 261 1.15 -22.92 23.42
N ALA D 262 0.91 -22.30 24.57
CA ALA D 262 -0.09 -21.24 24.68
C ALA D 262 0.42 -19.94 24.06
N GLY D 263 -0.53 -19.17 23.51
CA GLY D 263 -0.23 -17.82 23.07
C GLY D 263 -0.19 -16.84 24.24
N GLY D 264 0.15 -15.59 23.92
CA GLY D 264 0.40 -14.62 24.97
C GLY D 264 -0.89 -14.12 25.59
N SER D 265 -0.84 -13.85 26.90
CA SER D 265 -1.92 -13.17 27.57
C SER D 265 -1.33 -12.45 28.78
N ALA D 266 -2.16 -11.63 29.42
CA ALA D 266 -1.69 -10.81 30.53
C ALA D 266 -1.17 -11.64 31.68
N GLY D 267 -1.67 -12.86 31.84
CA GLY D 267 -1.17 -13.75 32.88
C GLY D 267 0.29 -14.15 32.72
N GLN D 268 0.91 -13.87 31.57
CA GLN D 268 2.34 -14.10 31.43
C GLN D 268 3.17 -13.02 32.11
N SER D 269 2.59 -11.86 32.40
CA SER D 269 3.31 -10.82 33.12
C SER D 269 3.55 -11.25 34.54
N SER D 270 4.79 -11.09 35.02
CA SER D 270 5.07 -11.38 36.43
C SER D 270 4.37 -10.37 37.34
N VAL D 271 4.11 -9.17 36.83
CA VAL D 271 3.40 -8.13 37.57
C VAL D 271 1.96 -8.55 37.84
N PHE D 272 1.34 -9.24 36.89
CA PHE D 272 -0.02 -9.73 37.12
C PHE D 272 -0.09 -10.67 38.33
N GLN D 273 1.02 -11.33 38.69
CA GLN D 273 1.01 -12.33 39.76
C GLN D 273 1.77 -11.93 41.02
N CYS D 274 2.77 -11.04 40.94
CA CYS D 274 3.67 -10.92 42.08
C CYS D 274 3.04 -10.17 43.26
N PHE D 275 2.09 -9.28 43.00
CA PHE D 275 1.50 -8.57 44.14
C PHE D 275 0.50 -9.42 44.89
N ASP D 276 -0.17 -10.35 44.19
CA ASP D 276 -0.98 -11.32 44.91
C ASP D 276 -0.11 -12.16 45.84
N VAL D 277 1.00 -12.68 45.33
CA VAL D 277 1.91 -13.47 46.17
C VAL D 277 2.43 -12.62 47.32
N LEU D 278 2.82 -11.37 47.04
CA LEU D 278 3.30 -10.48 48.08
C LEU D 278 2.28 -10.30 49.20
N LEU D 279 1.01 -10.11 48.83
CA LEU D 279 -0.04 -9.83 49.81
C LEU D 279 -0.64 -11.09 50.41
N GLY D 280 -0.06 -12.27 50.13
CA GLY D 280 -0.60 -13.50 50.69
C GLY D 280 -1.91 -13.92 50.07
N ILE D 281 -2.20 -13.46 48.86
CA ILE D 281 -3.39 -13.88 48.13
C ILE D 281 -3.00 -15.07 47.28
N GLN D 282 -3.63 -16.21 47.54
CA GLN D 282 -3.21 -17.46 46.90
C GLN D 282 -4.05 -17.67 45.64
N GLN D 283 -3.55 -17.14 44.52
CA GLN D 283 -4.26 -17.30 43.26
C GLN D 283 -3.96 -18.62 42.57
N THR D 284 -2.89 -19.30 42.97
CA THR D 284 -2.47 -20.55 42.32
C THR D 284 -2.74 -21.77 43.19
N ALA D 285 -3.51 -21.63 44.26
CA ALA D 285 -3.86 -22.75 45.12
C ALA D 285 -5.06 -23.49 44.56
N GLY D 286 -5.18 -24.76 44.95
CA GLY D 286 -6.21 -25.62 44.39
C GLY D 286 -5.86 -26.11 43.00
N GLY D 287 -6.83 -26.73 42.36
CA GLY D 287 -6.66 -27.23 41.01
C GLY D 287 -7.66 -26.64 40.04
N GLY D 288 -8.29 -25.52 40.45
CA GLY D 288 -9.21 -24.85 39.56
C GLY D 288 -8.52 -24.30 38.33
N HIS D 289 -9.31 -24.07 37.29
CA HIS D 289 -8.79 -23.59 36.01
C HIS D 289 -7.91 -22.36 36.18
N ALA D 290 -8.37 -21.38 36.96
CA ALA D 290 -7.63 -20.14 37.14
C ALA D 290 -6.25 -20.40 37.74
N ALA D 291 -6.20 -21.15 38.85
CA ALA D 291 -4.93 -21.46 39.48
C ALA D 291 -4.03 -22.25 38.53
N GLN D 292 -4.58 -23.21 37.80
CA GLN D 292 -3.74 -24.02 36.91
C GLN D 292 -3.20 -23.17 35.77
N PHE D 293 -4.01 -22.24 35.27
CA PHE D 293 -3.55 -21.35 34.21
C PHE D 293 -2.44 -20.42 34.70
N LEU D 294 -2.61 -19.83 35.89
CA LEU D 294 -1.57 -18.95 36.39
C LEU D 294 -0.28 -19.71 36.65
N GLN D 295 -0.41 -20.94 37.18
CA GLN D 295 0.78 -21.76 37.39
C GLN D 295 1.47 -22.08 36.06
N ASP D 296 0.68 -22.50 35.07
CA ASP D 296 1.25 -22.83 33.76
C ASP D 296 1.91 -21.61 33.13
N MET D 297 1.31 -20.43 33.29
CA MET D 297 1.92 -19.25 32.68
C MET D 297 3.28 -18.92 33.30
N ARG D 298 3.59 -19.39 34.52
CA ARG D 298 4.93 -19.12 35.03
C ARG D 298 6.00 -19.76 34.17
N ARG D 299 5.67 -20.88 33.50
CA ARG D 299 6.62 -21.52 32.60
C ARG D 299 6.93 -20.67 31.38
N TYR D 300 6.12 -19.64 31.12
CA TYR D 300 6.30 -18.75 29.98
C TYR D 300 7.01 -17.45 30.37
N MET D 301 7.40 -17.32 31.65
CA MET D 301 8.18 -16.21 32.15
C MET D 301 9.66 -16.57 32.17
N PRO D 302 10.53 -15.57 32.08
CA PRO D 302 11.97 -15.84 32.21
C PRO D 302 12.27 -16.58 33.49
N PRO D 303 13.23 -17.50 33.46
CA PRO D 303 13.45 -18.37 34.64
C PRO D 303 13.75 -17.59 35.92
N ALA D 304 14.50 -16.49 35.83
CA ALA D 304 14.80 -15.71 37.02
C ALA D 304 13.53 -15.08 37.62
N HIS D 305 12.58 -14.72 36.78
CA HIS D 305 11.34 -14.12 37.26
C HIS D 305 10.44 -15.17 37.88
N ARG D 306 10.39 -16.36 37.28
CA ARG D 306 9.77 -17.53 37.88
C ARG D 306 10.31 -17.75 39.30
N ASN D 307 11.63 -17.75 39.43
CA ASN D 307 12.26 -18.00 40.71
C ASN D 307 11.91 -16.92 41.72
N PHE D 308 11.87 -15.66 41.26
CA PHE D 308 11.48 -14.57 42.15
C PHE D 308 10.10 -14.82 42.75
N LEU D 309 9.15 -15.25 41.93
CA LEU D 309 7.82 -15.54 42.44
C LEU D 309 7.86 -16.67 43.46
N CYS D 310 8.64 -17.71 43.17
CA CYS D 310 8.77 -18.83 44.09
C CYS D 310 9.38 -18.39 45.42
N SER D 311 10.38 -17.51 45.36
CA SER D 311 10.99 -17.03 46.58
C SER D 311 10.02 -16.19 47.40
N LEU D 312 9.13 -15.44 46.74
CA LEU D 312 8.11 -14.71 47.48
C LEU D 312 7.14 -15.66 48.16
N GLU D 313 6.80 -16.76 47.50
CA GLU D 313 5.85 -17.71 48.06
C GLU D 313 6.38 -18.39 49.31
N SER D 314 7.69 -18.45 49.47
CA SER D 314 8.27 -19.16 50.61
C SER D 314 8.33 -18.29 51.87
N ASN D 315 7.97 -17.02 51.78
CA ASN D 315 7.99 -16.14 52.94
C ASN D 315 6.69 -16.24 53.73
N PRO D 316 6.68 -15.84 55.00
CA PRO D 316 5.44 -15.87 55.77
C PRO D 316 4.43 -14.85 55.25
N SER D 317 3.16 -15.11 55.55
CA SER D 317 2.06 -14.34 54.96
C SER D 317 2.00 -12.94 55.57
N VAL D 318 2.08 -11.93 54.68
CA VAL D 318 1.86 -10.55 55.10
C VAL D 318 0.46 -10.39 55.68
N ARG D 319 -0.53 -11.08 55.11
CA ARG D 319 -1.90 -10.96 55.60
C ARG D 319 -2.02 -11.49 57.02
N GLU D 320 -1.39 -12.65 57.28
CA GLU D 320 -1.40 -13.21 58.63
C GLU D 320 -0.65 -12.30 59.60
N PHE D 321 0.50 -11.79 59.17
CA PHE D 321 1.28 -10.87 60.00
C PHE D 321 0.44 -9.67 60.41
N VAL D 322 -0.17 -8.99 59.43
CA VAL D 322 -0.91 -7.77 59.73
C VAL D 322 -2.13 -8.08 60.59
N LEU D 323 -2.77 -9.24 60.38
CA LEU D 323 -3.94 -9.58 61.17
C LEU D 323 -3.58 -9.87 62.63
N SER D 324 -2.30 -10.13 62.91
CA SER D 324 -1.87 -10.61 64.22
C SER D 324 -1.38 -9.51 65.14
N LYS D 325 -1.23 -8.27 64.66
CA LYS D 325 -0.54 -7.25 65.44
C LYS D 325 -1.47 -6.22 66.08
N GLY D 326 -2.79 -6.37 65.92
CA GLY D 326 -3.72 -5.40 66.49
C GLY D 326 -3.39 -3.96 66.14
N ASP D 327 -3.01 -3.73 64.89
CA ASP D 327 -2.44 -2.47 64.44
C ASP D 327 -3.31 -1.96 63.28
N ALA D 328 -4.19 -1.00 63.56
CA ALA D 328 -5.13 -0.54 62.54
C ALA D 328 -4.43 0.17 61.39
N GLY D 329 -3.27 0.78 61.66
CA GLY D 329 -2.53 1.42 60.58
C GLY D 329 -2.00 0.42 59.56
N LEU D 330 -1.43 -0.68 60.05
CA LEU D 330 -0.98 -1.73 59.14
C LEU D 330 -2.15 -2.35 58.42
N ARG D 331 -3.26 -2.57 59.13
CA ARG D 331 -4.45 -3.16 58.52
C ARG D 331 -4.95 -2.30 57.37
N GLU D 332 -5.04 -0.98 57.58
CA GLU D 332 -5.54 -0.14 56.51
C GLU D 332 -4.55 -0.01 55.37
N ALA D 333 -3.25 0.04 55.66
CA ALA D 333 -2.27 0.02 54.57
C ALA D 333 -2.38 -1.28 53.77
N TYR D 334 -2.53 -2.42 54.45
CA TYR D 334 -2.70 -3.69 53.73
C TYR D 334 -3.97 -3.66 52.89
N ASP D 335 -5.08 -3.24 53.47
CA ASP D 335 -6.33 -3.22 52.71
C ASP D 335 -6.24 -2.23 51.55
N ALA D 336 -5.39 -1.20 51.65
CA ALA D 336 -5.23 -0.27 50.55
C ALA D 336 -4.57 -0.93 49.36
N CYS D 337 -3.62 -1.83 49.62
CA CYS D 337 -3.03 -2.62 48.54
C CYS D 337 -4.05 -3.54 47.91
N VAL D 338 -4.84 -4.22 48.74
CA VAL D 338 -5.82 -5.16 48.20
C VAL D 338 -6.88 -4.43 47.39
N LYS D 339 -7.38 -3.30 47.91
CA LYS D 339 -8.35 -2.50 47.19
C LYS D 339 -7.79 -2.03 45.85
N ALA D 340 -6.53 -1.64 45.83
CA ALA D 340 -5.91 -1.19 44.58
C ALA D 340 -5.79 -2.33 43.58
N LEU D 341 -5.45 -3.53 44.06
CA LEU D 341 -5.43 -4.71 43.20
C LEU D 341 -6.83 -5.01 42.66
N VAL D 342 -7.85 -4.95 43.52
CA VAL D 342 -9.21 -5.16 43.03
C VAL D 342 -9.53 -4.17 41.92
N SER D 343 -9.13 -2.90 42.11
CA SER D 343 -9.43 -1.88 41.12
C SER D 343 -8.75 -2.18 39.79
N LEU D 344 -7.52 -2.69 39.84
CA LEU D 344 -6.85 -3.10 38.61
C LEU D 344 -7.58 -4.25 37.93
N ARG D 345 -8.01 -5.26 38.69
CA ARG D 345 -8.75 -6.34 38.05
C ARG D 345 -10.05 -5.84 37.45
N SER D 346 -10.72 -4.91 38.14
CA SER D 346 -11.98 -4.38 37.60
C SER D 346 -11.75 -3.61 36.30
N TYR D 347 -10.66 -2.85 36.20
CA TYR D 347 -10.36 -2.15 34.96
C TYR D 347 -9.93 -3.13 33.87
N HIS D 348 -9.17 -4.16 34.26
CA HIS D 348 -8.82 -5.23 33.34
C HIS D 348 -10.06 -5.83 32.70
N LEU D 349 -11.11 -6.03 33.49
CA LEU D 349 -12.37 -6.53 32.95
C LEU D 349 -13.00 -5.52 31.98
N GLN D 350 -12.92 -4.23 32.29
CA GLN D 350 -13.39 -3.22 31.33
C GLN D 350 -12.65 -3.33 30.01
N ILE D 351 -11.33 -3.58 30.07
CA ILE D 351 -10.56 -3.70 28.84
C ILE D 351 -11.02 -4.93 28.06
N VAL D 352 -11.29 -6.05 28.75
CA VAL D 352 -11.76 -7.23 28.03
C VAL D 352 -13.09 -6.96 27.34
N THR D 353 -13.98 -6.24 28.00
CA THR D 353 -15.26 -5.90 27.38
C THR D 353 -15.05 -5.08 26.10
N LYS D 354 -14.26 -4.01 26.19
CA LYS D 354 -14.08 -3.11 25.05
C LYS D 354 -13.27 -3.76 23.93
N TYR D 355 -12.21 -4.48 24.28
CA TYR D 355 -11.26 -4.91 23.26
C TYR D 355 -11.52 -6.33 22.77
N ILE D 356 -12.34 -7.11 23.47
CA ILE D 356 -12.59 -8.47 23.02
C ILE D 356 -14.10 -8.74 22.90
N LEU D 357 -14.84 -8.52 23.98
CA LEU D 357 -16.26 -8.92 23.99
C LEU D 357 -17.05 -8.18 22.94
N ILE D 358 -16.92 -6.86 22.89
CA ILE D 358 -17.72 -6.05 21.98
C ILE D 358 -17.29 -6.32 20.53
N PRO D 359 -15.98 -6.34 20.20
CA PRO D 359 -15.62 -6.68 18.82
C PRO D 359 -16.08 -8.06 18.40
N ALA D 360 -16.01 -9.06 19.29
CA ALA D 360 -16.46 -10.40 18.94
C ALA D 360 -17.94 -10.42 18.60
N SER D 361 -18.74 -9.58 19.26
CA SER D 361 -20.16 -9.49 18.96
C SER D 361 -20.45 -8.66 17.72
N GLN D 362 -19.44 -8.19 17.00
CA GLN D 362 -19.63 -7.45 15.76
C GLN D 362 -18.97 -8.16 14.57
N ALA D 378 -9.20 -20.77 20.25
CA ALA D 378 -8.50 -21.61 21.21
C ALA D 378 -9.23 -21.65 22.55
N LYS D 379 -9.29 -22.83 23.17
CA LYS D 379 -9.98 -22.97 24.46
C LYS D 379 -9.40 -22.00 25.47
N GLY D 380 -10.28 -21.39 26.27
CA GLY D 380 -9.85 -20.50 27.33
C GLY D 380 -9.34 -19.14 26.88
N THR D 381 -9.32 -18.85 25.58
CA THR D 381 -9.01 -17.53 25.08
C THR D 381 -10.24 -16.78 24.55
N GLY D 382 -11.39 -17.45 24.45
CA GLY D 382 -12.61 -16.74 24.13
C GLY D 382 -12.87 -15.61 25.12
N GLY D 383 -13.59 -14.59 24.65
CA GLY D 383 -13.86 -13.44 25.51
C GLY D 383 -14.53 -13.84 26.80
N THR D 384 -15.48 -14.76 26.73
CA THR D 384 -16.21 -15.19 27.92
C THR D 384 -15.28 -15.88 28.91
N ASP D 385 -14.43 -16.79 28.41
CA ASP D 385 -13.46 -17.47 29.27
C ASP D 385 -12.60 -16.47 30.02
N LEU D 386 -12.04 -15.50 29.28
CA LEU D 386 -11.20 -14.48 29.88
C LEU D 386 -11.94 -13.72 30.97
N MET D 387 -13.18 -13.32 30.68
CA MET D 387 -13.97 -12.60 31.69
C MET D 387 -14.14 -13.46 32.94
N ASN D 388 -14.54 -14.72 32.75
CA ASN D 388 -14.73 -15.61 33.90
C ASN D 388 -13.43 -15.77 34.67
N PHE D 389 -12.30 -15.92 33.96
CA PHE D 389 -11.01 -16.05 34.61
C PHE D 389 -10.69 -14.82 35.44
N LEU D 390 -10.86 -13.63 34.86
CA LEU D 390 -10.56 -12.41 35.60
C LEU D 390 -11.55 -12.18 36.74
N LYS D 391 -12.82 -12.58 36.57
CA LYS D 391 -13.76 -12.46 37.68
C LYS D 391 -13.36 -13.37 38.83
N THR D 392 -12.88 -14.57 38.51
CA THR D 392 -12.37 -15.47 39.54
C THR D 392 -11.18 -14.84 40.26
N VAL D 393 -10.20 -14.35 39.49
CA VAL D 393 -9.03 -13.71 40.10
C VAL D 393 -9.46 -12.52 40.96
N ARG D 394 -10.44 -11.74 40.48
CA ARG D 394 -10.88 -10.59 41.27
C ARG D 394 -11.55 -11.03 42.56
N SER D 395 -12.47 -12.01 42.50
CA SER D 395 -13.14 -12.42 43.73
C SER D 395 -12.16 -13.03 44.72
N THR D 396 -11.13 -13.75 44.24
CA THR D 396 -10.09 -14.25 45.13
C THR D 396 -9.33 -13.10 45.79
N THR D 397 -9.11 -12.01 45.04
CA THR D 397 -8.48 -10.83 45.64
C THR D 397 -9.37 -10.22 46.73
N GLU D 398 -10.66 -10.06 46.43
CA GLU D 398 -11.57 -9.44 47.38
C GLU D 398 -11.68 -10.25 48.66
N LYS D 399 -11.58 -11.58 48.55
CA LYS D 399 -11.71 -12.41 49.74
C LYS D 399 -10.54 -12.25 50.70
N SER D 400 -9.48 -11.55 50.29
CA SER D 400 -8.36 -11.24 51.17
C SER D 400 -8.51 -9.91 51.89
N LEU D 401 -9.52 -9.11 51.56
CA LEU D 401 -9.82 -7.93 52.37
C LEU D 401 -9.96 -8.35 53.83
N LEU D 402 -9.46 -7.51 54.73
CA LEU D 402 -9.36 -7.94 56.13
C LEU D 402 -10.71 -8.10 56.81
N LYS D 403 -11.77 -7.48 56.27
CA LYS D 403 -13.10 -7.68 56.83
C LYS D 403 -13.60 -9.12 56.69
N GLU D 404 -12.97 -9.92 55.82
CA GLU D 404 -13.27 -11.34 55.70
C GLU D 404 -12.63 -12.17 56.80
N GLY D 405 -11.79 -11.55 57.63
CA GLY D 405 -11.19 -12.23 58.76
C GLY D 405 -9.98 -13.06 58.42
#